data_5QRJ
# 
_entry.id   5QRJ 
# 
_audit_conform.dict_name       mmcif_pdbx.dic 
_audit_conform.dict_version    5.387 
_audit_conform.dict_location   http://mmcif.pdb.org/dictionaries/ascii/mmcif_pdbx.dic 
# 
loop_
_database_2.database_id 
_database_2.database_code 
_database_2.pdbx_database_accession 
_database_2.pdbx_DOI 
PDB   5QRJ         pdb_00005qrj 10.2210/pdb5qrj/pdb 
WWPDB D_1001402316 ?            ?                   
# 
loop_
_pdbx_audit_revision_history.ordinal 
_pdbx_audit_revision_history.data_content_type 
_pdbx_audit_revision_history.major_revision 
_pdbx_audit_revision_history.minor_revision 
_pdbx_audit_revision_history.revision_date 
1 'Structure model' 1 0 2019-07-10 
2 'Structure model' 1 1 2019-08-07 
3 'Structure model' 1 2 2024-03-06 
# 
_pdbx_audit_revision_details.ordinal             1 
_pdbx_audit_revision_details.revision_ordinal    1 
_pdbx_audit_revision_details.data_content_type   'Structure model' 
_pdbx_audit_revision_details.provider            repository 
_pdbx_audit_revision_details.type                'Initial release' 
_pdbx_audit_revision_details.description         ? 
_pdbx_audit_revision_details.details             ? 
# 
loop_
_pdbx_audit_revision_group.ordinal 
_pdbx_audit_revision_group.revision_ordinal 
_pdbx_audit_revision_group.data_content_type 
_pdbx_audit_revision_group.group 
1 2 'Structure model' 'Author supporting evidence' 
2 2 'Structure model' 'Data collection'            
3 2 'Structure model' 'Structure summary'          
4 3 'Structure model' 'Data collection'            
5 3 'Structure model' 'Database references'        
6 3 'Structure model' 'Derived calculations'       
# 
loop_
_pdbx_audit_revision_category.ordinal 
_pdbx_audit_revision_category.revision_ordinal 
_pdbx_audit_revision_category.data_content_type 
_pdbx_audit_revision_category.category 
1 2 'Structure model' pdbx_entity_instance_feature 
2 2 'Structure model' pdbx_entry_details           
3 3 'Structure model' chem_comp_atom               
4 3 'Structure model' chem_comp_bond               
5 3 'Structure model' database_2                   
6 3 'Structure model' pdbx_struct_conn_angle       
7 3 'Structure model' struct_conn                  
# 
loop_
_pdbx_audit_revision_item.ordinal 
_pdbx_audit_revision_item.revision_ordinal 
_pdbx_audit_revision_item.data_content_type 
_pdbx_audit_revision_item.item 
1  3 'Structure model' '_database_2.pdbx_DOI'                        
2  3 'Structure model' '_database_2.pdbx_database_accession'         
3  3 'Structure model' '_pdbx_struct_conn_angle.ptnr1_auth_comp_id'  
4  3 'Structure model' '_pdbx_struct_conn_angle.ptnr1_auth_seq_id'   
5  3 'Structure model' '_pdbx_struct_conn_angle.ptnr1_label_alt_id'  
6  3 'Structure model' '_pdbx_struct_conn_angle.ptnr1_label_asym_id' 
7  3 'Structure model' '_pdbx_struct_conn_angle.ptnr1_label_atom_id' 
8  3 'Structure model' '_pdbx_struct_conn_angle.ptnr1_label_comp_id' 
9  3 'Structure model' '_pdbx_struct_conn_angle.ptnr1_label_seq_id'  
10 3 'Structure model' '_pdbx_struct_conn_angle.ptnr1_symmetry'      
11 3 'Structure model' '_pdbx_struct_conn_angle.ptnr2_auth_seq_id'   
12 3 'Structure model' '_pdbx_struct_conn_angle.ptnr2_label_asym_id' 
13 3 'Structure model' '_pdbx_struct_conn_angle.ptnr3_auth_comp_id'  
14 3 'Structure model' '_pdbx_struct_conn_angle.ptnr3_auth_seq_id'   
15 3 'Structure model' '_pdbx_struct_conn_angle.ptnr3_label_alt_id'  
16 3 'Structure model' '_pdbx_struct_conn_angle.ptnr3_label_asym_id' 
17 3 'Structure model' '_pdbx_struct_conn_angle.ptnr3_label_atom_id' 
18 3 'Structure model' '_pdbx_struct_conn_angle.ptnr3_label_comp_id' 
19 3 'Structure model' '_pdbx_struct_conn_angle.ptnr3_label_seq_id'  
20 3 'Structure model' '_pdbx_struct_conn_angle.ptnr3_symmetry'      
21 3 'Structure model' '_pdbx_struct_conn_angle.value'               
22 3 'Structure model' '_struct_conn.pdbx_dist_value'                
23 3 'Structure model' '_struct_conn.pdbx_ptnr1_label_alt_id'        
24 3 'Structure model' '_struct_conn.ptnr1_auth_comp_id'             
25 3 'Structure model' '_struct_conn.ptnr1_auth_seq_id'              
26 3 'Structure model' '_struct_conn.ptnr1_label_asym_id'            
27 3 'Structure model' '_struct_conn.ptnr1_label_atom_id'            
28 3 'Structure model' '_struct_conn.ptnr1_label_comp_id'            
29 3 'Structure model' '_struct_conn.ptnr1_label_seq_id'             
30 3 'Structure model' '_struct_conn.ptnr2_auth_comp_id'             
31 3 'Structure model' '_struct_conn.ptnr2_auth_seq_id'              
32 3 'Structure model' '_struct_conn.ptnr2_label_asym_id'            
33 3 'Structure model' '_struct_conn.ptnr2_label_atom_id'            
34 3 'Structure model' '_struct_conn.ptnr2_label_comp_id'            
35 3 'Structure model' '_struct_conn.ptnr2_symmetry'                 
# 
_pdbx_database_status.entry_id                        5QRJ 
_pdbx_database_status.status_code                     REL 
_pdbx_database_status.status_code_sf                  REL 
_pdbx_database_status.status_code_mr                  ? 
_pdbx_database_status.status_code_cs                  ? 
_pdbx_database_status.recvd_initial_deposition_date   2019-05-25 
_pdbx_database_status.deposit_site                    RCSB 
_pdbx_database_status.process_site                    RCSB 
_pdbx_database_status.SG_entry                        ? 
_pdbx_database_status.pdb_format_compatible           Y 
_pdbx_database_status.methods_development_category    ? 
_pdbx_database_status.status_code_nmr_data            ? 
# 
loop_
_audit_author.name 
_audit_author.pdbx_ordinal 
'Newman, J.A.'        1  
'Gavard, A.E.'        2  
'Fernandez-Cid, A.'   3  
'Sherestha, L.'       4  
'Burgess-Brown, N.A.' 5  
'von Delft, F.'       6  
'Arrowsmith, C.H.'    7  
'Edwards, A.'         8  
'Bountra, C.'         9  
'Gileadi, O.'         10 
# 
_citation.id                        primary 
_citation.title                     'PanDDA analysis group deposition' 
_citation.journal_abbrev            'To Be Published' 
_citation.journal_volume            ? 
_citation.page_first                ? 
_citation.page_last                 ? 
_citation.year                      ? 
_citation.journal_id_ASTM           ? 
_citation.country                   ? 
_citation.journal_id_ISSN           ? 
_citation.journal_id_CSD            0353 
_citation.book_publisher            ? 
_citation.pdbx_database_id_PubMed   ? 
_citation.pdbx_database_id_DOI      ? 
# 
loop_
_citation_author.citation_id 
_citation_author.name 
_citation_author.identifier_ORCID 
_citation_author.ordinal 
primary 'Newman, J.A.'        ? 1  
primary 'Gavard, A.E.'        ? 2  
primary 'Fernandez-Cid, A.'   ? 3  
primary 'Sherestha, L.'       ? 4  
primary 'Burgess-Brown, N.A.' ? 5  
primary 'von Delft, F.'       ? 6  
primary 'Arrowsmith, C.H.'    ? 7  
primary 'Edwards, A.'         ? 8  
primary 'Bountra, C.'         ? 9  
primary 'Gileadi, O.'         ? 10 
# 
loop_
_entity.id 
_entity.type 
_entity.src_method 
_entity.pdbx_description 
_entity.formula_weight 
_entity.pdbx_number_of_molecules 
_entity.pdbx_ec 
_entity.pdbx_mutation 
_entity.pdbx_fragment 
_entity.details 
1 polymer     man 'T-box transcription factor T'                              19597.586 1  ? ? ? ? 
2 non-polymer syn 'CADMIUM ION'                                               112.411   5  ? ? ? ? 
3 non-polymer syn '(2R)-N,2-dimethyl-N-(propan-2-yl)morpholine-4-sulfonamide' 236.332   1  ? ? ? ? 
4 water       nat water                                                       18.015    74 ? ? ? ? 
# 
_entity_name_com.entity_id   1 
_entity_name_com.name        'Brachyury protein,Protein T' 
# 
_entity_poly.entity_id                      1 
_entity_poly.type                           'polypeptide(L)' 
_entity_poly.nstd_linkage                   no 
_entity_poly.nstd_monomer                   no 
_entity_poly.pdbx_seq_one_letter_code       
;GELRVGLEESELWLRFKELTNEMIVTKNGRRMFPVLKVNVSGLDPNAMYSFLLDFVAADNHRWKYVNGEWVPGGKPEPQA
PSCVYIHPDSPNFGAHWMKAPVSFSKVKLTNKLNGGGQIMLNSLHKYEPRIHIVRVGGPQRMITSHCFPETQFIAVTAYQ
NEEITALKIKYN
;
_entity_poly.pdbx_seq_one_letter_code_can   
;GELRVGLEESELWLRFKELTNEMIVTKNGRRMFPVLKVNVSGLDPNAMYSFLLDFVAADNHRWKYVNGEWVPGGKPEPQA
PSCVYIHPDSPNFGAHWMKAPVSFSKVKLTNKLNGGGQIMLNSLHKYEPRIHIVRVGGPQRMITSHCFPETQFIAVTAYQ
NEEITALKIKYN
;
_entity_poly.pdbx_strand_id                 A 
_entity_poly.pdbx_target_identifier         ? 
# 
loop_
_pdbx_entity_nonpoly.entity_id 
_pdbx_entity_nonpoly.name 
_pdbx_entity_nonpoly.comp_id 
2 'CADMIUM ION'                                               CD  
3 '(2R)-N,2-dimethyl-N-(propan-2-yl)morpholine-4-sulfonamide' NWP 
4 water                                                       HOH 
# 
loop_
_entity_poly_seq.entity_id 
_entity_poly_seq.num 
_entity_poly_seq.mon_id 
_entity_poly_seq.hetero 
1 1   GLY n 
1 2   GLU n 
1 3   LEU n 
1 4   ARG n 
1 5   VAL n 
1 6   GLY n 
1 7   LEU n 
1 8   GLU n 
1 9   GLU n 
1 10  SER n 
1 11  GLU n 
1 12  LEU n 
1 13  TRP n 
1 14  LEU n 
1 15  ARG n 
1 16  PHE n 
1 17  LYS n 
1 18  GLU n 
1 19  LEU n 
1 20  THR n 
1 21  ASN n 
1 22  GLU n 
1 23  MET n 
1 24  ILE n 
1 25  VAL n 
1 26  THR n 
1 27  LYS n 
1 28  ASN n 
1 29  GLY n 
1 30  ARG n 
1 31  ARG n 
1 32  MET n 
1 33  PHE n 
1 34  PRO n 
1 35  VAL n 
1 36  LEU n 
1 37  LYS n 
1 38  VAL n 
1 39  ASN n 
1 40  VAL n 
1 41  SER n 
1 42  GLY n 
1 43  LEU n 
1 44  ASP n 
1 45  PRO n 
1 46  ASN n 
1 47  ALA n 
1 48  MET n 
1 49  TYR n 
1 50  SER n 
1 51  PHE n 
1 52  LEU n 
1 53  LEU n 
1 54  ASP n 
1 55  PHE n 
1 56  VAL n 
1 57  ALA n 
1 58  ALA n 
1 59  ASP n 
1 60  ASN n 
1 61  HIS n 
1 62  ARG n 
1 63  TRP n 
1 64  LYS n 
1 65  TYR n 
1 66  VAL n 
1 67  ASN n 
1 68  GLY n 
1 69  GLU n 
1 70  TRP n 
1 71  VAL n 
1 72  PRO n 
1 73  GLY n 
1 74  GLY n 
1 75  LYS n 
1 76  PRO n 
1 77  GLU n 
1 78  PRO n 
1 79  GLN n 
1 80  ALA n 
1 81  PRO n 
1 82  SER n 
1 83  CYS n 
1 84  VAL n 
1 85  TYR n 
1 86  ILE n 
1 87  HIS n 
1 88  PRO n 
1 89  ASP n 
1 90  SER n 
1 91  PRO n 
1 92  ASN n 
1 93  PHE n 
1 94  GLY n 
1 95  ALA n 
1 96  HIS n 
1 97  TRP n 
1 98  MET n 
1 99  LYS n 
1 100 ALA n 
1 101 PRO n 
1 102 VAL n 
1 103 SER n 
1 104 PHE n 
1 105 SER n 
1 106 LYS n 
1 107 VAL n 
1 108 LYS n 
1 109 LEU n 
1 110 THR n 
1 111 ASN n 
1 112 LYS n 
1 113 LEU n 
1 114 ASN n 
1 115 GLY n 
1 116 GLY n 
1 117 GLY n 
1 118 GLN n 
1 119 ILE n 
1 120 MET n 
1 121 LEU n 
1 122 ASN n 
1 123 SER n 
1 124 LEU n 
1 125 HIS n 
1 126 LYS n 
1 127 TYR n 
1 128 GLU n 
1 129 PRO n 
1 130 ARG n 
1 131 ILE n 
1 132 HIS n 
1 133 ILE n 
1 134 VAL n 
1 135 ARG n 
1 136 VAL n 
1 137 GLY n 
1 138 GLY n 
1 139 PRO n 
1 140 GLN n 
1 141 ARG n 
1 142 MET n 
1 143 ILE n 
1 144 THR n 
1 145 SER n 
1 146 HIS n 
1 147 CYS n 
1 148 PHE n 
1 149 PRO n 
1 150 GLU n 
1 151 THR n 
1 152 GLN n 
1 153 PHE n 
1 154 ILE n 
1 155 ALA n 
1 156 VAL n 
1 157 THR n 
1 158 ALA n 
1 159 TYR n 
1 160 GLN n 
1 161 ASN n 
1 162 GLU n 
1 163 GLU n 
1 164 ILE n 
1 165 THR n 
1 166 ALA n 
1 167 LEU n 
1 168 LYS n 
1 169 ILE n 
1 170 LYS n 
1 171 TYR n 
1 172 ASN n 
# 
_entity_src_gen.entity_id                          1 
_entity_src_gen.pdbx_src_id                        1 
_entity_src_gen.pdbx_alt_source_flag               sample 
_entity_src_gen.pdbx_seq_type                      'Biological sequence' 
_entity_src_gen.pdbx_beg_seq_num                   1 
_entity_src_gen.pdbx_end_seq_num                   172 
_entity_src_gen.gene_src_common_name               Human 
_entity_src_gen.gene_src_genus                     ? 
_entity_src_gen.pdbx_gene_src_gene                 'TBXT, T' 
_entity_src_gen.gene_src_species                   ? 
_entity_src_gen.gene_src_strain                    ? 
_entity_src_gen.gene_src_tissue                    ? 
_entity_src_gen.gene_src_tissue_fraction           ? 
_entity_src_gen.gene_src_details                   ? 
_entity_src_gen.pdbx_gene_src_fragment             ? 
_entity_src_gen.pdbx_gene_src_scientific_name      'Homo sapiens' 
_entity_src_gen.pdbx_gene_src_ncbi_taxonomy_id     9606 
_entity_src_gen.pdbx_gene_src_variant              ? 
_entity_src_gen.pdbx_gene_src_cell_line            ? 
_entity_src_gen.pdbx_gene_src_atcc                 ? 
_entity_src_gen.pdbx_gene_src_organ                ? 
_entity_src_gen.pdbx_gene_src_organelle            ? 
_entity_src_gen.pdbx_gene_src_cell                 ? 
_entity_src_gen.pdbx_gene_src_cellular_location    ? 
_entity_src_gen.host_org_common_name               ? 
_entity_src_gen.pdbx_host_org_scientific_name      'Escherichia coli' 
_entity_src_gen.pdbx_host_org_ncbi_taxonomy_id     562 
_entity_src_gen.host_org_genus                     ? 
_entity_src_gen.pdbx_host_org_gene                 ? 
_entity_src_gen.pdbx_host_org_organ                ? 
_entity_src_gen.host_org_species                   ? 
_entity_src_gen.pdbx_host_org_tissue               ? 
_entity_src_gen.pdbx_host_org_tissue_fraction      ? 
_entity_src_gen.pdbx_host_org_strain               ? 
_entity_src_gen.pdbx_host_org_variant              ? 
_entity_src_gen.pdbx_host_org_cell_line            ? 
_entity_src_gen.pdbx_host_org_atcc                 ? 
_entity_src_gen.pdbx_host_org_culture_collection   ? 
_entity_src_gen.pdbx_host_org_cell                 ? 
_entity_src_gen.pdbx_host_org_organelle            ? 
_entity_src_gen.pdbx_host_org_cellular_location    ? 
_entity_src_gen.pdbx_host_org_vector_type          ? 
_entity_src_gen.pdbx_host_org_vector               ? 
_entity_src_gen.host_org_details                   ? 
_entity_src_gen.expression_system_id               ? 
_entity_src_gen.plasmid_name                       ? 
_entity_src_gen.plasmid_details                    ? 
_entity_src_gen.pdbx_description                   ? 
# 
loop_
_chem_comp.id 
_chem_comp.type 
_chem_comp.mon_nstd_flag 
_chem_comp.name 
_chem_comp.pdbx_synonyms 
_chem_comp.formula 
_chem_comp.formula_weight 
ALA 'L-peptide linking' y ALANINE                                                     ? 'C3 H7 N O2'     89.093  
ARG 'L-peptide linking' y ARGININE                                                    ? 'C6 H15 N4 O2 1' 175.209 
ASN 'L-peptide linking' y ASPARAGINE                                                  ? 'C4 H8 N2 O3'    132.118 
ASP 'L-peptide linking' y 'ASPARTIC ACID'                                             ? 'C4 H7 N O4'     133.103 
CD  non-polymer         . 'CADMIUM ION'                                               ? 'Cd 2'           112.411 
CYS 'L-peptide linking' y CYSTEINE                                                    ? 'C3 H7 N O2 S'   121.158 
GLN 'L-peptide linking' y GLUTAMINE                                                   ? 'C5 H10 N2 O3'   146.144 
GLU 'L-peptide linking' y 'GLUTAMIC ACID'                                             ? 'C5 H9 N O4'     147.129 
GLY 'peptide linking'   y GLYCINE                                                     ? 'C2 H5 N O2'     75.067  
HIS 'L-peptide linking' y HISTIDINE                                                   ? 'C6 H10 N3 O2 1' 156.162 
HOH non-polymer         . WATER                                                       ? 'H2 O'           18.015  
ILE 'L-peptide linking' y ISOLEUCINE                                                  ? 'C6 H13 N O2'    131.173 
LEU 'L-peptide linking' y LEUCINE                                                     ? 'C6 H13 N O2'    131.173 
LYS 'L-peptide linking' y LYSINE                                                      ? 'C6 H15 N2 O2 1' 147.195 
MET 'L-peptide linking' y METHIONINE                                                  ? 'C5 H11 N O2 S'  149.211 
NWP non-polymer         . '(2R)-N,2-dimethyl-N-(propan-2-yl)morpholine-4-sulfonamide' ? 'C9 H20 N2 O3 S' 236.332 
PHE 'L-peptide linking' y PHENYLALANINE                                               ? 'C9 H11 N O2'    165.189 
PRO 'L-peptide linking' y PROLINE                                                     ? 'C5 H9 N O2'     115.130 
SER 'L-peptide linking' y SERINE                                                      ? 'C3 H7 N O3'     105.093 
THR 'L-peptide linking' y THREONINE                                                   ? 'C4 H9 N O3'     119.119 
TRP 'L-peptide linking' y TRYPTOPHAN                                                  ? 'C11 H12 N2 O2'  204.225 
TYR 'L-peptide linking' y TYROSINE                                                    ? 'C9 H11 N O3'    181.189 
VAL 'L-peptide linking' y VALINE                                                      ? 'C5 H11 N O2'    117.146 
# 
loop_
_pdbx_poly_seq_scheme.asym_id 
_pdbx_poly_seq_scheme.entity_id 
_pdbx_poly_seq_scheme.seq_id 
_pdbx_poly_seq_scheme.mon_id 
_pdbx_poly_seq_scheme.ndb_seq_num 
_pdbx_poly_seq_scheme.pdb_seq_num 
_pdbx_poly_seq_scheme.auth_seq_num 
_pdbx_poly_seq_scheme.pdb_mon_id 
_pdbx_poly_seq_scheme.auth_mon_id 
_pdbx_poly_seq_scheme.pdb_strand_id 
_pdbx_poly_seq_scheme.pdb_ins_code 
_pdbx_poly_seq_scheme.hetero 
A 1 1   GLY 1   40  ?   ?   ?   A . n 
A 1 2   GLU 2   41  41  GLU GLU A . n 
A 1 3   LEU 3   42  42  LEU LEU A . n 
A 1 4   ARG 4   43  43  ARG ARG A . n 
A 1 5   VAL 5   44  44  VAL VAL A . n 
A 1 6   GLY 6   45  45  GLY GLY A . n 
A 1 7   LEU 7   46  46  LEU LEU A . n 
A 1 8   GLU 8   47  47  GLU GLU A . n 
A 1 9   GLU 9   48  48  GLU GLU A . n 
A 1 10  SER 10  49  49  SER SER A . n 
A 1 11  GLU 11  50  50  GLU GLU A . n 
A 1 12  LEU 12  51  51  LEU LEU A . n 
A 1 13  TRP 13  52  52  TRP TRP A . n 
A 1 14  LEU 14  53  53  LEU LEU A . n 
A 1 15  ARG 15  54  54  ARG ARG A . n 
A 1 16  PHE 16  55  55  PHE PHE A . n 
A 1 17  LYS 17  56  56  LYS LYS A . n 
A 1 18  GLU 18  57  57  GLU GLU A . n 
A 1 19  LEU 19  58  58  LEU LEU A . n 
A 1 20  THR 20  59  59  THR THR A . n 
A 1 21  ASN 21  60  60  ASN ASN A . n 
A 1 22  GLU 22  61  61  GLU GLU A . n 
A 1 23  MET 23  62  62  MET MET A . n 
A 1 24  ILE 24  63  63  ILE ILE A . n 
A 1 25  VAL 25  64  64  VAL VAL A . n 
A 1 26  THR 26  65  65  THR THR A . n 
A 1 27  LYS 27  66  66  LYS LYS A . n 
A 1 28  ASN 28  67  67  ASN ASN A . n 
A 1 29  GLY 29  68  68  GLY GLY A . n 
A 1 30  ARG 30  69  69  ARG ARG A . n 
A 1 31  ARG 31  70  70  ARG ARG A . n 
A 1 32  MET 32  71  71  MET MET A . n 
A 1 33  PHE 33  72  72  PHE PHE A . n 
A 1 34  PRO 34  73  73  PRO PRO A . n 
A 1 35  VAL 35  74  74  VAL VAL A . n 
A 1 36  LEU 36  75  75  LEU LEU A . n 
A 1 37  LYS 37  76  76  LYS LYS A . n 
A 1 38  VAL 38  77  77  VAL VAL A . n 
A 1 39  ASN 39  78  78  ASN ASN A . n 
A 1 40  VAL 40  79  79  VAL VAL A . n 
A 1 41  SER 41  80  80  SER SER A . n 
A 1 42  GLY 42  81  81  GLY GLY A . n 
A 1 43  LEU 43  82  82  LEU LEU A . n 
A 1 44  ASP 44  83  83  ASP ASP A . n 
A 1 45  PRO 45  84  84  PRO PRO A . n 
A 1 46  ASN 46  85  85  ASN ASN A . n 
A 1 47  ALA 47  86  86  ALA ALA A . n 
A 1 48  MET 48  87  87  MET MET A . n 
A 1 49  TYR 49  88  88  TYR TYR A . n 
A 1 50  SER 50  89  89  SER SER A . n 
A 1 51  PHE 51  90  90  PHE PHE A . n 
A 1 52  LEU 52  91  91  LEU LEU A . n 
A 1 53  LEU 53  92  92  LEU LEU A . n 
A 1 54  ASP 54  93  93  ASP ASP A . n 
A 1 55  PHE 55  94  94  PHE PHE A . n 
A 1 56  VAL 56  95  95  VAL VAL A . n 
A 1 57  ALA 57  96  96  ALA ALA A . n 
A 1 58  ALA 58  97  97  ALA ALA A . n 
A 1 59  ASP 59  98  98  ASP ASP A . n 
A 1 60  ASN 60  99  99  ASN ASN A . n 
A 1 61  HIS 61  100 100 HIS HIS A . n 
A 1 62  ARG 62  101 101 ARG ARG A . n 
A 1 63  TRP 63  102 102 TRP TRP A . n 
A 1 64  LYS 64  103 103 LYS LYS A . n 
A 1 65  TYR 65  104 104 TYR TYR A . n 
A 1 66  VAL 66  105 105 VAL VAL A . n 
A 1 67  ASN 67  106 106 ASN ASN A . n 
A 1 68  GLY 68  107 107 GLY GLY A . n 
A 1 69  GLU 69  108 108 GLU GLU A . n 
A 1 70  TRP 70  109 109 TRP TRP A . n 
A 1 71  VAL 71  110 110 VAL VAL A . n 
A 1 72  PRO 72  111 111 PRO PRO A . n 
A 1 73  GLY 73  112 112 GLY GLY A . n 
A 1 74  GLY 74  113 113 GLY GLY A . n 
A 1 75  LYS 75  114 114 LYS LYS A . n 
A 1 76  PRO 76  115 115 PRO PRO A . n 
A 1 77  GLU 77  116 116 GLU GLU A . n 
A 1 78  PRO 78  117 117 PRO PRO A . n 
A 1 79  GLN 79  118 118 GLN GLN A . n 
A 1 80  ALA 80  119 119 ALA ALA A . n 
A 1 81  PRO 81  120 120 PRO PRO A . n 
A 1 82  SER 82  121 121 SER SER A . n 
A 1 83  CYS 83  122 122 CYS CYS A . n 
A 1 84  VAL 84  123 123 VAL VAL A . n 
A 1 85  TYR 85  124 124 TYR TYR A . n 
A 1 86  ILE 86  125 125 ILE ILE A . n 
A 1 87  HIS 87  126 126 HIS HIS A . n 
A 1 88  PRO 88  127 127 PRO PRO A . n 
A 1 89  ASP 89  128 128 ASP ASP A . n 
A 1 90  SER 90  129 129 SER SER A . n 
A 1 91  PRO 91  130 130 PRO PRO A . n 
A 1 92  ASN 92  131 131 ASN ASN A . n 
A 1 93  PHE 93  132 132 PHE PHE A . n 
A 1 94  GLY 94  133 133 GLY GLY A . n 
A 1 95  ALA 95  134 134 ALA ALA A . n 
A 1 96  HIS 96  135 135 HIS HIS A . n 
A 1 97  TRP 97  136 136 TRP TRP A . n 
A 1 98  MET 98  137 137 MET MET A . n 
A 1 99  LYS 99  138 138 LYS LYS A . n 
A 1 100 ALA 100 139 139 ALA ALA A . n 
A 1 101 PRO 101 140 140 PRO PRO A . n 
A 1 102 VAL 102 141 141 VAL VAL A . n 
A 1 103 SER 103 142 142 SER SER A . n 
A 1 104 PHE 104 143 143 PHE PHE A . n 
A 1 105 SER 105 144 144 SER SER A . n 
A 1 106 LYS 106 145 145 LYS LYS A . n 
A 1 107 VAL 107 146 146 VAL VAL A . n 
A 1 108 LYS 108 147 147 LYS LYS A . n 
A 1 109 LEU 109 148 148 LEU LEU A . n 
A 1 110 THR 110 149 149 THR THR A . n 
A 1 111 ASN 111 150 150 ASN ASN A . n 
A 1 112 LYS 112 151 151 LYS LYS A . n 
A 1 113 LEU 113 152 152 LEU LEU A . n 
A 1 114 ASN 114 153 153 ASN ASN A . n 
A 1 115 GLY 115 154 154 GLY GLY A . n 
A 1 116 GLY 116 155 155 GLY GLY A . n 
A 1 117 GLY 117 156 156 GLY GLY A . n 
A 1 118 GLN 118 157 157 GLN GLN A . n 
A 1 119 ILE 119 158 158 ILE ILE A . n 
A 1 120 MET 120 159 159 MET MET A . n 
A 1 121 LEU 121 160 160 LEU LEU A . n 
A 1 122 ASN 122 161 161 ASN ASN A . n 
A 1 123 SER 123 162 162 SER SER A . n 
A 1 124 LEU 124 163 163 LEU LEU A . n 
A 1 125 HIS 125 164 164 HIS HIS A . n 
A 1 126 LYS 126 165 165 LYS LYS A . n 
A 1 127 TYR 127 166 166 TYR TYR A . n 
A 1 128 GLU 128 167 167 GLU GLU A . n 
A 1 129 PRO 129 168 168 PRO PRO A . n 
A 1 130 ARG 130 169 169 ARG ARG A . n 
A 1 131 ILE 131 170 170 ILE ILE A . n 
A 1 132 HIS 132 171 171 HIS HIS A . n 
A 1 133 ILE 133 172 172 ILE ILE A . n 
A 1 134 VAL 134 173 173 VAL VAL A . n 
A 1 135 ARG 135 174 174 ARG ARG A . n 
A 1 136 VAL 136 175 175 VAL VAL A . n 
A 1 137 GLY 137 176 176 GLY GLY A . n 
A 1 138 GLY 138 177 177 GLY GLY A . n 
A 1 139 PRO 139 178 178 PRO PRO A . n 
A 1 140 GLN 140 179 179 GLN GLN A . n 
A 1 141 ARG 141 180 180 ARG ARG A . n 
A 1 142 MET 142 181 181 MET MET A . n 
A 1 143 ILE 143 182 182 ILE ILE A . n 
A 1 144 THR 144 183 183 THR THR A . n 
A 1 145 SER 145 184 184 SER SER A . n 
A 1 146 HIS 146 185 185 HIS HIS A . n 
A 1 147 CYS 147 186 186 CYS CYS A . n 
A 1 148 PHE 148 187 187 PHE PHE A . n 
A 1 149 PRO 149 188 188 PRO PRO A . n 
A 1 150 GLU 150 189 189 GLU GLU A . n 
A 1 151 THR 151 190 190 THR THR A . n 
A 1 152 GLN 152 191 191 GLN GLN A . n 
A 1 153 PHE 153 192 192 PHE PHE A . n 
A 1 154 ILE 154 193 193 ILE ILE A . n 
A 1 155 ALA 155 194 194 ALA ALA A . n 
A 1 156 VAL 156 195 195 VAL VAL A . n 
A 1 157 THR 157 196 196 THR THR A . n 
A 1 158 ALA 158 197 197 ALA ALA A . n 
A 1 159 TYR 159 198 198 TYR TYR A . n 
A 1 160 GLN 160 199 199 GLN GLN A . n 
A 1 161 ASN 161 200 200 ASN ASN A . n 
A 1 162 GLU 162 201 201 GLU GLU A . n 
A 1 163 GLU 163 202 202 GLU GLU A . n 
A 1 164 ILE 164 203 203 ILE ILE A . n 
A 1 165 THR 165 204 204 THR THR A . n 
A 1 166 ALA 166 205 205 ALA ALA A . n 
A 1 167 LEU 167 206 206 LEU LEU A . n 
A 1 168 LYS 168 207 207 LYS LYS A . n 
A 1 169 ILE 169 208 208 ILE ILE A . n 
A 1 170 LYS 170 209 209 LYS LYS A . n 
A 1 171 TYR 171 210 210 TYR TYR A . n 
A 1 172 ASN 172 211 211 ASN ASN A . n 
# 
loop_
_pdbx_nonpoly_scheme.asym_id 
_pdbx_nonpoly_scheme.entity_id 
_pdbx_nonpoly_scheme.mon_id 
_pdbx_nonpoly_scheme.ndb_seq_num 
_pdbx_nonpoly_scheme.pdb_seq_num 
_pdbx_nonpoly_scheme.auth_seq_num 
_pdbx_nonpoly_scheme.pdb_mon_id 
_pdbx_nonpoly_scheme.auth_mon_id 
_pdbx_nonpoly_scheme.pdb_strand_id 
_pdbx_nonpoly_scheme.pdb_ins_code 
B 2 CD  1  301 1  CD  CD  A . 
C 2 CD  1  302 2  CD  CD  A . 
D 2 CD  1  303 3  CD  CD  A . 
E 2 CD  1  304 4  CD  CD  A . 
F 2 CD  1  305 5  CD  CD  A . 
G 3 NWP 1  306 1  NWP LIG A . 
H 4 HOH 1  401 48 HOH HOH A . 
H 4 HOH 2  402 53 HOH HOH A . 
H 4 HOH 3  403 79 HOH HOH A . 
H 4 HOH 4  404 68 HOH HOH A . 
H 4 HOH 5  405 24 HOH HOH A . 
H 4 HOH 6  406 54 HOH HOH A . 
H 4 HOH 7  407 55 HOH HOH A . 
H 4 HOH 8  408 45 HOH HOH A . 
H 4 HOH 9  409 61 HOH HOH A . 
H 4 HOH 10 410 76 HOH HOH A . 
H 4 HOH 11 411 75 HOH HOH A . 
H 4 HOH 12 412 58 HOH HOH A . 
H 4 HOH 13 413 70 HOH HOH A . 
H 4 HOH 14 414 71 HOH HOH A . 
H 4 HOH 15 415 44 HOH HOH A . 
H 4 HOH 16 416 42 HOH HOH A . 
H 4 HOH 17 417 52 HOH HOH A . 
H 4 HOH 18 418 41 HOH HOH A . 
H 4 HOH 19 419 51 HOH HOH A . 
H 4 HOH 20 420 14 HOH HOH A . 
H 4 HOH 21 421 16 HOH HOH A . 
H 4 HOH 22 422 56 HOH HOH A . 
H 4 HOH 23 423 30 HOH HOH A . 
H 4 HOH 24 424 50 HOH HOH A . 
H 4 HOH 25 425 49 HOH HOH A . 
H 4 HOH 26 426 21 HOH HOH A . 
H 4 HOH 27 427 4  HOH HOH A . 
H 4 HOH 28 428 31 HOH HOH A . 
H 4 HOH 29 429 60 HOH HOH A . 
H 4 HOH 30 430 32 HOH HOH A . 
H 4 HOH 31 431 10 HOH HOH A . 
H 4 HOH 32 432 47 HOH HOH A . 
H 4 HOH 33 433 69 HOH HOH A . 
H 4 HOH 34 434 67 HOH HOH A . 
H 4 HOH 35 435 17 HOH HOH A . 
H 4 HOH 36 436 52 HOH HOH A . 
H 4 HOH 37 437 73 HOH HOH A . 
H 4 HOH 38 438 6  HOH HOH A . 
H 4 HOH 39 439 45 HOH HOH A . 
H 4 HOH 40 440 33 HOH HOH A . 
H 4 HOH 41 441 1  HOH HOH A . 
H 4 HOH 42 442 63 HOH HOH A . 
H 4 HOH 43 443 8  HOH HOH A . 
H 4 HOH 44 444 8  HOH HOH A . 
H 4 HOH 45 445 23 HOH HOH A . 
H 4 HOH 46 446 57 HOH HOH A . 
H 4 HOH 47 447 14 HOH HOH A . 
H 4 HOH 48 448 18 HOH HOH A . 
H 4 HOH 49 449 2  HOH HOH A . 
H 4 HOH 50 450 66 HOH HOH A . 
H 4 HOH 51 451 28 HOH HOH A . 
H 4 HOH 52 452 12 HOH HOH A . 
H 4 HOH 53 453 64 HOH HOH A . 
H 4 HOH 54 454 11 HOH HOH A . 
H 4 HOH 55 455 46 HOH HOH A . 
H 4 HOH 56 456 4  HOH HOH A . 
H 4 HOH 57 457 15 HOH HOH A . 
H 4 HOH 58 458 77 HOH HOH A . 
H 4 HOH 59 459 65 HOH HOH A . 
H 4 HOH 60 460 6  HOH HOH A . 
H 4 HOH 61 461 3  HOH HOH A . 
H 4 HOH 62 462 1  HOH HOH A . 
H 4 HOH 63 463 5  HOH HOH A . 
H 4 HOH 64 464 7  HOH HOH A . 
H 4 HOH 65 465 3  HOH HOH A . 
H 4 HOH 66 466 72 HOH HOH A . 
H 4 HOH 67 467 10 HOH HOH A . 
H 4 HOH 68 468 62 HOH HOH A . 
H 4 HOH 69 469 78 HOH HOH A . 
H 4 HOH 70 470 13 HOH HOH A . 
H 4 HOH 71 471 43 HOH HOH A . 
H 4 HOH 72 472 16 HOH HOH A . 
H 4 HOH 73 473 17 HOH HOH A . 
H 4 HOH 74 474 18 HOH HOH A . 
# 
loop_
_pdbx_unobs_or_zero_occ_atoms.id 
_pdbx_unobs_or_zero_occ_atoms.PDB_model_num 
_pdbx_unobs_or_zero_occ_atoms.polymer_flag 
_pdbx_unobs_or_zero_occ_atoms.occupancy_flag 
_pdbx_unobs_or_zero_occ_atoms.auth_asym_id 
_pdbx_unobs_or_zero_occ_atoms.auth_comp_id 
_pdbx_unobs_or_zero_occ_atoms.auth_seq_id 
_pdbx_unobs_or_zero_occ_atoms.PDB_ins_code 
_pdbx_unobs_or_zero_occ_atoms.auth_atom_id 
_pdbx_unobs_or_zero_occ_atoms.label_alt_id 
_pdbx_unobs_or_zero_occ_atoms.label_asym_id 
_pdbx_unobs_or_zero_occ_atoms.label_comp_id 
_pdbx_unobs_or_zero_occ_atoms.label_seq_id 
_pdbx_unobs_or_zero_occ_atoms.label_atom_id 
1 1 Y 1 A ARG 43 ? CG  ? A ARG 4 CG  
2 1 Y 1 A ARG 43 ? CD  ? A ARG 4 CD  
3 1 Y 1 A ARG 43 ? NE  ? A ARG 4 NE  
4 1 Y 1 A ARG 43 ? CZ  ? A ARG 4 CZ  
5 1 Y 1 A ARG 43 ? NH1 ? A ARG 4 NH1 
6 1 Y 1 A ARG 43 ? NH2 ? A ARG 4 NH2 
# 
loop_
_software.pdbx_ordinal 
_software.name 
_software.version 
_software.date 
_software.type 
_software.contact_author 
_software.contact_author_email 
_software.classification 
_software.location 
_software.language 
_software.citation_id 
1 REFMAC      5.8.0238 ?               program 'Garib N. Murshudov' garib@ysbl.york.ac.uk    refinement        
http://www.ccp4.ac.uk/dist/html/refmac5.html        Fortran_77 ? 
2 Aimless     0.7.1    27/03/18        program 'Phil Evans'         ?                        'data scaling'    
http://www.mrc-lmb.cam.ac.uk/harry/pre/aimless.html ?          ? 
3 PDB_EXTRACT 3.23     'SEP. 23, 2016' package PDB                  deposit@deposit.rcsb.org 'data extraction' 
http://sw-tools.pdb.org/apps/PDB_EXTRACT/           C++        ? 
4 XDS         .        ?               program ?                    ?                        'data reduction'  ? ?          ? 
5 REFMAC      .        ?               program ?                    ?                        phasing           ? ?          ? 
# 
_cell.entry_id           5QRJ 
_cell.length_a           60.104 
_cell.length_b           60.104 
_cell.length_c           109.812 
_cell.angle_alpha        90.000 
_cell.angle_beta         90.000 
_cell.angle_gamma        90.000 
_cell.Z_PDB              8 
_cell.pdbx_unique_axis   ? 
# 
_symmetry.entry_id                         5QRJ 
_symmetry.Int_Tables_number                91 
_symmetry.space_group_name_H-M             'P 41 2 2' 
_symmetry.pdbx_full_space_group_name_H-M   ? 
_symmetry.cell_setting                     ? 
# 
_exptl.crystals_number   1 
_exptl.entry_id          5QRJ 
_exptl.method            'X-RAY DIFFRACTION' 
# 
_exptl_crystal.id                    1 
_exptl_crystal.pdbx_mosaicity        0.000 
_exptl_crystal.pdbx_mosaicity_esd    ? 
_exptl_crystal.density_Matthews      2.53 
_exptl_crystal.density_diffrn        ? 
_exptl_crystal.density_meas          ? 
_exptl_crystal.density_meas_temp     ? 
_exptl_crystal.density_percent_sol   51.39 
_exptl_crystal.size_max              ? 
_exptl_crystal.size_mid              ? 
_exptl_crystal.size_min              ? 
_exptl_crystal.size_rad              ? 
_exptl_crystal.description           ? 
# 
_exptl_crystal_grow.crystal_id      1 
_exptl_crystal_grow.method          'VAPOR DIFFUSION, SITTING DROP' 
_exptl_crystal_grow.pH              4.5 
_exptl_crystal_grow.temp            298 
_exptl_crystal_grow.pdbx_details    '0.1 M CdCl, 0.1 M Acetate pH 4.5, 32% PEG 400' 
_exptl_crystal_grow.temp_details    ? 
_exptl_crystal_grow.pdbx_pH_range   ? 
# 
_diffrn.id                     1 
_diffrn.ambient_temp           100 
_diffrn.crystal_id             1 
_diffrn.ambient_temp_details   ? 
# 
_diffrn_detector.detector               PIXEL 
_diffrn_detector.type                   'DECTRIS PILATUS 6M' 
_diffrn_detector.pdbx_collection_date   2018-07-15 
_diffrn_detector.diffrn_id              1 
_diffrn_detector.details                ? 
# 
_diffrn_radiation.diffrn_id                        1 
_diffrn_radiation.wavelength_id                    1 
_diffrn_radiation.pdbx_diffrn_protocol             'SINGLE WAVELENGTH' 
_diffrn_radiation.pdbx_monochromatic_or_laue_m_l   M 
_diffrn_radiation.monochromator                    ? 
_diffrn_radiation.pdbx_scattering_type             x-ray 
# 
_diffrn_radiation_wavelength.id           1 
_diffrn_radiation_wavelength.wavelength   0.91587 
_diffrn_radiation_wavelength.wt           1.0 
# 
_diffrn_source.diffrn_id                   1 
_diffrn_source.source                      SYNCHROTRON 
_diffrn_source.type                        'DIAMOND BEAMLINE I04-1' 
_diffrn_source.pdbx_wavelength_list        0.91587 
_diffrn_source.pdbx_synchrotron_site       Diamond 
_diffrn_source.pdbx_synchrotron_beamline   I04-1 
_diffrn_source.pdbx_wavelength             ? 
# 
_reflns.entry_id                     5QRJ 
_reflns.pdbx_diffrn_id               1 
_reflns.pdbx_ordinal                 1 
_reflns.observed_criterion_sigma_I   ? 
_reflns.observed_criterion_sigma_F   ? 
_reflns.d_resolution_low             109.800 
_reflns.d_resolution_high            1.810 
_reflns.number_obs                   19111 
_reflns.number_all                   ? 
_reflns.percent_possible_obs         100.000 
_reflns.pdbx_Rmerge_I_obs            0.365 
_reflns.pdbx_Rsym_value              ? 
_reflns.pdbx_netI_over_sigmaI        5.700 
_reflns.B_iso_Wilson_estimate        ? 
_reflns.pdbx_redundancy              12.600 
_reflns.pdbx_Rrim_I_all              0.380 
_reflns.pdbx_Rpim_I_all              0.107 
_reflns.pdbx_CC_half                 0.992 
_reflns.pdbx_netI_over_av_sigmaI     ? 
_reflns.pdbx_number_measured_all     240533 
_reflns.pdbx_scaling_rejects         1057 
_reflns.pdbx_chi_squared             ? 
_reflns.Rmerge_F_all                 ? 
_reflns.Rmerge_F_obs                 ? 
_reflns.observed_criterion_F_max     ? 
_reflns.observed_criterion_F_min     ? 
_reflns.observed_criterion_I_max     ? 
_reflns.observed_criterion_I_min     ? 
_reflns.pdbx_d_res_high_opt          ? 
_reflns.pdbx_d_res_low_opt           ? 
_reflns.details                      ? 
# 
loop_
_reflns_shell.pdbx_diffrn_id 
_reflns_shell.pdbx_ordinal 
_reflns_shell.d_res_high 
_reflns_shell.d_res_low 
_reflns_shell.number_measured_obs 
_reflns_shell.number_measured_all 
_reflns_shell.number_unique_obs 
_reflns_shell.pdbx_rejects 
_reflns_shell.Rmerge_I_obs 
_reflns_shell.meanI_over_sigI_obs 
_reflns_shell.pdbx_Rsym_value 
_reflns_shell.pdbx_chi_squared 
_reflns_shell.pdbx_redundancy 
_reflns_shell.percent_possible_obs 
_reflns_shell.pdbx_netI_over_sigmaI_obs 
_reflns_shell.number_possible 
_reflns_shell.number_unique_all 
_reflns_shell.Rmerge_F_all 
_reflns_shell.Rmerge_F_obs 
_reflns_shell.Rmerge_I_all 
_reflns_shell.meanI_over_sigI_all 
_reflns_shell.percent_possible_all 
_reflns_shell.pdbx_Rrim_I_all 
_reflns_shell.pdbx_Rpim_I_all 
_reflns_shell.pdbx_CC_half 
1 1 1.810 1.860   ? 16878 ? ? 8.604 ? ? ? 12.400 ? 1.100  ? 1359 ? ? ? ? 100.000 8.977 2.539 0.549 
1 2 8.090 109.800 ? 2915  ? ? 0.122 ? ? ? 10.200 ? 13.500 ? 285  ? ? ? ? 99.900  0.129 0.041 0.991 
# 
_refine.entry_id                                 5QRJ 
_refine.pdbx_refine_id                           'X-RAY DIFFRACTION' 
_refine.ls_d_res_high                            1.8100 
_refine.ls_d_res_low                             60.1000 
_refine.pdbx_ls_sigma_F                          0.000 
_refine.pdbx_data_cutoff_high_absF               ? 
_refine.pdbx_data_cutoff_low_absF                ? 
_refine.ls_percent_reflns_obs                    99.9200 
_refine.ls_number_reflns_obs                     18156 
_refine.ls_number_reflns_all                     ? 
_refine.pdbx_ls_cross_valid_method               THROUGHOUT 
_refine.ls_matrix_type                           ? 
_refine.pdbx_R_Free_selection_details            RANDOM 
_refine.details                                  
'HYDROGENS HAVE BEEN ADDED IN THE RIDING POSITIONS U VALUES      : REFINED INDIVIDUALLY' 
_refine.ls_R_factor_all                          ? 
_refine.ls_R_factor_obs                          0.2299 
_refine.ls_R_factor_R_work                       0.2279 
_refine.ls_wR_factor_R_work                      ? 
_refine.ls_R_factor_R_free                       0.2733 
_refine.ls_wR_factor_R_free                      ? 
_refine.ls_percent_reflns_R_free                 4.7000 
_refine.ls_number_reflns_R_free                  902 
_refine.ls_number_reflns_R_work                  ? 
_refine.ls_R_factor_R_free_error                 ? 
_refine.B_iso_mean                               40.3680 
_refine.solvent_model_param_bsol                 ? 
_refine.solvent_model_param_ksol                 ? 
_refine.pdbx_isotropic_thermal_model             ? 
_refine.aniso_B[1][1]                            1.2500 
_refine.aniso_B[2][2]                            1.2500 
_refine.aniso_B[3][3]                            -2.5000 
_refine.aniso_B[1][2]                            -0.0000 
_refine.aniso_B[1][3]                            -0.0000 
_refine.aniso_B[2][3]                            -0.0000 
_refine.correlation_coeff_Fo_to_Fc               0.9480 
_refine.correlation_coeff_Fo_to_Fc_free          0.9270 
_refine.overall_SU_R_Cruickshank_DPI             ? 
_refine.pdbx_overall_SU_R_free_Cruickshank_DPI   ? 
_refine.pdbx_overall_SU_R_Blow_DPI               ? 
_refine.pdbx_overall_SU_R_free_Blow_DPI          ? 
_refine.overall_SU_R_free                        ? 
_refine.pdbx_overall_ESU_R                       0.1630 
_refine.pdbx_overall_ESU_R_Free                  0.1540 
_refine.overall_SU_ML                            0.1440 
_refine.overall_SU_B                             5.0560 
_refine.solvent_model_details                    MASK 
_refine.pdbx_solvent_vdw_probe_radii             1.2000 
_refine.pdbx_solvent_ion_probe_radii             0.8000 
_refine.pdbx_solvent_shrinkage_radii             0.8000 
_refine.ls_number_parameters                     ? 
_refine.ls_number_restraints                     ? 
_refine.pdbx_starting_model                      6f58 
_refine.pdbx_method_to_determine_struct          'FOURIER SYNTHESIS' 
_refine.pdbx_stereochemistry_target_values       'MAXIMUM LIKELIHOOD' 
_refine.pdbx_stereochem_target_val_spec_case     ? 
_refine.overall_FOM_work_R_set                   ? 
_refine.B_iso_max                                108.810 
_refine.B_iso_min                                17.550 
_refine.pdbx_overall_phase_error                 ? 
_refine.occupancy_max                            ? 
_refine.occupancy_min                            ? 
_refine.pdbx_diffrn_id                           1 
_refine.pdbx_TLS_residual_ADP_flag               ? 
_refine.pdbx_ls_sigma_I                          ? 
_refine.pdbx_data_cutoff_high_rms_absF           ? 
_refine.ls_R_factor_R_free_error_details         ? 
# 
_refine_hist.cycle_id                         final 
_refine_hist.pdbx_refine_id                   'X-RAY DIFFRACTION' 
_refine_hist.d_res_high                       1.8100 
_refine_hist.d_res_low                        60.1000 
_refine_hist.pdbx_number_atoms_ligand         19 
_refine_hist.number_atoms_solvent             74 
_refine_hist.number_atoms_total               1462 
_refine_hist.pdbx_number_residues_total       172 
_refine_hist.pdbx_B_iso_mean_ligand           69.25 
_refine_hist.pdbx_B_iso_mean_solvent          38.58 
_refine_hist.pdbx_number_atoms_protein        1369 
_refine_hist.pdbx_number_atoms_nucleic_acid   0 
# 
loop_
_refine_ls_restr.pdbx_refine_id 
_refine_ls_restr.type 
_refine_ls_restr.number 
_refine_ls_restr.dev_ideal 
_refine_ls_restr.dev_ideal_target 
_refine_ls_restr.weight 
_refine_ls_restr.pdbx_restraint_function 
'X-RAY DIFFRACTION' r_bond_refined_d       1836 0.007  0.014  ? ? 
'X-RAY DIFFRACTION' r_bond_other_d         1572 0.001  0.017  ? ? 
'X-RAY DIFFRACTION' r_angle_refined_deg    2278 1.473  1.673  ? ? 
'X-RAY DIFFRACTION' r_angle_other_deg      3651 1.252  1.608  ? ? 
'X-RAY DIFFRACTION' r_dihedral_angle_1_deg 207  7.840  5.000  ? ? 
'X-RAY DIFFRACTION' r_dihedral_angle_2_deg 86   30.164 21.163 ? ? 
'X-RAY DIFFRACTION' r_dihedral_angle_3_deg 280  16.048 15.000 ? ? 
'X-RAY DIFFRACTION' r_dihedral_angle_4_deg 13   10.441 15.000 ? ? 
'X-RAY DIFFRACTION' r_chiral_restr         210  0.092  0.200  ? ? 
'X-RAY DIFFRACTION' r_gen_planes_refined   1882 0.007  0.020  ? ? 
'X-RAY DIFFRACTION' r_gen_planes_other     357  0.002  0.020  ? ? 
'X-RAY DIFFRACTION' r_mcbond_it            896  2.967  4.145  ? ? 
'X-RAY DIFFRACTION' r_mcbond_other         897  2.965  4.149  ? ? 
'X-RAY DIFFRACTION' r_mcangle_it           1029 4.787  6.127  ? ? 
# 
_refine_ls_shell.d_res_high                       1.8100 
_refine_ls_shell.d_res_low                        1.8570 
_refine_ls_shell.pdbx_total_number_of_bins_used   20 
_refine_ls_shell.percent_reflns_obs               99.7100 
_refine_ls_shell.number_reflns_R_work             1292 
_refine_ls_shell.R_factor_all                     ? 
_refine_ls_shell.R_factor_R_work                  0.3590 
_refine_ls_shell.R_factor_R_free                  0.3670 
_refine_ls_shell.percent_reflns_R_free            ? 
_refine_ls_shell.number_reflns_R_free             60 
_refine_ls_shell.R_factor_R_free_error            ? 
_refine_ls_shell.number_reflns_all                1352 
_refine_ls_shell.number_reflns_obs                ? 
_refine_ls_shell.pdbx_refine_id                   'X-RAY DIFFRACTION' 
# 
_struct.entry_id                  5QRJ 
_struct.title                     
'PanDDA analysis group deposition -- Crystal Structure of human Brachyury in complex with Z416341642' 
_struct.pdbx_model_details        ? 
_struct.pdbx_CASP_flag            ? 
_struct.pdbx_model_type_details   ? 
# 
_struct_keywords.entry_id        5QRJ 
_struct_keywords.text            'SGC - Diamond I04-1 fragment screening, PanDDA, XChemExplorer, TRANSCRIPTION' 
_struct_keywords.pdbx_keywords   TRANSCRIPTION 
# 
loop_
_struct_asym.id 
_struct_asym.pdbx_blank_PDB_chainid_flag 
_struct_asym.pdbx_modified 
_struct_asym.entity_id 
_struct_asym.details 
A N N 1 ? 
B N N 2 ? 
C N N 2 ? 
D N N 2 ? 
E N N 2 ? 
F N N 2 ? 
G N N 3 ? 
H N N 4 ? 
# 
_struct_ref.id                         1 
_struct_ref.db_name                    UNP 
_struct_ref.db_code                    TBXT_HUMAN 
_struct_ref.pdbx_db_accession          O15178 
_struct_ref.pdbx_db_isoform            ? 
_struct_ref.entity_id                  1 
_struct_ref.pdbx_seq_one_letter_code   
;ELRVGLEESELWLRFKELTNEMIVTKNGRRMFPVLKVNVSGLDPNAMYSFLLDFVAADNHRWKYVNGEWVPGGKPEPQAP
SCVYIHPDSPNFGAHWMKAPVSFSKVKLTNKLNGGGQIMLNSLHKYEPRIHIVRVGGPQRMITSHCFPETQFIAVTAYQN
EEITALKIKYN
;
_struct_ref.pdbx_align_begin           41 
# 
_struct_ref_seq.align_id                      1 
_struct_ref_seq.ref_id                        1 
_struct_ref_seq.pdbx_PDB_id_code              5QRJ 
_struct_ref_seq.pdbx_strand_id                A 
_struct_ref_seq.seq_align_beg                 2 
_struct_ref_seq.pdbx_seq_align_beg_ins_code   ? 
_struct_ref_seq.seq_align_end                 172 
_struct_ref_seq.pdbx_seq_align_end_ins_code   ? 
_struct_ref_seq.pdbx_db_accession             O15178 
_struct_ref_seq.db_align_beg                  41 
_struct_ref_seq.pdbx_db_align_beg_ins_code    ? 
_struct_ref_seq.db_align_end                  211 
_struct_ref_seq.pdbx_db_align_end_ins_code    ? 
_struct_ref_seq.pdbx_auth_seq_align_beg       41 
_struct_ref_seq.pdbx_auth_seq_align_end       211 
# 
_struct_ref_seq_dif.align_id                     1 
_struct_ref_seq_dif.pdbx_pdb_id_code             5QRJ 
_struct_ref_seq_dif.mon_id                       GLY 
_struct_ref_seq_dif.pdbx_pdb_strand_id           A 
_struct_ref_seq_dif.seq_num                      1 
_struct_ref_seq_dif.pdbx_pdb_ins_code            ? 
_struct_ref_seq_dif.pdbx_seq_db_name             UNP 
_struct_ref_seq_dif.pdbx_seq_db_accession_code   O15178 
_struct_ref_seq_dif.db_mon_id                    ? 
_struct_ref_seq_dif.pdbx_seq_db_seq_num          ? 
_struct_ref_seq_dif.details                      'expression tag' 
_struct_ref_seq_dif.pdbx_auth_seq_num            40 
_struct_ref_seq_dif.pdbx_ordinal                 1 
# 
_pdbx_struct_assembly.id                   1 
_pdbx_struct_assembly.details              author_defined_assembly 
_pdbx_struct_assembly.method_details       ? 
_pdbx_struct_assembly.oligomeric_details   monomeric 
_pdbx_struct_assembly.oligomeric_count     1 
# 
_pdbx_struct_assembly_gen.assembly_id       1 
_pdbx_struct_assembly_gen.oper_expression   1 
_pdbx_struct_assembly_gen.asym_id_list      A,B,C,D,E,F,G,H 
# 
_pdbx_struct_oper_list.id                   1 
_pdbx_struct_oper_list.type                 'identity operation' 
_pdbx_struct_oper_list.name                 1_555 
_pdbx_struct_oper_list.symmetry_operation   x,y,z 
_pdbx_struct_oper_list.matrix[1][1]         1.0000000000 
_pdbx_struct_oper_list.matrix[1][2]         0.0000000000 
_pdbx_struct_oper_list.matrix[1][3]         0.0000000000 
_pdbx_struct_oper_list.vector[1]            0.0000000000 
_pdbx_struct_oper_list.matrix[2][1]         0.0000000000 
_pdbx_struct_oper_list.matrix[2][2]         1.0000000000 
_pdbx_struct_oper_list.matrix[2][3]         0.0000000000 
_pdbx_struct_oper_list.vector[2]            0.0000000000 
_pdbx_struct_oper_list.matrix[3][1]         0.0000000000 
_pdbx_struct_oper_list.matrix[3][2]         0.0000000000 
_pdbx_struct_oper_list.matrix[3][3]         1.0000000000 
_pdbx_struct_oper_list.vector[3]            0.0000000000 
# 
loop_
_struct_conf.conf_type_id 
_struct_conf.id 
_struct_conf.pdbx_PDB_helix_id 
_struct_conf.beg_label_comp_id 
_struct_conf.beg_label_asym_id 
_struct_conf.beg_label_seq_id 
_struct_conf.pdbx_beg_PDB_ins_code 
_struct_conf.end_label_comp_id 
_struct_conf.end_label_asym_id 
_struct_conf.end_label_seq_id 
_struct_conf.pdbx_end_PDB_ins_code 
_struct_conf.beg_auth_comp_id 
_struct_conf.beg_auth_asym_id 
_struct_conf.beg_auth_seq_id 
_struct_conf.end_auth_comp_id 
_struct_conf.end_auth_asym_id 
_struct_conf.end_auth_seq_id 
_struct_conf.pdbx_PDB_helix_class 
_struct_conf.details 
_struct_conf.pdbx_PDB_helix_length 
HELX_P HELX_P1 AA1 GLU A 9   ? LEU A 19  ? GLU A 48  LEU A 58  1 ? 11 
HELX_P HELX_P2 AA2 GLY A 94  ? LYS A 99  ? GLY A 133 LYS A 138 1 ? 6  
HELX_P HELX_P3 AA3 PRO A 149 ? GLN A 152 ? PRO A 188 GLN A 191 5 ? 4  
HELX_P HELX_P4 AA4 ASN A 161 ? ASN A 172 ? ASN A 200 ASN A 211 1 ? 12 
# 
_struct_conf_type.id          HELX_P 
_struct_conf_type.criteria    ? 
_struct_conf_type.reference   ? 
# 
loop_
_struct_conn.id 
_struct_conn.conn_type_id 
_struct_conn.pdbx_leaving_atom_flag 
_struct_conn.pdbx_PDB_id 
_struct_conn.ptnr1_label_asym_id 
_struct_conn.ptnr1_label_comp_id 
_struct_conn.ptnr1_label_seq_id 
_struct_conn.ptnr1_label_atom_id 
_struct_conn.pdbx_ptnr1_label_alt_id 
_struct_conn.pdbx_ptnr1_PDB_ins_code 
_struct_conn.pdbx_ptnr1_standard_comp_id 
_struct_conn.ptnr1_symmetry 
_struct_conn.ptnr2_label_asym_id 
_struct_conn.ptnr2_label_comp_id 
_struct_conn.ptnr2_label_seq_id 
_struct_conn.ptnr2_label_atom_id 
_struct_conn.pdbx_ptnr2_label_alt_id 
_struct_conn.pdbx_ptnr2_PDB_ins_code 
_struct_conn.ptnr1_auth_asym_id 
_struct_conn.ptnr1_auth_comp_id 
_struct_conn.ptnr1_auth_seq_id 
_struct_conn.ptnr2_auth_asym_id 
_struct_conn.ptnr2_auth_comp_id 
_struct_conn.ptnr2_auth_seq_id 
_struct_conn.ptnr2_symmetry 
_struct_conn.pdbx_ptnr3_label_atom_id 
_struct_conn.pdbx_ptnr3_label_seq_id 
_struct_conn.pdbx_ptnr3_label_comp_id 
_struct_conn.pdbx_ptnr3_label_asym_id 
_struct_conn.pdbx_ptnr3_label_alt_id 
_struct_conn.pdbx_ptnr3_PDB_ins_code 
_struct_conn.details 
_struct_conn.pdbx_dist_value 
_struct_conn.pdbx_value_order 
_struct_conn.pdbx_role 
metalc1  metalc ? ? A HIS 61  NE2 ? ? ? 1_555 E CD  . CD ? ? A HIS 100 A CD  304 1_555 ? ? ? ? ? ? ? 2.201 ? ? 
metalc2  metalc ? ? A CYS 83  SG  ? ? ? 1_555 D CD  . CD ? ? A CYS 122 A CD  303 1_555 ? ? ? ? ? ? ? 2.688 ? ? 
metalc3  metalc ? ? A CYS 83  SG  ? ? ? 1_555 F CD  . CD ? ? A CYS 122 A CD  305 1_555 ? ? ? ? ? ? ? 2.521 ? ? 
metalc4  metalc ? ? A GLU 128 OE1 ? ? ? 1_555 B CD  . CD ? ? A GLU 167 A CD  301 1_555 ? ? ? ? ? ? ? 2.510 ? ? 
metalc5  metalc ? ? A GLU 128 OE1 ? ? ? 1_555 B CD  . CD ? ? A GLU 167 A CD  301 5_655 ? ? ? ? ? ? ? 2.510 ? ? 
metalc6  metalc ? ? A GLU 128 OE1 ? ? ? 1_555 C CD  . CD ? ? A GLU 167 A CD  302 1_555 ? ? ? ? ? ? ? 2.598 ? ? 
metalc7  metalc ? ? A GLU 128 OE2 ? ? ? 1_555 C CD  . CD ? ? A GLU 167 A CD  302 1_555 ? ? ? ? ? ? ? 2.359 ? ? 
metalc8  metalc ? ? A CYS 147 SG  A ? ? 1_555 B CD  . CD ? ? A CYS 186 A CD  301 1_555 ? ? ? ? ? ? ? 2.459 ? ? 
metalc9  metalc ? ? A CYS 147 SG  B ? ? 1_555 B CD  . CD ? ? A CYS 186 A CD  301 1_555 ? ? ? ? ? ? ? 2.509 ? ? 
metalc10 metalc ? ? A CYS 147 SG  A ? ? 1_555 B CD  . CD ? ? A CYS 186 A CD  301 5_655 ? ? ? ? ? ? ? 2.459 ? ? 
metalc11 metalc ? ? A CYS 147 SG  B ? ? 1_555 B CD  . CD ? ? A CYS 186 A CD  301 5_655 ? ? ? ? ? ? ? 2.509 ? ? 
metalc12 metalc ? ? A CYS 147 SG  A ? ? 1_555 C CD  . CD ? ? A CYS 186 A CD  302 5_655 ? ? ? ? ? ? ? 2.654 ? ? 
metalc13 metalc ? ? A CYS 147 SG  B ? ? 1_555 C CD  . CD ? ? A CYS 186 A CD  302 5_655 ? ? ? ? ? ? ? 2.435 ? ? 
metalc14 metalc ? ? B CD  .   CD  ? ? ? 1_555 H HOH . O  ? ? A CD  301 A HOH 462 1_555 ? ? ? ? ? ? ? 2.409 ? ? 
metalc15 metalc ? ? B CD  .   CD  ? ? ? 1_555 H HOH . O  ? ? A CD  301 A HOH 462 5_655 ? ? ? ? ? ? ? 2.409 ? ? 
metalc16 metalc ? ? C CD  .   CD  ? ? ? 1_555 H HOH . O  ? ? A CD  302 A HOH 456 5_655 ? ? ? ? ? ? ? 2.084 ? ? 
metalc17 metalc ? ? C CD  .   CD  ? ? ? 1_555 H HOH . O  ? ? A CD  302 A HOH 461 1_555 ? ? ? ? ? ? ? 2.357 ? ? 
metalc18 metalc ? ? D CD  .   CD  ? ? ? 1_555 H HOH . O  ? ? A CD  303 A HOH 458 1_555 ? ? ? ? ? ? ? 2.391 ? ? 
metalc19 metalc ? ? E CD  .   CD  ? ? ? 1_555 H HOH . O  ? ? A CD  304 A HOH 460 1_555 ? ? ? ? ? ? ? 2.323 ? ? 
metalc20 metalc ? ? E CD  .   CD  ? ? ? 1_555 H HOH . O  ? ? A CD  304 A HOH 463 1_555 ? ? ? ? ? ? ? 2.206 ? ? 
metalc21 metalc ? ? E CD  .   CD  ? ? ? 1_555 H HOH . O  ? ? A CD  304 A HOH 464 1_555 ? ? ? ? ? ? ? 2.462 ? ? 
metalc22 metalc ? ? F CD  .   CD  ? ? ? 1_555 H HOH . O  ? ? A CD  305 A HOH 452 1_555 ? ? ? ? ? ? ? 2.567 ? ? 
metalc23 metalc ? ? F CD  .   CD  ? ? ? 1_555 H HOH . O  ? ? A CD  305 A HOH 474 1_555 ? ? ? ? ? ? ? 2.598 ? ? 
# 
_struct_conn_type.id          metalc 
_struct_conn_type.criteria    ? 
_struct_conn_type.reference   ? 
# 
loop_
_pdbx_struct_conn_angle.id 
_pdbx_struct_conn_angle.ptnr1_label_atom_id 
_pdbx_struct_conn_angle.ptnr1_label_alt_id 
_pdbx_struct_conn_angle.ptnr1_label_asym_id 
_pdbx_struct_conn_angle.ptnr1_label_comp_id 
_pdbx_struct_conn_angle.ptnr1_label_seq_id 
_pdbx_struct_conn_angle.ptnr1_auth_atom_id 
_pdbx_struct_conn_angle.ptnr1_auth_asym_id 
_pdbx_struct_conn_angle.ptnr1_auth_comp_id 
_pdbx_struct_conn_angle.ptnr1_auth_seq_id 
_pdbx_struct_conn_angle.ptnr1_PDB_ins_code 
_pdbx_struct_conn_angle.ptnr1_symmetry 
_pdbx_struct_conn_angle.ptnr2_label_atom_id 
_pdbx_struct_conn_angle.ptnr2_label_alt_id 
_pdbx_struct_conn_angle.ptnr2_label_asym_id 
_pdbx_struct_conn_angle.ptnr2_label_comp_id 
_pdbx_struct_conn_angle.ptnr2_label_seq_id 
_pdbx_struct_conn_angle.ptnr2_auth_atom_id 
_pdbx_struct_conn_angle.ptnr2_auth_asym_id 
_pdbx_struct_conn_angle.ptnr2_auth_comp_id 
_pdbx_struct_conn_angle.ptnr2_auth_seq_id 
_pdbx_struct_conn_angle.ptnr2_PDB_ins_code 
_pdbx_struct_conn_angle.ptnr2_symmetry 
_pdbx_struct_conn_angle.ptnr3_label_atom_id 
_pdbx_struct_conn_angle.ptnr3_label_alt_id 
_pdbx_struct_conn_angle.ptnr3_label_asym_id 
_pdbx_struct_conn_angle.ptnr3_label_comp_id 
_pdbx_struct_conn_angle.ptnr3_label_seq_id 
_pdbx_struct_conn_angle.ptnr3_auth_atom_id 
_pdbx_struct_conn_angle.ptnr3_auth_asym_id 
_pdbx_struct_conn_angle.ptnr3_auth_comp_id 
_pdbx_struct_conn_angle.ptnr3_auth_seq_id 
_pdbx_struct_conn_angle.ptnr3_PDB_ins_code 
_pdbx_struct_conn_angle.ptnr3_symmetry 
_pdbx_struct_conn_angle.value 
_pdbx_struct_conn_angle.value_esd 
1  NE2 ? A HIS 61  ? A HIS 100 ? 1_555 CD ? E CD . ? A CD 304 ? 1_555 O   ? H HOH .   ? A HOH 460 ? 1_555 99.6  ? 
2  NE2 ? A HIS 61  ? A HIS 100 ? 1_555 CD ? E CD . ? A CD 304 ? 1_555 O   ? H HOH .   ? A HOH 463 ? 1_555 111.1 ? 
3  O   ? H HOH .   ? A HOH 460 ? 1_555 CD ? E CD . ? A CD 304 ? 1_555 O   ? H HOH .   ? A HOH 463 ? 1_555 109.4 ? 
4  NE2 ? A HIS 61  ? A HIS 100 ? 1_555 CD ? E CD . ? A CD 304 ? 1_555 O   ? H HOH .   ? A HOH 464 ? 1_555 105.0 ? 
5  O   ? H HOH .   ? A HOH 460 ? 1_555 CD ? E CD . ? A CD 304 ? 1_555 O   ? H HOH .   ? A HOH 464 ? 1_555 117.1 ? 
6  O   ? H HOH .   ? A HOH 463 ? 1_555 CD ? E CD . ? A CD 304 ? 1_555 O   ? H HOH .   ? A HOH 464 ? 1_555 113.6 ? 
7  SG  ? A CYS 83  ? A CYS 122 ? 1_555 CD ? D CD . ? A CD 303 ? 1_555 O   ? H HOH .   ? A HOH 458 ? 1_555 88.5  ? 
8  SG  ? A CYS 83  ? A CYS 122 ? 1_555 CD ? F CD . ? A CD 305 ? 1_555 O   ? H HOH .   ? A HOH 452 ? 1_555 98.3  ? 
9  SG  ? A CYS 83  ? A CYS 122 ? 1_555 CD ? F CD . ? A CD 305 ? 1_555 O   ? H HOH .   ? A HOH 474 ? 1_555 88.0  ? 
10 O   ? H HOH .   ? A HOH 452 ? 1_555 CD ? F CD . ? A CD 305 ? 1_555 O   ? H HOH .   ? A HOH 474 ? 1_555 173.6 ? 
11 OE1 ? A GLU 128 ? A GLU 167 ? 1_555 CD ? B CD . ? A CD 301 ? 1_555 OE1 ? A GLU 128 ? A GLU 167 ? 1_555 0.0   ? 
12 OE1 ? A GLU 128 ? A GLU 167 ? 1_555 CD ? B CD . ? A CD 301 ? 1_555 SG  A A CYS 147 ? A CYS 186 ? 1_555 92.4  ? 
13 OE1 ? A GLU 128 ? A GLU 167 ? 1_555 CD ? B CD . ? A CD 301 ? 1_555 SG  A A CYS 147 ? A CYS 186 ? 1_555 92.4  ? 
14 OE1 ? A GLU 128 ? A GLU 167 ? 1_555 CD ? B CD . ? A CD 301 ? 1_555 SG  B A CYS 147 ? A CYS 186 ? 1_555 88.7  ? 
15 OE1 ? A GLU 128 ? A GLU 167 ? 1_555 CD ? B CD . ? A CD 301 ? 1_555 SG  B A CYS 147 ? A CYS 186 ? 1_555 88.7  ? 
16 SG  A A CYS 147 ? A CYS 186 ? 1_555 CD ? B CD . ? A CD 301 ? 1_555 SG  B A CYS 147 ? A CYS 186 ? 1_555 40.3  ? 
17 OE1 ? A GLU 128 ? A GLU 167 ? 1_555 CD ? B CD . ? A CD 301 ? 1_555 SG  A A CYS 147 ? A CYS 186 ? 1_555 92.4  ? 
18 OE1 ? A GLU 128 ? A GLU 167 ? 1_555 CD ? B CD . ? A CD 301 ? 1_555 SG  A A CYS 147 ? A CYS 186 ? 1_555 92.4  ? 
19 SG  A A CYS 147 ? A CYS 186 ? 1_555 CD ? B CD . ? A CD 301 ? 1_555 SG  A A CYS 147 ? A CYS 186 ? 1_555 0.0   ? 
20 SG  B A CYS 147 ? A CYS 186 ? 1_555 CD ? B CD . ? A CD 301 ? 1_555 SG  A A CYS 147 ? A CYS 186 ? 1_555 40.3  ? 
21 OE1 ? A GLU 128 ? A GLU 167 ? 1_555 CD ? B CD . ? A CD 301 ? 1_555 SG  B A CYS 147 ? A CYS 186 ? 1_555 88.7  ? 
22 OE1 ? A GLU 128 ? A GLU 167 ? 1_555 CD ? B CD . ? A CD 301 ? 1_555 SG  B A CYS 147 ? A CYS 186 ? 1_555 88.7  ? 
23 SG  A A CYS 147 ? A CYS 186 ? 1_555 CD ? B CD . ? A CD 301 ? 1_555 SG  B A CYS 147 ? A CYS 186 ? 1_555 40.3  ? 
24 SG  B A CYS 147 ? A CYS 186 ? 1_555 CD ? B CD . ? A CD 301 ? 1_555 SG  B A CYS 147 ? A CYS 186 ? 1_555 0.0   ? 
25 SG  A A CYS 147 ? A CYS 186 ? 1_555 CD ? B CD . ? A CD 301 ? 1_555 SG  B A CYS 147 ? A CYS 186 ? 1_555 40.3  ? 
26 OE1 ? A GLU 128 ? A GLU 167 ? 1_555 CD ? B CD . ? A CD 301 ? 1_555 O   ? H HOH .   ? A HOH 462 ? 1_555 93.3  ? 
27 OE1 ? A GLU 128 ? A GLU 167 ? 1_555 CD ? B CD . ? A CD 301 ? 1_555 O   ? H HOH .   ? A HOH 462 ? 1_555 93.3  ? 
28 SG  A A CYS 147 ? A CYS 186 ? 1_555 CD ? B CD . ? A CD 301 ? 1_555 O   ? H HOH .   ? A HOH 462 ? 1_555 78.0  ? 
29 SG  B A CYS 147 ? A CYS 186 ? 1_555 CD ? B CD . ? A CD 301 ? 1_555 O   ? H HOH .   ? A HOH 462 ? 1_555 118.3 ? 
30 SG  A A CYS 147 ? A CYS 186 ? 1_555 CD ? B CD . ? A CD 301 ? 1_555 O   ? H HOH .   ? A HOH 462 ? 1_555 78.0  ? 
31 SG  B A CYS 147 ? A CYS 186 ? 1_555 CD ? B CD . ? A CD 301 ? 1_555 O   ? H HOH .   ? A HOH 462 ? 1_555 118.3 ? 
32 OE1 ? A GLU 128 ? A GLU 167 ? 1_555 CD ? B CD . ? A CD 301 ? 1_555 O   ? H HOH .   ? A HOH 462 ? 5_655 95.3  ? 
33 OE1 ? A GLU 128 ? A GLU 167 ? 1_555 CD ? B CD . ? A CD 301 ? 1_555 O   ? H HOH .   ? A HOH 462 ? 5_655 95.3  ? 
34 SG  A A CYS 147 ? A CYS 186 ? 1_555 CD ? B CD . ? A CD 301 ? 1_555 O   ? H HOH .   ? A HOH 462 ? 5_655 112.2 ? 
35 SG  B A CYS 147 ? A CYS 186 ? 1_555 CD ? B CD . ? A CD 301 ? 1_555 O   ? H HOH .   ? A HOH 462 ? 5_655 152.5 ? 
36 SG  A A CYS 147 ? A CYS 186 ? 1_555 CD ? B CD . ? A CD 301 ? 1_555 O   ? H HOH .   ? A HOH 462 ? 5_655 112.2 ? 
37 SG  B A CYS 147 ? A CYS 186 ? 1_555 CD ? B CD . ? A CD 301 ? 1_555 O   ? H HOH .   ? A HOH 462 ? 5_655 152.5 ? 
38 O   ? H HOH .   ? A HOH 462 ? 1_555 CD ? B CD . ? A CD 301 ? 1_555 O   ? H HOH .   ? A HOH 462 ? 5_655 34.4  ? 
39 OE1 ? A GLU 128 ? A GLU 167 ? 1_555 CD ? C CD . ? A CD 302 ? 1_555 OE2 ? A GLU 128 ? A GLU 167 ? 1_555 52.1  ? 
40 OE1 ? A GLU 128 ? A GLU 167 ? 1_555 CD ? C CD . ? A CD 302 ? 1_555 SG  A A CYS 147 ? A CYS 186 ? 1_555 32.3  ? 
41 OE2 ? A GLU 128 ? A GLU 167 ? 1_555 CD ? C CD . ? A CD 302 ? 1_555 SG  A A CYS 147 ? A CYS 186 ? 1_555 75.5  ? 
42 OE1 ? A GLU 128 ? A GLU 167 ? 1_555 CD ? C CD . ? A CD 302 ? 1_555 SG  B A CYS 147 ? A CYS 186 ? 1_555 46.4  ? 
43 OE2 ? A GLU 128 ? A GLU 167 ? 1_555 CD ? C CD . ? A CD 302 ? 1_555 SG  B A CYS 147 ? A CYS 186 ? 1_555 78.8  ? 
44 SG  A A CYS 147 ? A CYS 186 ? 1_555 CD ? C CD . ? A CD 302 ? 1_555 SG  B A CYS 147 ? A CYS 186 ? 1_555 17.3  ? 
45 OE1 ? A GLU 128 ? A GLU 167 ? 1_555 CD ? C CD . ? A CD 302 ? 1_555 O   ? H HOH .   ? A HOH 456 ? 5_655 140.1 ? 
46 OE2 ? A GLU 128 ? A GLU 167 ? 1_555 CD ? C CD . ? A CD 302 ? 1_555 O   ? H HOH .   ? A HOH 456 ? 5_655 101.3 ? 
47 SG  A A CYS 147 ? A CYS 186 ? 1_555 CD ? C CD . ? A CD 302 ? 1_555 O   ? H HOH .   ? A HOH 456 ? 5_655 123.2 ? 
48 SG  B A CYS 147 ? A CYS 186 ? 1_555 CD ? C CD . ? A CD 302 ? 1_555 O   ? H HOH .   ? A HOH 456 ? 5_655 106.0 ? 
49 OE1 ? A GLU 128 ? A GLU 167 ? 1_555 CD ? C CD . ? A CD 302 ? 1_555 O   ? H HOH .   ? A HOH 461 ? 1_555 106.3 ? 
50 OE2 ? A GLU 128 ? A GLU 167 ? 1_555 CD ? C CD . ? A CD 302 ? 1_555 O   ? H HOH .   ? A HOH 461 ? 1_555 104.4 ? 
51 SG  A A CYS 147 ? A CYS 186 ? 1_555 CD ? C CD . ? A CD 302 ? 1_555 O   ? H HOH .   ? A HOH 461 ? 1_555 126.6 ? 
52 SG  B A CYS 147 ? A CYS 186 ? 1_555 CD ? C CD . ? A CD 302 ? 1_555 O   ? H HOH .   ? A HOH 461 ? 1_555 143.0 ? 
53 O   ? H HOH .   ? A HOH 456 ? 5_655 CD ? C CD . ? A CD 302 ? 1_555 O   ? H HOH .   ? A HOH 461 ? 1_555 109.3 ? 
# 
loop_
_struct_mon_prot_cis.pdbx_id 
_struct_mon_prot_cis.label_comp_id 
_struct_mon_prot_cis.label_seq_id 
_struct_mon_prot_cis.label_asym_id 
_struct_mon_prot_cis.label_alt_id 
_struct_mon_prot_cis.pdbx_PDB_ins_code 
_struct_mon_prot_cis.auth_comp_id 
_struct_mon_prot_cis.auth_seq_id 
_struct_mon_prot_cis.auth_asym_id 
_struct_mon_prot_cis.pdbx_label_comp_id_2 
_struct_mon_prot_cis.pdbx_label_seq_id_2 
_struct_mon_prot_cis.pdbx_label_asym_id_2 
_struct_mon_prot_cis.pdbx_PDB_ins_code_2 
_struct_mon_prot_cis.pdbx_auth_comp_id_2 
_struct_mon_prot_cis.pdbx_auth_seq_id_2 
_struct_mon_prot_cis.pdbx_auth_asym_id_2 
_struct_mon_prot_cis.pdbx_PDB_model_num 
_struct_mon_prot_cis.pdbx_omega_angle 
1 PHE 33 A . ? PHE 72  A PRO 34 A ? PRO 73  A 1 -7.85  
2 SER 90 A . ? SER 129 A PRO 91 A ? PRO 130 A 1 -15.36 
# 
loop_
_struct_sheet.id 
_struct_sheet.type 
_struct_sheet.number_strands 
_struct_sheet.details 
AA1 ? 3 ? 
AA2 ? 5 ? 
AA3 ? 4 ? 
AA4 ? 3 ? 
AA5 ? 2 ? 
# 
loop_
_struct_sheet_order.sheet_id 
_struct_sheet_order.range_id_1 
_struct_sheet_order.range_id_2 
_struct_sheet_order.offset 
_struct_sheet_order.sense 
AA1 1 2 ? anti-parallel 
AA1 2 3 ? anti-parallel 
AA2 1 2 ? parallel      
AA2 2 3 ? anti-parallel 
AA2 3 4 ? anti-parallel 
AA2 4 5 ? anti-parallel 
AA3 1 2 ? anti-parallel 
AA3 2 3 ? anti-parallel 
AA3 3 4 ? anti-parallel 
AA4 1 2 ? anti-parallel 
AA4 2 3 ? parallel      
AA5 1 2 ? anti-parallel 
# 
loop_
_struct_sheet_range.sheet_id 
_struct_sheet_range.id 
_struct_sheet_range.beg_label_comp_id 
_struct_sheet_range.beg_label_asym_id 
_struct_sheet_range.beg_label_seq_id 
_struct_sheet_range.pdbx_beg_PDB_ins_code 
_struct_sheet_range.end_label_comp_id 
_struct_sheet_range.end_label_asym_id 
_struct_sheet_range.end_label_seq_id 
_struct_sheet_range.pdbx_end_PDB_ins_code 
_struct_sheet_range.beg_auth_comp_id 
_struct_sheet_range.beg_auth_asym_id 
_struct_sheet_range.beg_auth_seq_id 
_struct_sheet_range.end_auth_comp_id 
_struct_sheet_range.end_auth_asym_id 
_struct_sheet_range.end_auth_seq_id 
AA1 1 ARG A 4   ? LEU A 7   ? ARG A 43  LEU A 46  
AA1 2 LYS A 37  ? SER A 41  ? LYS A 76  SER A 80  
AA1 3 VAL A 102 ? SER A 103 ? VAL A 141 SER A 142 
AA2 1 GLU A 22  ? ILE A 24  ? GLU A 61  ILE A 63  
AA2 2 PHE A 153 ? VAL A 156 ? PHE A 192 VAL A 195 
AA2 3 LYS A 126 ? ARG A 135 ? LYS A 165 ARG A 174 
AA2 4 MET A 48  ? ALA A 57  ? MET A 87  ALA A 96  
AA2 5 ASN A 92  ? PHE A 93  ? ASN A 131 PHE A 132 
AA3 1 TYR A 85  ? ILE A 86  ? TYR A 124 ILE A 125 
AA3 2 MET A 48  ? ALA A 57  ? MET A 87  ALA A 96  
AA3 3 LYS A 126 ? ARG A 135 ? LYS A 165 ARG A 174 
AA3 4 MET A 142 ? CYS A 147 ? MET A 181 CYS A 186 
AA4 1 ARG A 30  ? ARG A 31  ? ARG A 69  ARG A 70  
AA4 2 LYS A 108 ? THR A 110 ? LYS A 147 THR A 149 
AA4 3 ILE A 119 ? MET A 120 ? ILE A 158 MET A 159 
AA5 1 TRP A 63  ? VAL A 66  ? TRP A 102 VAL A 105 
AA5 2 GLU A 69  ? PRO A 72  ? GLU A 108 PRO A 111 
# 
loop_
_pdbx_struct_sheet_hbond.sheet_id 
_pdbx_struct_sheet_hbond.range_id_1 
_pdbx_struct_sheet_hbond.range_id_2 
_pdbx_struct_sheet_hbond.range_1_label_atom_id 
_pdbx_struct_sheet_hbond.range_1_label_comp_id 
_pdbx_struct_sheet_hbond.range_1_label_asym_id 
_pdbx_struct_sheet_hbond.range_1_label_seq_id 
_pdbx_struct_sheet_hbond.range_1_PDB_ins_code 
_pdbx_struct_sheet_hbond.range_1_auth_atom_id 
_pdbx_struct_sheet_hbond.range_1_auth_comp_id 
_pdbx_struct_sheet_hbond.range_1_auth_asym_id 
_pdbx_struct_sheet_hbond.range_1_auth_seq_id 
_pdbx_struct_sheet_hbond.range_2_label_atom_id 
_pdbx_struct_sheet_hbond.range_2_label_comp_id 
_pdbx_struct_sheet_hbond.range_2_label_asym_id 
_pdbx_struct_sheet_hbond.range_2_label_seq_id 
_pdbx_struct_sheet_hbond.range_2_PDB_ins_code 
_pdbx_struct_sheet_hbond.range_2_auth_atom_id 
_pdbx_struct_sheet_hbond.range_2_auth_comp_id 
_pdbx_struct_sheet_hbond.range_2_auth_asym_id 
_pdbx_struct_sheet_hbond.range_2_auth_seq_id 
AA1 1 2 N GLY A 6   ? N GLY A 45  O ASN A 39  ? O ASN A 78  
AA1 2 3 N VAL A 38  ? N VAL A 77  O VAL A 102 ? O VAL A 141 
AA2 1 2 N MET A 23  ? N MET A 62  O VAL A 156 ? O VAL A 195 
AA2 2 3 O PHE A 153 ? O PHE A 192 N TYR A 127 ? N TYR A 166 
AA2 3 4 O ARG A 130 ? O ARG A 169 N ASP A 54  ? N ASP A 93  
AA2 4 5 N TYR A 49  ? N TYR A 88  O ASN A 92  ? O ASN A 131 
AA3 1 2 O TYR A 85  ? O TYR A 124 N LEU A 53  ? N LEU A 92  
AA3 2 3 N ASP A 54  ? N ASP A 93  O ARG A 130 ? O ARG A 169 
AA3 3 4 N ILE A 133 ? N ILE A 172 O THR A 144 ? O THR A 183 
AA4 1 2 N ARG A 30  ? N ARG A 69  O LEU A 109 ? O LEU A 148 
AA4 2 3 N THR A 110 ? N THR A 149 O ILE A 119 ? O ILE A 158 
AA5 1 2 N VAL A 66  ? N VAL A 105 O GLU A 69  ? O GLU A 108 
# 
loop_
_struct_site.id 
_struct_site.pdbx_evidence_code 
_struct_site.pdbx_auth_asym_id 
_struct_site.pdbx_auth_comp_id 
_struct_site.pdbx_auth_seq_id 
_struct_site.pdbx_auth_ins_code 
_struct_site.pdbx_num_residues 
_struct_site.details 
AC1 Software A CD  301 ? 8  'binding site for residue CD A 301'  
AC2 Software A CD  302 ? 6  'binding site for residue CD A 302'  
AC3 Software A CD  303 ? 4  'binding site for residue CD A 303'  
AC4 Software A CD  304 ? 5  'binding site for residue CD A 304'  
AC5 Software A CD  305 ? 4  'binding site for residue CD A 305'  
AC6 Software A NWP 306 ? 11 'binding site for residue NWP A 306' 
# 
loop_
_struct_site_gen.id 
_struct_site_gen.site_id 
_struct_site_gen.pdbx_num_res 
_struct_site_gen.label_comp_id 
_struct_site_gen.label_asym_id 
_struct_site_gen.label_seq_id 
_struct_site_gen.pdbx_auth_ins_code 
_struct_site_gen.auth_comp_id 
_struct_site_gen.auth_asym_id 
_struct_site_gen.auth_seq_id 
_struct_site_gen.label_atom_id 
_struct_site_gen.label_alt_id 
_struct_site_gen.symmetry 
_struct_site_gen.details 
1  AC1 8  GLU A 128 ? GLU A 167 . ? 1_555 ? 
2  AC1 8  GLU A 128 ? GLU A 167 . ? 5_655 ? 
3  AC1 8  CYS A 147 ? CYS A 186 . ? 5_655 ? 
4  AC1 8  CYS A 147 ? CYS A 186 . ? 1_555 ? 
5  AC1 8  CD  C .   ? CD  A 302 . ? 5_655 ? 
6  AC1 8  CD  C .   ? CD  A 302 . ? 1_555 ? 
7  AC1 8  HOH H .   ? HOH A 462 . ? 5_655 ? 
8  AC1 8  HOH H .   ? HOH A 462 . ? 1_555 ? 
9  AC2 6  GLU A 128 ? GLU A 167 . ? 1_555 ? 
10 AC2 6  CYS A 147 ? CYS A 186 . ? 5_655 ? 
11 AC2 6  CD  B .   ? CD  A 301 . ? 5_655 ? 
12 AC2 6  CD  B .   ? CD  A 301 . ? 1_555 ? 
13 AC2 6  HOH H .   ? HOH A 456 . ? 5_655 ? 
14 AC2 6  HOH H .   ? HOH A 461 . ? 1_555 ? 
15 AC3 4  CYS A 83  ? CYS A 122 . ? 1_555 ? 
16 AC3 4  HOH H .   ? HOH A 445 . ? 1_555 ? 
17 AC3 4  HOH H .   ? HOH A 458 . ? 1_555 ? 
18 AC3 4  HOH H .   ? HOH A 473 . ? 1_555 ? 
19 AC4 5  LEU A 52  ? LEU A 91  . ? 5_655 ? 
20 AC4 5  HIS A 61  ? HIS A 100 . ? 1_555 ? 
21 AC4 5  HOH H .   ? HOH A 460 . ? 1_555 ? 
22 AC4 5  HOH H .   ? HOH A 463 . ? 1_555 ? 
23 AC4 5  HOH H .   ? HOH A 464 . ? 1_555 ? 
24 AC5 4  CYS A 83  ? CYS A 122 . ? 1_555 ? 
25 AC5 4  HOH H .   ? HOH A 452 . ? 1_555 ? 
26 AC5 4  HOH H .   ? HOH A 473 . ? 1_555 ? 
27 AC5 4  HOH H .   ? HOH A 474 . ? 1_555 ? 
28 AC6 11 HIS A 61  ? HIS A 100 . ? 5_655 ? 
29 AC6 11 PRO A 72  ? PRO A 111 . ? 5_655 ? 
30 AC6 11 GLY A 73  ? GLY A 112 . ? 5_655 ? 
31 AC6 11 GLY A 74  ? GLY A 113 . ? 5_655 ? 
32 AC6 11 VAL A 134 ? VAL A 173 . ? 1_555 ? 
33 AC6 11 ARG A 135 ? ARG A 174 . ? 1_555 ? 
34 AC6 11 VAL A 136 ? VAL A 175 . ? 1_555 ? 
35 AC6 11 GLY A 137 ? GLY A 176 . ? 1_555 ? 
36 AC6 11 ARG A 141 ? ARG A 180 . ? 1_555 ? 
37 AC6 11 MET A 142 ? MET A 181 . ? 1_555 ? 
38 AC6 11 ILE A 143 ? ILE A 182 . ? 1_555 ? 
# 
loop_
_pdbx_validate_torsion.id 
_pdbx_validate_torsion.PDB_model_num 
_pdbx_validate_torsion.auth_comp_id 
_pdbx_validate_torsion.auth_asym_id 
_pdbx_validate_torsion.auth_seq_id 
_pdbx_validate_torsion.PDB_ins_code 
_pdbx_validate_torsion.label_alt_id 
_pdbx_validate_torsion.phi 
_pdbx_validate_torsion.psi 
1 1 THR A 59  ? ? 69.14  109.55 
2 1 PHE A 143 ? ? -92.79 56.02  
# 
_pdbx_struct_special_symmetry.id              1 
_pdbx_struct_special_symmetry.PDB_model_num   1 
_pdbx_struct_special_symmetry.auth_asym_id    A 
_pdbx_struct_special_symmetry.auth_comp_id    CD 
_pdbx_struct_special_symmetry.auth_seq_id     301 
_pdbx_struct_special_symmetry.PDB_ins_code    ? 
_pdbx_struct_special_symmetry.label_asym_id   B 
_pdbx_struct_special_symmetry.label_comp_id   CD 
_pdbx_struct_special_symmetry.label_seq_id    . 
# 
_phasing.method   MR 
# 
_pdbx_entry_details.entry_id                 5QRJ 
_pdbx_entry_details.has_ligand_of_interest   Y 
_pdbx_entry_details.compound_details         ? 
_pdbx_entry_details.source_details           ? 
_pdbx_entry_details.nonpolymer_details       ? 
_pdbx_entry_details.sequence_details         ? 
# 
loop_
_pdbx_distant_solvent_atoms.id 
_pdbx_distant_solvent_atoms.PDB_model_num 
_pdbx_distant_solvent_atoms.auth_atom_id 
_pdbx_distant_solvent_atoms.label_alt_id 
_pdbx_distant_solvent_atoms.auth_asym_id 
_pdbx_distant_solvent_atoms.auth_comp_id 
_pdbx_distant_solvent_atoms.auth_seq_id 
_pdbx_distant_solvent_atoms.PDB_ins_code 
_pdbx_distant_solvent_atoms.neighbor_macromolecule_distance 
_pdbx_distant_solvent_atoms.neighbor_ligand_distance 
1 1 O ? A HOH 473 ? 6.45 . 
2 1 O ? A HOH 474 ? 6.58 . 
# 
_pdbx_unobs_or_zero_occ_residues.id               1 
_pdbx_unobs_or_zero_occ_residues.PDB_model_num    1 
_pdbx_unobs_or_zero_occ_residues.polymer_flag     Y 
_pdbx_unobs_or_zero_occ_residues.occupancy_flag   1 
_pdbx_unobs_or_zero_occ_residues.auth_asym_id     A 
_pdbx_unobs_or_zero_occ_residues.auth_comp_id     GLY 
_pdbx_unobs_or_zero_occ_residues.auth_seq_id      40 
_pdbx_unobs_or_zero_occ_residues.PDB_ins_code     ? 
_pdbx_unobs_or_zero_occ_residues.label_asym_id    A 
_pdbx_unobs_or_zero_occ_residues.label_comp_id    GLY 
_pdbx_unobs_or_zero_occ_residues.label_seq_id     1 
# 
loop_
_chem_comp_atom.comp_id 
_chem_comp_atom.atom_id 
_chem_comp_atom.type_symbol 
_chem_comp_atom.pdbx_aromatic_flag 
_chem_comp_atom.pdbx_stereo_config 
_chem_comp_atom.pdbx_ordinal 
ALA N    N  N N 1   
ALA CA   C  N S 2   
ALA C    C  N N 3   
ALA O    O  N N 4   
ALA CB   C  N N 5   
ALA OXT  O  N N 6   
ALA H    H  N N 7   
ALA H2   H  N N 8   
ALA HA   H  N N 9   
ALA HB1  H  N N 10  
ALA HB2  H  N N 11  
ALA HB3  H  N N 12  
ALA HXT  H  N N 13  
ARG N    N  N N 14  
ARG CA   C  N S 15  
ARG C    C  N N 16  
ARG O    O  N N 17  
ARG CB   C  N N 18  
ARG CG   C  N N 19  
ARG CD   C  N N 20  
ARG NE   N  N N 21  
ARG CZ   C  N N 22  
ARG NH1  N  N N 23  
ARG NH2  N  N N 24  
ARG OXT  O  N N 25  
ARG H    H  N N 26  
ARG H2   H  N N 27  
ARG HA   H  N N 28  
ARG HB2  H  N N 29  
ARG HB3  H  N N 30  
ARG HG2  H  N N 31  
ARG HG3  H  N N 32  
ARG HD2  H  N N 33  
ARG HD3  H  N N 34  
ARG HE   H  N N 35  
ARG HH11 H  N N 36  
ARG HH12 H  N N 37  
ARG HH21 H  N N 38  
ARG HH22 H  N N 39  
ARG HXT  H  N N 40  
ASN N    N  N N 41  
ASN CA   C  N S 42  
ASN C    C  N N 43  
ASN O    O  N N 44  
ASN CB   C  N N 45  
ASN CG   C  N N 46  
ASN OD1  O  N N 47  
ASN ND2  N  N N 48  
ASN OXT  O  N N 49  
ASN H    H  N N 50  
ASN H2   H  N N 51  
ASN HA   H  N N 52  
ASN HB2  H  N N 53  
ASN HB3  H  N N 54  
ASN HD21 H  N N 55  
ASN HD22 H  N N 56  
ASN HXT  H  N N 57  
ASP N    N  N N 58  
ASP CA   C  N S 59  
ASP C    C  N N 60  
ASP O    O  N N 61  
ASP CB   C  N N 62  
ASP CG   C  N N 63  
ASP OD1  O  N N 64  
ASP OD2  O  N N 65  
ASP OXT  O  N N 66  
ASP H    H  N N 67  
ASP H2   H  N N 68  
ASP HA   H  N N 69  
ASP HB2  H  N N 70  
ASP HB3  H  N N 71  
ASP HD2  H  N N 72  
ASP HXT  H  N N 73  
CD  CD   CD N N 74  
CYS N    N  N N 75  
CYS CA   C  N R 76  
CYS C    C  N N 77  
CYS O    O  N N 78  
CYS CB   C  N N 79  
CYS SG   S  N N 80  
CYS OXT  O  N N 81  
CYS H    H  N N 82  
CYS H2   H  N N 83  
CYS HA   H  N N 84  
CYS HB2  H  N N 85  
CYS HB3  H  N N 86  
CYS HG   H  N N 87  
CYS HXT  H  N N 88  
GLN N    N  N N 89  
GLN CA   C  N S 90  
GLN C    C  N N 91  
GLN O    O  N N 92  
GLN CB   C  N N 93  
GLN CG   C  N N 94  
GLN CD   C  N N 95  
GLN OE1  O  N N 96  
GLN NE2  N  N N 97  
GLN OXT  O  N N 98  
GLN H    H  N N 99  
GLN H2   H  N N 100 
GLN HA   H  N N 101 
GLN HB2  H  N N 102 
GLN HB3  H  N N 103 
GLN HG2  H  N N 104 
GLN HG3  H  N N 105 
GLN HE21 H  N N 106 
GLN HE22 H  N N 107 
GLN HXT  H  N N 108 
GLU N    N  N N 109 
GLU CA   C  N S 110 
GLU C    C  N N 111 
GLU O    O  N N 112 
GLU CB   C  N N 113 
GLU CG   C  N N 114 
GLU CD   C  N N 115 
GLU OE1  O  N N 116 
GLU OE2  O  N N 117 
GLU OXT  O  N N 118 
GLU H    H  N N 119 
GLU H2   H  N N 120 
GLU HA   H  N N 121 
GLU HB2  H  N N 122 
GLU HB3  H  N N 123 
GLU HG2  H  N N 124 
GLU HG3  H  N N 125 
GLU HE2  H  N N 126 
GLU HXT  H  N N 127 
GLY N    N  N N 128 
GLY CA   C  N N 129 
GLY C    C  N N 130 
GLY O    O  N N 131 
GLY OXT  O  N N 132 
GLY H    H  N N 133 
GLY H2   H  N N 134 
GLY HA2  H  N N 135 
GLY HA3  H  N N 136 
GLY HXT  H  N N 137 
HIS N    N  N N 138 
HIS CA   C  N S 139 
HIS C    C  N N 140 
HIS O    O  N N 141 
HIS CB   C  N N 142 
HIS CG   C  Y N 143 
HIS ND1  N  Y N 144 
HIS CD2  C  Y N 145 
HIS CE1  C  Y N 146 
HIS NE2  N  Y N 147 
HIS OXT  O  N N 148 
HIS H    H  N N 149 
HIS H2   H  N N 150 
HIS HA   H  N N 151 
HIS HB2  H  N N 152 
HIS HB3  H  N N 153 
HIS HD1  H  N N 154 
HIS HD2  H  N N 155 
HIS HE1  H  N N 156 
HIS HE2  H  N N 157 
HIS HXT  H  N N 158 
HOH O    O  N N 159 
HOH H1   H  N N 160 
HOH H2   H  N N 161 
ILE N    N  N N 162 
ILE CA   C  N S 163 
ILE C    C  N N 164 
ILE O    O  N N 165 
ILE CB   C  N S 166 
ILE CG1  C  N N 167 
ILE CG2  C  N N 168 
ILE CD1  C  N N 169 
ILE OXT  O  N N 170 
ILE H    H  N N 171 
ILE H2   H  N N 172 
ILE HA   H  N N 173 
ILE HB   H  N N 174 
ILE HG12 H  N N 175 
ILE HG13 H  N N 176 
ILE HG21 H  N N 177 
ILE HG22 H  N N 178 
ILE HG23 H  N N 179 
ILE HD11 H  N N 180 
ILE HD12 H  N N 181 
ILE HD13 H  N N 182 
ILE HXT  H  N N 183 
LEU N    N  N N 184 
LEU CA   C  N S 185 
LEU C    C  N N 186 
LEU O    O  N N 187 
LEU CB   C  N N 188 
LEU CG   C  N N 189 
LEU CD1  C  N N 190 
LEU CD2  C  N N 191 
LEU OXT  O  N N 192 
LEU H    H  N N 193 
LEU H2   H  N N 194 
LEU HA   H  N N 195 
LEU HB2  H  N N 196 
LEU HB3  H  N N 197 
LEU HG   H  N N 198 
LEU HD11 H  N N 199 
LEU HD12 H  N N 200 
LEU HD13 H  N N 201 
LEU HD21 H  N N 202 
LEU HD22 H  N N 203 
LEU HD23 H  N N 204 
LEU HXT  H  N N 205 
LYS N    N  N N 206 
LYS CA   C  N S 207 
LYS C    C  N N 208 
LYS O    O  N N 209 
LYS CB   C  N N 210 
LYS CG   C  N N 211 
LYS CD   C  N N 212 
LYS CE   C  N N 213 
LYS NZ   N  N N 214 
LYS OXT  O  N N 215 
LYS H    H  N N 216 
LYS H2   H  N N 217 
LYS HA   H  N N 218 
LYS HB2  H  N N 219 
LYS HB3  H  N N 220 
LYS HG2  H  N N 221 
LYS HG3  H  N N 222 
LYS HD2  H  N N 223 
LYS HD3  H  N N 224 
LYS HE2  H  N N 225 
LYS HE3  H  N N 226 
LYS HZ1  H  N N 227 
LYS HZ2  H  N N 228 
LYS HZ3  H  N N 229 
LYS HXT  H  N N 230 
MET N    N  N N 231 
MET CA   C  N S 232 
MET C    C  N N 233 
MET O    O  N N 234 
MET CB   C  N N 235 
MET CG   C  N N 236 
MET SD   S  N N 237 
MET CE   C  N N 238 
MET OXT  O  N N 239 
MET H    H  N N 240 
MET H2   H  N N 241 
MET HA   H  N N 242 
MET HB2  H  N N 243 
MET HB3  H  N N 244 
MET HG2  H  N N 245 
MET HG3  H  N N 246 
MET HE1  H  N N 247 
MET HE2  H  N N 248 
MET HE3  H  N N 249 
MET HXT  H  N N 250 
NWP N1   N  N N 251 
NWP C4   C  N N 252 
NWP C5   C  N N 253 
NWP C6   C  N R 254 
NWP C7   C  N N 255 
NWP C8   C  N N 256 
NWP N    N  N N 257 
NWP C    C  N N 258 
NWP O    O  N N 259 
NWP C1   C  N N 260 
NWP C2   C  N N 261 
NWP C3   C  N N 262 
NWP O1   O  N N 263 
NWP O2   O  N N 264 
NWP S    S  N N 265 
NWP H1   H  N N 266 
NWP H2   H  N N 267 
NWP H3   H  N N 268 
NWP H4   H  N N 269 
NWP H5   H  N N 270 
NWP H6   H  N N 271 
NWP H7   H  N N 272 
NWP H8   H  N N 273 
NWP H9   H  N N 274 
NWP H10  H  N N 275 
NWP H11  H  N N 276 
NWP H12  H  N N 277 
NWP H13  H  N N 278 
NWP H14  H  N N 279 
NWP H15  H  N N 280 
NWP H16  H  N N 281 
NWP H17  H  N N 282 
NWP H18  H  N N 283 
NWP H19  H  N N 284 
NWP H20  H  N N 285 
PHE N    N  N N 286 
PHE CA   C  N S 287 
PHE C    C  N N 288 
PHE O    O  N N 289 
PHE CB   C  N N 290 
PHE CG   C  Y N 291 
PHE CD1  C  Y N 292 
PHE CD2  C  Y N 293 
PHE CE1  C  Y N 294 
PHE CE2  C  Y N 295 
PHE CZ   C  Y N 296 
PHE OXT  O  N N 297 
PHE H    H  N N 298 
PHE H2   H  N N 299 
PHE HA   H  N N 300 
PHE HB2  H  N N 301 
PHE HB3  H  N N 302 
PHE HD1  H  N N 303 
PHE HD2  H  N N 304 
PHE HE1  H  N N 305 
PHE HE2  H  N N 306 
PHE HZ   H  N N 307 
PHE HXT  H  N N 308 
PRO N    N  N N 309 
PRO CA   C  N S 310 
PRO C    C  N N 311 
PRO O    O  N N 312 
PRO CB   C  N N 313 
PRO CG   C  N N 314 
PRO CD   C  N N 315 
PRO OXT  O  N N 316 
PRO H    H  N N 317 
PRO HA   H  N N 318 
PRO HB2  H  N N 319 
PRO HB3  H  N N 320 
PRO HG2  H  N N 321 
PRO HG3  H  N N 322 
PRO HD2  H  N N 323 
PRO HD3  H  N N 324 
PRO HXT  H  N N 325 
SER N    N  N N 326 
SER CA   C  N S 327 
SER C    C  N N 328 
SER O    O  N N 329 
SER CB   C  N N 330 
SER OG   O  N N 331 
SER OXT  O  N N 332 
SER H    H  N N 333 
SER H2   H  N N 334 
SER HA   H  N N 335 
SER HB2  H  N N 336 
SER HB3  H  N N 337 
SER HG   H  N N 338 
SER HXT  H  N N 339 
THR N    N  N N 340 
THR CA   C  N S 341 
THR C    C  N N 342 
THR O    O  N N 343 
THR CB   C  N R 344 
THR OG1  O  N N 345 
THR CG2  C  N N 346 
THR OXT  O  N N 347 
THR H    H  N N 348 
THR H2   H  N N 349 
THR HA   H  N N 350 
THR HB   H  N N 351 
THR HG1  H  N N 352 
THR HG21 H  N N 353 
THR HG22 H  N N 354 
THR HG23 H  N N 355 
THR HXT  H  N N 356 
TRP N    N  N N 357 
TRP CA   C  N S 358 
TRP C    C  N N 359 
TRP O    O  N N 360 
TRP CB   C  N N 361 
TRP CG   C  Y N 362 
TRP CD1  C  Y N 363 
TRP CD2  C  Y N 364 
TRP NE1  N  Y N 365 
TRP CE2  C  Y N 366 
TRP CE3  C  Y N 367 
TRP CZ2  C  Y N 368 
TRP CZ3  C  Y N 369 
TRP CH2  C  Y N 370 
TRP OXT  O  N N 371 
TRP H    H  N N 372 
TRP H2   H  N N 373 
TRP HA   H  N N 374 
TRP HB2  H  N N 375 
TRP HB3  H  N N 376 
TRP HD1  H  N N 377 
TRP HE1  H  N N 378 
TRP HE3  H  N N 379 
TRP HZ2  H  N N 380 
TRP HZ3  H  N N 381 
TRP HH2  H  N N 382 
TRP HXT  H  N N 383 
TYR N    N  N N 384 
TYR CA   C  N S 385 
TYR C    C  N N 386 
TYR O    O  N N 387 
TYR CB   C  N N 388 
TYR CG   C  Y N 389 
TYR CD1  C  Y N 390 
TYR CD2  C  Y N 391 
TYR CE1  C  Y N 392 
TYR CE2  C  Y N 393 
TYR CZ   C  Y N 394 
TYR OH   O  N N 395 
TYR OXT  O  N N 396 
TYR H    H  N N 397 
TYR H2   H  N N 398 
TYR HA   H  N N 399 
TYR HB2  H  N N 400 
TYR HB3  H  N N 401 
TYR HD1  H  N N 402 
TYR HD2  H  N N 403 
TYR HE1  H  N N 404 
TYR HE2  H  N N 405 
TYR HH   H  N N 406 
TYR HXT  H  N N 407 
VAL N    N  N N 408 
VAL CA   C  N S 409 
VAL C    C  N N 410 
VAL O    O  N N 411 
VAL CB   C  N N 412 
VAL CG1  C  N N 413 
VAL CG2  C  N N 414 
VAL OXT  O  N N 415 
VAL H    H  N N 416 
VAL H2   H  N N 417 
VAL HA   H  N N 418 
VAL HB   H  N N 419 
VAL HG11 H  N N 420 
VAL HG12 H  N N 421 
VAL HG13 H  N N 422 
VAL HG21 H  N N 423 
VAL HG22 H  N N 424 
VAL HG23 H  N N 425 
VAL HXT  H  N N 426 
# 
loop_
_chem_comp_bond.comp_id 
_chem_comp_bond.atom_id_1 
_chem_comp_bond.atom_id_2 
_chem_comp_bond.value_order 
_chem_comp_bond.pdbx_aromatic_flag 
_chem_comp_bond.pdbx_stereo_config 
_chem_comp_bond.pdbx_ordinal 
ALA N   CA   sing N N 1   
ALA N   H    sing N N 2   
ALA N   H2   sing N N 3   
ALA CA  C    sing N N 4   
ALA CA  CB   sing N N 5   
ALA CA  HA   sing N N 6   
ALA C   O    doub N N 7   
ALA C   OXT  sing N N 8   
ALA CB  HB1  sing N N 9   
ALA CB  HB2  sing N N 10  
ALA CB  HB3  sing N N 11  
ALA OXT HXT  sing N N 12  
ARG N   CA   sing N N 13  
ARG N   H    sing N N 14  
ARG N   H2   sing N N 15  
ARG CA  C    sing N N 16  
ARG CA  CB   sing N N 17  
ARG CA  HA   sing N N 18  
ARG C   O    doub N N 19  
ARG C   OXT  sing N N 20  
ARG CB  CG   sing N N 21  
ARG CB  HB2  sing N N 22  
ARG CB  HB3  sing N N 23  
ARG CG  CD   sing N N 24  
ARG CG  HG2  sing N N 25  
ARG CG  HG3  sing N N 26  
ARG CD  NE   sing N N 27  
ARG CD  HD2  sing N N 28  
ARG CD  HD3  sing N N 29  
ARG NE  CZ   sing N N 30  
ARG NE  HE   sing N N 31  
ARG CZ  NH1  sing N N 32  
ARG CZ  NH2  doub N N 33  
ARG NH1 HH11 sing N N 34  
ARG NH1 HH12 sing N N 35  
ARG NH2 HH21 sing N N 36  
ARG NH2 HH22 sing N N 37  
ARG OXT HXT  sing N N 38  
ASN N   CA   sing N N 39  
ASN N   H    sing N N 40  
ASN N   H2   sing N N 41  
ASN CA  C    sing N N 42  
ASN CA  CB   sing N N 43  
ASN CA  HA   sing N N 44  
ASN C   O    doub N N 45  
ASN C   OXT  sing N N 46  
ASN CB  CG   sing N N 47  
ASN CB  HB2  sing N N 48  
ASN CB  HB3  sing N N 49  
ASN CG  OD1  doub N N 50  
ASN CG  ND2  sing N N 51  
ASN ND2 HD21 sing N N 52  
ASN ND2 HD22 sing N N 53  
ASN OXT HXT  sing N N 54  
ASP N   CA   sing N N 55  
ASP N   H    sing N N 56  
ASP N   H2   sing N N 57  
ASP CA  C    sing N N 58  
ASP CA  CB   sing N N 59  
ASP CA  HA   sing N N 60  
ASP C   O    doub N N 61  
ASP C   OXT  sing N N 62  
ASP CB  CG   sing N N 63  
ASP CB  HB2  sing N N 64  
ASP CB  HB3  sing N N 65  
ASP CG  OD1  doub N N 66  
ASP CG  OD2  sing N N 67  
ASP OD2 HD2  sing N N 68  
ASP OXT HXT  sing N N 69  
CYS N   CA   sing N N 70  
CYS N   H    sing N N 71  
CYS N   H2   sing N N 72  
CYS CA  C    sing N N 73  
CYS CA  CB   sing N N 74  
CYS CA  HA   sing N N 75  
CYS C   O    doub N N 76  
CYS C   OXT  sing N N 77  
CYS CB  SG   sing N N 78  
CYS CB  HB2  sing N N 79  
CYS CB  HB3  sing N N 80  
CYS SG  HG   sing N N 81  
CYS OXT HXT  sing N N 82  
GLN N   CA   sing N N 83  
GLN N   H    sing N N 84  
GLN N   H2   sing N N 85  
GLN CA  C    sing N N 86  
GLN CA  CB   sing N N 87  
GLN CA  HA   sing N N 88  
GLN C   O    doub N N 89  
GLN C   OXT  sing N N 90  
GLN CB  CG   sing N N 91  
GLN CB  HB2  sing N N 92  
GLN CB  HB3  sing N N 93  
GLN CG  CD   sing N N 94  
GLN CG  HG2  sing N N 95  
GLN CG  HG3  sing N N 96  
GLN CD  OE1  doub N N 97  
GLN CD  NE2  sing N N 98  
GLN NE2 HE21 sing N N 99  
GLN NE2 HE22 sing N N 100 
GLN OXT HXT  sing N N 101 
GLU N   CA   sing N N 102 
GLU N   H    sing N N 103 
GLU N   H2   sing N N 104 
GLU CA  C    sing N N 105 
GLU CA  CB   sing N N 106 
GLU CA  HA   sing N N 107 
GLU C   O    doub N N 108 
GLU C   OXT  sing N N 109 
GLU CB  CG   sing N N 110 
GLU CB  HB2  sing N N 111 
GLU CB  HB3  sing N N 112 
GLU CG  CD   sing N N 113 
GLU CG  HG2  sing N N 114 
GLU CG  HG3  sing N N 115 
GLU CD  OE1  doub N N 116 
GLU CD  OE2  sing N N 117 
GLU OE2 HE2  sing N N 118 
GLU OXT HXT  sing N N 119 
GLY N   CA   sing N N 120 
GLY N   H    sing N N 121 
GLY N   H2   sing N N 122 
GLY CA  C    sing N N 123 
GLY CA  HA2  sing N N 124 
GLY CA  HA3  sing N N 125 
GLY C   O    doub N N 126 
GLY C   OXT  sing N N 127 
GLY OXT HXT  sing N N 128 
HIS N   CA   sing N N 129 
HIS N   H    sing N N 130 
HIS N   H2   sing N N 131 
HIS CA  C    sing N N 132 
HIS CA  CB   sing N N 133 
HIS CA  HA   sing N N 134 
HIS C   O    doub N N 135 
HIS C   OXT  sing N N 136 
HIS CB  CG   sing N N 137 
HIS CB  HB2  sing N N 138 
HIS CB  HB3  sing N N 139 
HIS CG  ND1  sing Y N 140 
HIS CG  CD2  doub Y N 141 
HIS ND1 CE1  doub Y N 142 
HIS ND1 HD1  sing N N 143 
HIS CD2 NE2  sing Y N 144 
HIS CD2 HD2  sing N N 145 
HIS CE1 NE2  sing Y N 146 
HIS CE1 HE1  sing N N 147 
HIS NE2 HE2  sing N N 148 
HIS OXT HXT  sing N N 149 
HOH O   H1   sing N N 150 
HOH O   H2   sing N N 151 
ILE N   CA   sing N N 152 
ILE N   H    sing N N 153 
ILE N   H2   sing N N 154 
ILE CA  C    sing N N 155 
ILE CA  CB   sing N N 156 
ILE CA  HA   sing N N 157 
ILE C   O    doub N N 158 
ILE C   OXT  sing N N 159 
ILE CB  CG1  sing N N 160 
ILE CB  CG2  sing N N 161 
ILE CB  HB   sing N N 162 
ILE CG1 CD1  sing N N 163 
ILE CG1 HG12 sing N N 164 
ILE CG1 HG13 sing N N 165 
ILE CG2 HG21 sing N N 166 
ILE CG2 HG22 sing N N 167 
ILE CG2 HG23 sing N N 168 
ILE CD1 HD11 sing N N 169 
ILE CD1 HD12 sing N N 170 
ILE CD1 HD13 sing N N 171 
ILE OXT HXT  sing N N 172 
LEU N   CA   sing N N 173 
LEU N   H    sing N N 174 
LEU N   H2   sing N N 175 
LEU CA  C    sing N N 176 
LEU CA  CB   sing N N 177 
LEU CA  HA   sing N N 178 
LEU C   O    doub N N 179 
LEU C   OXT  sing N N 180 
LEU CB  CG   sing N N 181 
LEU CB  HB2  sing N N 182 
LEU CB  HB3  sing N N 183 
LEU CG  CD1  sing N N 184 
LEU CG  CD2  sing N N 185 
LEU CG  HG   sing N N 186 
LEU CD1 HD11 sing N N 187 
LEU CD1 HD12 sing N N 188 
LEU CD1 HD13 sing N N 189 
LEU CD2 HD21 sing N N 190 
LEU CD2 HD22 sing N N 191 
LEU CD2 HD23 sing N N 192 
LEU OXT HXT  sing N N 193 
LYS N   CA   sing N N 194 
LYS N   H    sing N N 195 
LYS N   H2   sing N N 196 
LYS CA  C    sing N N 197 
LYS CA  CB   sing N N 198 
LYS CA  HA   sing N N 199 
LYS C   O    doub N N 200 
LYS C   OXT  sing N N 201 
LYS CB  CG   sing N N 202 
LYS CB  HB2  sing N N 203 
LYS CB  HB3  sing N N 204 
LYS CG  CD   sing N N 205 
LYS CG  HG2  sing N N 206 
LYS CG  HG3  sing N N 207 
LYS CD  CE   sing N N 208 
LYS CD  HD2  sing N N 209 
LYS CD  HD3  sing N N 210 
LYS CE  NZ   sing N N 211 
LYS CE  HE2  sing N N 212 
LYS CE  HE3  sing N N 213 
LYS NZ  HZ1  sing N N 214 
LYS NZ  HZ2  sing N N 215 
LYS NZ  HZ3  sing N N 216 
LYS OXT HXT  sing N N 217 
MET N   CA   sing N N 218 
MET N   H    sing N N 219 
MET N   H2   sing N N 220 
MET CA  C    sing N N 221 
MET CA  CB   sing N N 222 
MET CA  HA   sing N N 223 
MET C   O    doub N N 224 
MET C   OXT  sing N N 225 
MET CB  CG   sing N N 226 
MET CB  HB2  sing N N 227 
MET CB  HB3  sing N N 228 
MET CG  SD   sing N N 229 
MET CG  HG2  sing N N 230 
MET CG  HG3  sing N N 231 
MET SD  CE   sing N N 232 
MET CE  HE1  sing N N 233 
MET CE  HE2  sing N N 234 
MET CE  HE3  sing N N 235 
MET OXT HXT  sing N N 236 
NWP C5  O2   sing N N 237 
NWP C5  C4   sing N N 238 
NWP O2  C6   sing N N 239 
NWP C6  C7   sing N N 240 
NWP C6  C8   sing N N 241 
NWP C4  N1   sing N N 242 
NWP C8  N1   sing N N 243 
NWP N1  S    sing N N 244 
NWP C2  C1   sing N N 245 
NWP C3  N    sing N N 246 
NWP S   N    sing N N 247 
NWP S   O    doub N N 248 
NWP S   O1   doub N N 249 
NWP N   C1   sing N N 250 
NWP C1  C    sing N N 251 
NWP C4  H1   sing N N 252 
NWP C4  H2   sing N N 253 
NWP C5  H3   sing N N 254 
NWP C5  H4   sing N N 255 
NWP C6  H5   sing N N 256 
NWP C7  H6   sing N N 257 
NWP C7  H7   sing N N 258 
NWP C7  H8   sing N N 259 
NWP C8  H9   sing N N 260 
NWP C8  H10  sing N N 261 
NWP C   H11  sing N N 262 
NWP C   H12  sing N N 263 
NWP C   H13  sing N N 264 
NWP C1  H14  sing N N 265 
NWP C2  H15  sing N N 266 
NWP C2  H16  sing N N 267 
NWP C2  H17  sing N N 268 
NWP C3  H18  sing N N 269 
NWP C3  H19  sing N N 270 
NWP C3  H20  sing N N 271 
PHE N   CA   sing N N 272 
PHE N   H    sing N N 273 
PHE N   H2   sing N N 274 
PHE CA  C    sing N N 275 
PHE CA  CB   sing N N 276 
PHE CA  HA   sing N N 277 
PHE C   O    doub N N 278 
PHE C   OXT  sing N N 279 
PHE CB  CG   sing N N 280 
PHE CB  HB2  sing N N 281 
PHE CB  HB3  sing N N 282 
PHE CG  CD1  doub Y N 283 
PHE CG  CD2  sing Y N 284 
PHE CD1 CE1  sing Y N 285 
PHE CD1 HD1  sing N N 286 
PHE CD2 CE2  doub Y N 287 
PHE CD2 HD2  sing N N 288 
PHE CE1 CZ   doub Y N 289 
PHE CE1 HE1  sing N N 290 
PHE CE2 CZ   sing Y N 291 
PHE CE2 HE2  sing N N 292 
PHE CZ  HZ   sing N N 293 
PHE OXT HXT  sing N N 294 
PRO N   CA   sing N N 295 
PRO N   CD   sing N N 296 
PRO N   H    sing N N 297 
PRO CA  C    sing N N 298 
PRO CA  CB   sing N N 299 
PRO CA  HA   sing N N 300 
PRO C   O    doub N N 301 
PRO C   OXT  sing N N 302 
PRO CB  CG   sing N N 303 
PRO CB  HB2  sing N N 304 
PRO CB  HB3  sing N N 305 
PRO CG  CD   sing N N 306 
PRO CG  HG2  sing N N 307 
PRO CG  HG3  sing N N 308 
PRO CD  HD2  sing N N 309 
PRO CD  HD3  sing N N 310 
PRO OXT HXT  sing N N 311 
SER N   CA   sing N N 312 
SER N   H    sing N N 313 
SER N   H2   sing N N 314 
SER CA  C    sing N N 315 
SER CA  CB   sing N N 316 
SER CA  HA   sing N N 317 
SER C   O    doub N N 318 
SER C   OXT  sing N N 319 
SER CB  OG   sing N N 320 
SER CB  HB2  sing N N 321 
SER CB  HB3  sing N N 322 
SER OG  HG   sing N N 323 
SER OXT HXT  sing N N 324 
THR N   CA   sing N N 325 
THR N   H    sing N N 326 
THR N   H2   sing N N 327 
THR CA  C    sing N N 328 
THR CA  CB   sing N N 329 
THR CA  HA   sing N N 330 
THR C   O    doub N N 331 
THR C   OXT  sing N N 332 
THR CB  OG1  sing N N 333 
THR CB  CG2  sing N N 334 
THR CB  HB   sing N N 335 
THR OG1 HG1  sing N N 336 
THR CG2 HG21 sing N N 337 
THR CG2 HG22 sing N N 338 
THR CG2 HG23 sing N N 339 
THR OXT HXT  sing N N 340 
TRP N   CA   sing N N 341 
TRP N   H    sing N N 342 
TRP N   H2   sing N N 343 
TRP CA  C    sing N N 344 
TRP CA  CB   sing N N 345 
TRP CA  HA   sing N N 346 
TRP C   O    doub N N 347 
TRP C   OXT  sing N N 348 
TRP CB  CG   sing N N 349 
TRP CB  HB2  sing N N 350 
TRP CB  HB3  sing N N 351 
TRP CG  CD1  doub Y N 352 
TRP CG  CD2  sing Y N 353 
TRP CD1 NE1  sing Y N 354 
TRP CD1 HD1  sing N N 355 
TRP CD2 CE2  doub Y N 356 
TRP CD2 CE3  sing Y N 357 
TRP NE1 CE2  sing Y N 358 
TRP NE1 HE1  sing N N 359 
TRP CE2 CZ2  sing Y N 360 
TRP CE3 CZ3  doub Y N 361 
TRP CE3 HE3  sing N N 362 
TRP CZ2 CH2  doub Y N 363 
TRP CZ2 HZ2  sing N N 364 
TRP CZ3 CH2  sing Y N 365 
TRP CZ3 HZ3  sing N N 366 
TRP CH2 HH2  sing N N 367 
TRP OXT HXT  sing N N 368 
TYR N   CA   sing N N 369 
TYR N   H    sing N N 370 
TYR N   H2   sing N N 371 
TYR CA  C    sing N N 372 
TYR CA  CB   sing N N 373 
TYR CA  HA   sing N N 374 
TYR C   O    doub N N 375 
TYR C   OXT  sing N N 376 
TYR CB  CG   sing N N 377 
TYR CB  HB2  sing N N 378 
TYR CB  HB3  sing N N 379 
TYR CG  CD1  doub Y N 380 
TYR CG  CD2  sing Y N 381 
TYR CD1 CE1  sing Y N 382 
TYR CD1 HD1  sing N N 383 
TYR CD2 CE2  doub Y N 384 
TYR CD2 HD2  sing N N 385 
TYR CE1 CZ   doub Y N 386 
TYR CE1 HE1  sing N N 387 
TYR CE2 CZ   sing Y N 388 
TYR CE2 HE2  sing N N 389 
TYR CZ  OH   sing N N 390 
TYR OH  HH   sing N N 391 
TYR OXT HXT  sing N N 392 
VAL N   CA   sing N N 393 
VAL N   H    sing N N 394 
VAL N   H2   sing N N 395 
VAL CA  C    sing N N 396 
VAL CA  CB   sing N N 397 
VAL CA  HA   sing N N 398 
VAL C   O    doub N N 399 
VAL C   OXT  sing N N 400 
VAL CB  CG1  sing N N 401 
VAL CB  CG2  sing N N 402 
VAL CB  HB   sing N N 403 
VAL CG1 HG11 sing N N 404 
VAL CG1 HG12 sing N N 405 
VAL CG1 HG13 sing N N 406 
VAL CG2 HG21 sing N N 407 
VAL CG2 HG22 sing N N 408 
VAL CG2 HG23 sing N N 409 
VAL OXT HXT  sing N N 410 
# 
_pdbx_deposit_group.group_id            G_1002080 
_pdbx_deposit_group.group_description   
;Human Brachyury screened against the DSI-poised Fragment Library by X-ray Crystallography at the XChem facility of Diamond Light Source beamline I04-1
;
_pdbx_deposit_group.group_title         'PanDDA analysis group deposition' 
_pdbx_deposit_group.group_type          'changed state' 
# 
_pdbx_entity_instance_feature.ordinal        1 
_pdbx_entity_instance_feature.comp_id        NWP 
_pdbx_entity_instance_feature.asym_id        ? 
_pdbx_entity_instance_feature.seq_num        ? 
_pdbx_entity_instance_feature.auth_comp_id   NWP 
_pdbx_entity_instance_feature.auth_asym_id   ? 
_pdbx_entity_instance_feature.auth_seq_num   ? 
_pdbx_entity_instance_feature.feature_type   'SUBJECT OF INVESTIGATION' 
_pdbx_entity_instance_feature.details        ? 
# 
_atom_sites.entry_id                    5QRJ 
_atom_sites.fract_transf_matrix[1][1]   0.01216773 
_atom_sites.fract_transf_matrix[1][2]   -0.01111772 
_atom_sites.fract_transf_matrix[1][3]   -0.00227281 
_atom_sites.fract_transf_matrix[2][1]   -0.00869208 
_atom_sites.fract_transf_matrix[2][2]   -0.00698909 
_atom_sites.fract_transf_matrix[2][3]   -0.01234599 
_atom_sites.fract_transf_matrix[3][1]   0.00399257 
_atom_sites.fract_transf_matrix[3][2]   0.00559137 
_atom_sites.fract_transf_matrix[3][3]   -0.00597622 
_atom_sites.fract_transf_vector[1]      0.344717 
_atom_sites.fract_transf_vector[2]      -0.021263 
_atom_sites.fract_transf_vector[3]      0.059901 
# 
loop_
_atom_type.symbol 
C  
CD 
N  
O  
S  
# 
loop_
_atom_site.group_PDB 
_atom_site.id 
_atom_site.type_symbol 
_atom_site.label_atom_id 
_atom_site.label_alt_id 
_atom_site.label_comp_id 
_atom_site.label_asym_id 
_atom_site.label_entity_id 
_atom_site.label_seq_id 
_atom_site.pdbx_PDB_ins_code 
_atom_site.Cartn_x 
_atom_site.Cartn_y 
_atom_site.Cartn_z 
_atom_site.occupancy 
_atom_site.B_iso_or_equiv 
_atom_site.pdbx_formal_charge 
_atom_site.auth_seq_id 
_atom_site.auth_comp_id 
_atom_site.auth_asym_id 
_atom_site.auth_atom_id 
_atom_site.pdbx_PDB_model_num 
ATOM   1    N  N   . GLU A 1 2   ? 24.380  -0.985  2.826   1.00 74.73  ? 41  GLU A N   1 
ATOM   2    C  CA  . GLU A 1 2   ? 23.187  -1.880  2.786   1.00 72.05  ? 41  GLU A CA  1 
ATOM   3    C  C   . GLU A 1 2   ? 21.953  -1.034  2.425   1.00 65.67  ? 41  GLU A C   1 
ATOM   4    O  O   . GLU A 1 2   ? 21.800  0.085   2.969   1.00 57.63  ? 41  GLU A O   1 
ATOM   5    C  CB  . GLU A 1 2   ? 23.019  -2.619  4.123   1.00 79.06  ? 41  GLU A CB  1 
ATOM   6    C  CG  . GLU A 1 2   ? 22.548  -4.065  3.993   1.00 81.04  ? 41  GLU A CG  1 
ATOM   7    C  CD  . GLU A 1 2   ? 23.641  -5.089  3.715   1.00 87.46  ? 41  GLU A CD  1 
ATOM   8    O  OE1 . GLU A 1 2   ? 23.870  -5.976  4.572   1.00 87.19  ? 41  GLU A OE1 1 
ATOM   9    O  OE2 . GLU A 1 2   ? 24.258  -5.009  2.634   1.00 90.59  ? 41  GLU A OE2 1 
ATOM   10   N  N   . LEU A 1 3   ? 21.128  -1.546  1.510   1.00 57.68  ? 42  LEU A N   1 
ATOM   11   C  CA  . LEU A 1 3   ? 19.837  -0.936  1.101   1.00 56.91  ? 42  LEU A CA  1 
ATOM   12   C  C   . LEU A 1 3   ? 18.864  -0.964  2.284   1.00 50.61  ? 42  LEU A C   1 
ATOM   13   O  O   . LEU A 1 3   ? 18.497  -2.063  2.702   1.00 52.37  ? 42  LEU A O   1 
ATOM   14   C  CB  . LEU A 1 3   ? 19.289  -1.727  -0.087  1.00 56.33  ? 42  LEU A CB  1 
ATOM   15   C  CG  . LEU A 1 3   ? 17.924  -1.285  -0.607  1.00 59.05  ? 42  LEU A CG  1 
ATOM   16   C  CD1 . LEU A 1 3   ? 17.747  0.220   -0.511  1.00 58.14  ? 42  LEU A CD1 1 
ATOM   17   C  CD2 . LEU A 1 3   ? 17.743  -1.740  -2.046  1.00 62.51  ? 42  LEU A CD2 1 
ATOM   18   N  N   . ARG A 1 4   ? 18.492  0.206   2.807   1.00 46.39  ? 43  ARG A N   1 
ATOM   19   C  CA  . ARG A 1 4   ? 17.579  0.351   3.973   1.00 44.34  ? 43  ARG A CA  1 
ATOM   20   C  C   . ARG A 1 4   ? 16.249  0.963   3.507   1.00 43.69  ? 43  ARG A C   1 
ATOM   21   O  O   . ARG A 1 4   ? 16.267  2.049   2.870   1.00 42.04  ? 43  ARG A O   1 
ATOM   22   C  CB  . ARG A 1 4   ? 18.250  1.209   5.047   1.00 39.56  ? 43  ARG A CB  1 
ATOM   23   N  N   . VAL A 1 5   ? 15.131  0.291   3.803   1.00 44.76  ? 44  VAL A N   1 
ATOM   24   C  CA  . VAL A 1 5   ? 13.753  0.810   3.551   1.00 42.76  ? 44  VAL A CA  1 
ATOM   25   C  C   . VAL A 1 5   ? 13.083  1.087   4.898   1.00 44.52  ? 44  VAL A C   1 
ATOM   26   O  O   . VAL A 1 5   ? 13.040  0.162   5.709   1.00 45.45  ? 44  VAL A O   1 
ATOM   27   C  CB  . VAL A 1 5   ? 12.905  -0.172  2.718   1.00 44.61  ? 44  VAL A CB  1 
ATOM   28   C  CG1 . VAL A 1 5   ? 11.503  0.377   2.473   1.00 41.36  ? 44  VAL A CG1 1 
ATOM   29   C  CG2 . VAL A 1 5   ? 13.577  -0.530  1.401   1.00 42.46  ? 44  VAL A CG2 1 
ATOM   30   N  N   . GLY A 1 6   ? 12.524  2.286   5.074   1.00 43.08  ? 45  GLY A N   1 
ATOM   31   C  CA  . GLY A 1 6   ? 11.809  2.712   6.289   1.00 42.59  ? 45  GLY A CA  1 
ATOM   32   C  C   . GLY A 1 6   ? 10.499  3.418   5.970   1.00 42.30  ? 45  GLY A C   1 
ATOM   33   O  O   . GLY A 1 6   ? 10.391  4.089   4.920   1.00 38.25  ? 45  GLY A O   1 
ATOM   34   N  N   . LEU A 1 7   ? 9.523   3.286   6.865   1.00 38.26  ? 46  LEU A N   1 
ATOM   35   C  CA  . LEU A 1 7   ? 8.199   3.927   6.729   1.00 37.90  ? 46  LEU A CA  1 
ATOM   36   C  C   . LEU A 1 7   ? 8.282   5.333   7.325   1.00 38.72  ? 46  LEU A C   1 
ATOM   37   O  O   . LEU A 1 7   ? 8.694   5.451   8.485   1.00 41.63  ? 46  LEU A O   1 
ATOM   38   C  CB  . LEU A 1 7   ? 7.166   3.059   7.453   1.00 37.75  ? 46  LEU A CB  1 
ATOM   39   C  CG  . LEU A 1 7   ? 5.734   3.569   7.425   1.00 34.65  ? 46  LEU A CG  1 
ATOM   40   C  CD1 . LEU A 1 7   ? 5.227   3.701   6.003   1.00 33.07  ? 46  LEU A CD1 1 
ATOM   41   C  CD2 . LEU A 1 7   ? 4.831   2.648   8.221   1.00 35.15  ? 46  LEU A CD2 1 
ATOM   42   N  N   . GLU A 1 8   ? 7.954   6.360   6.541   1.00 36.09  ? 47  GLU A N   1 
ATOM   43   C  CA  . GLU A 1 8   ? 7.839   7.756   7.030   1.00 39.10  ? 47  GLU A CA  1 
ATOM   44   C  C   . GLU A 1 8   ? 6.483   7.847   7.746   1.00 40.60  ? 47  GLU A C   1 
ATOM   45   O  O   . GLU A 1 8   ? 5.541   7.143   7.313   1.00 34.45  ? 47  GLU A O   1 
ATOM   46   C  CB  . GLU A 1 8   ? 8.037   8.719   5.850   1.00 44.84  ? 47  GLU A CB  1 
ATOM   47   C  CG  . GLU A 1 8   ? 7.815   10.190  6.176   1.00 50.57  ? 47  GLU A CG  1 
ATOM   48   C  CD  . GLU A 1 8   ? 9.011   10.925  6.769   1.00 55.41  ? 47  GLU A CD  1 
ATOM   49   O  OE1 . GLU A 1 8   ? 9.977   10.244  7.172   1.00 54.67  ? 47  GLU A OE1 1 
ATOM   50   O  OE2 . GLU A 1 8   ? 8.973   12.184  6.834   1.00 60.49  ? 47  GLU A OE2 1 
ATOM   51   N  N   . GLU A 1 9   ? 6.416   8.607   8.846   1.00 36.58  ? 48  GLU A N   1 
ATOM   52   C  CA  . GLU A 1 9   ? 5.188   8.838   9.658   1.00 41.55  ? 48  GLU A CA  1 
ATOM   53   C  C   . GLU A 1 9   ? 4.649   7.520   10.226  1.00 39.67  ? 48  GLU A C   1 
ATOM   54   O  O   . GLU A 1 9   ? 3.420   7.355   10.227  1.00 39.10  ? 48  GLU A O   1 
ATOM   55   C  CB  . GLU A 1 9   ? 4.093   9.502   8.815   1.00 44.94  ? 48  GLU A CB  1 
ATOM   56   C  CG  . GLU A 1 9   ? 4.533   10.780  8.122   1.00 49.61  ? 48  GLU A CG  1 
ATOM   57   C  CD  . GLU A 1 9   ? 3.425   11.547  7.419   1.00 56.98  ? 48  GLU A CD  1 
ATOM   58   O  OE1 . GLU A 1 9   ? 2.375   11.797  8.050   1.00 64.54  ? 48  GLU A OE1 1 
ATOM   59   O  OE2 . GLU A 1 9   ? 3.608   11.882  6.233   1.00 60.19  ? 48  GLU A OE2 1 
ATOM   60   N  N   . SER A 1 10  ? 5.502   6.616   10.729  1.00 37.65  ? 49  SER A N   1 
ATOM   61   C  CA  . SER A 1 10  ? 5.027   5.335   11.320  1.00 38.84  ? 49  SER A CA  1 
ATOM   62   C  C   . SER A 1 10  ? 4.103   5.629   12.506  1.00 35.61  ? 49  SER A C   1 
ATOM   63   O  O   . SER A 1 10  ? 3.085   4.954   12.604  1.00 36.65  ? 49  SER A O   1 
ATOM   64   C  CB  . SER A 1 10  ? 6.153   4.396   11.713  1.00 39.74  ? 49  SER A CB  1 
ATOM   65   O  OG  . SER A 1 10  ? 7.105   5.085   12.505  1.00 44.82  ? 49  SER A OG  1 
ATOM   66   N  N   . GLU A 1 11  ? 4.425   6.595   13.373  1.00 38.00  ? 50  GLU A N   1 
ATOM   67   C  CA  . GLU A 1 11  ? 3.588   6.883   14.580  1.00 45.81  ? 50  GLU A CA  1 
ATOM   68   C  C   . GLU A 1 11  ? 2.127   7.129   14.161  1.00 39.80  ? 50  GLU A C   1 
ATOM   69   O  O   . GLU A 1 11  ? 1.225   6.689   14.895  1.00 44.98  ? 50  GLU A O   1 
ATOM   70   C  CB  . GLU A 1 11  ? 4.143   8.045   15.410  1.00 47.65  ? 50  GLU A CB  1 
ATOM   71   C  CG  . GLU A 1 11  ? 3.750   9.414   14.907  1.00 55.33  ? 50  GLU A CG  1 
ATOM   72   C  CD  . GLU A 1 11  ? 2.377   9.915   15.346  1.00 53.89  ? 50  GLU A CD  1 
ATOM   73   O  OE1 . GLU A 1 11  ? 1.715   10.554  14.520  1.00 60.06  ? 50  GLU A OE1 1 
ATOM   74   O  OE2 . GLU A 1 11  ? 1.978   9.679   16.516  1.00 52.80  ? 50  GLU A OE2 1 
ATOM   75   N  N   . LEU A 1 12  ? 1.896   7.736   12.999  1.00 37.60  ? 51  LEU A N   1 
ATOM   76   C  CA  . LEU A 1 12  ? 0.526   8.068   12.521  1.00 41.80  ? 51  LEU A CA  1 
ATOM   77   C  C   . LEU A 1 12  ? -0.152  6.799   11.996  1.00 38.66  ? 51  LEU A C   1 
ATOM   78   O  O   . LEU A 1 12  ? -1.307  6.548   12.345  1.00 34.34  ? 51  LEU A O   1 
ATOM   79   C  CB  . LEU A 1 12  ? 0.574   9.125   11.414  1.00 44.64  ? 51  LEU A CB  1 
ATOM   80   C  CG  . LEU A 1 12  ? -0.807  9.504   10.868  1.00 47.28  ? 51  LEU A CG  1 
ATOM   81   C  CD1 . LEU A 1 12  ? -1.706  10.013  11.989  1.00 44.24  ? 51  LEU A CD1 1 
ATOM   82   C  CD2 . LEU A 1 12  ? -0.709  10.518  9.744   1.00 49.40  ? 51  LEU A CD2 1 
ATOM   83   N  N   . TRP A 1 13  ? 0.549   6.038   11.157  1.00 36.95  ? 52  TRP A N   1 
ATOM   84   C  CA  . TRP A 1 13  ? 0.050   4.734   10.662  1.00 33.01  ? 52  TRP A CA  1 
ATOM   85   C  C   . TRP A 1 13  ? -0.341  3.846   11.843  1.00 34.51  ? 52  TRP A C   1 
ATOM   86   O  O   . TRP A 1 13  ? -1.351  3.145   11.716  1.00 34.57  ? 52  TRP A O   1 
ATOM   87   C  CB  . TRP A 1 13  ? 1.084   4.041   9.782   1.00 29.62  ? 52  TRP A CB  1 
ATOM   88   C  CG  . TRP A 1 13  ? 1.099   4.511   8.368   1.00 25.70  ? 52  TRP A CG  1 
ATOM   89   C  CD1 . TRP A 1 13  ? 2.040   5.314   7.807   1.00 25.84  ? 52  TRP A CD1 1 
ATOM   90   C  CD2 . TRP A 1 13  ? 0.187   4.154   7.309   1.00 25.78  ? 52  TRP A CD2 1 
ATOM   91   N  NE1 . TRP A 1 13  ? 1.755   5.515   6.484   1.00 28.09  ? 52  TRP A NE1 1 
ATOM   92   C  CE2 . TRP A 1 13  ? 0.642   4.799   6.142   1.00 25.21  ? 52  TRP A CE2 1 
ATOM   93   C  CE3 . TRP A 1 13  ? -0.961  3.363   7.225   1.00 24.86  ? 52  TRP A CE3 1 
ATOM   94   C  CZ2 . TRP A 1 13  ? -0.002  4.675   4.915   1.00 26.70  ? 52  TRP A CZ2 1 
ATOM   95   C  CZ3 . TRP A 1 13  ? -1.593  3.222   6.009   1.00 26.09  ? 52  TRP A CZ3 1 
ATOM   96   C  CH2 . TRP A 1 13  ? -1.124  3.885   4.867   1.00 27.92  ? 52  TRP A CH2 1 
ATOM   97   N  N   . LEU A 1 14  ? 0.425   3.873   12.933  1.00 34.97  ? 53  LEU A N   1 
ATOM   98   C  CA  . LEU A 1 14  ? 0.163   3.013   14.125  1.00 37.97  ? 53  LEU A CA  1 
ATOM   99   C  C   . LEU A 1 14  ? -1.138  3.418   14.843  1.00 40.31  ? 53  LEU A C   1 
ATOM   100  O  O   . LEU A 1 14  ? -1.799  2.499   15.398  1.00 38.74  ? 53  LEU A O   1 
ATOM   101  C  CB  . LEU A 1 14  ? 1.379   3.061   15.055  1.00 41.18  ? 53  LEU A CB  1 
ATOM   102  C  CG  . LEU A 1 14  ? 2.455   2.003   14.787  1.00 45.22  ? 53  LEU A CG  1 
ATOM   103  C  CD1 . LEU A 1 14  ? 2.730   1.815   13.297  1.00 51.89  ? 53  LEU A CD1 1 
ATOM   104  C  CD2 . LEU A 1 14  ? 3.741   2.349   15.513  1.00 45.32  ? 53  LEU A CD2 1 
ATOM   105  N  N   . ARG A 1 15  ? -1.508  4.709   14.837  1.00 40.79  ? 54  ARG A N   1 
ATOM   106  C  CA  . ARG A 1 15  ? -2.830  5.177   15.343  1.00 45.30  ? 54  ARG A CA  1 
ATOM   107  C  C   . ARG A 1 15  ? -3.934  4.480   14.538  1.00 39.11  ? 54  ARG A C   1 
ATOM   108  O  O   . ARG A 1 15  ? -4.934  4.084   15.145  1.00 41.34  ? 54  ARG A O   1 
ATOM   109  C  CB  . ARG A 1 15  ? -3.047  6.691   15.200  1.00 51.22  ? 54  ARG A CB  1 
ATOM   110  C  CG  . ARG A 1 15  ? -1.939  7.580   15.758  1.00 59.95  ? 54  ARG A CG  1 
ATOM   111  C  CD  . ARG A 1 15  ? -2.113  7.958   17.214  1.00 59.89  ? 54  ARG A CD  1 
ATOM   112  N  NE  . ARG A 1 15  ? -3.242  8.845   17.456  1.00 62.06  ? 54  ARG A NE  1 
ATOM   113  C  CZ  . ARG A 1 15  ? -3.235  10.166  17.298  1.00 64.09  ? 54  ARG A CZ  1 
ATOM   114  N  NH1 . ARG A 1 15  ? -2.154  10.794  16.859  1.00 63.48  ? 54  ARG A NH1 1 
ATOM   115  N  NH2 . ARG A 1 15  ? -4.333  10.850  17.566  1.00 65.38  ? 54  ARG A NH2 1 
ATOM   116  N  N   . PHE A 1 16  ? -3.777  4.381   13.215  1.00 31.26  ? 55  PHE A N   1 
ATOM   117  C  CA  . PHE A 1 16  ? -4.790  3.769   12.309  1.00 31.73  ? 55  PHE A CA  1 
ATOM   118  C  C   . PHE A 1 16  ? -4.816  2.264   12.522  1.00 32.88  ? 55  PHE A C   1 
ATOM   119  O  O   . PHE A 1 16  ? -5.917  1.645   12.643  1.00 31.73  ? 55  PHE A O   1 
ATOM   120  C  CB  . PHE A 1 16  ? -4.494  4.085   10.847  1.00 32.00  ? 55  PHE A CB  1 
ATOM   121  C  CG  . PHE A 1 16  ? -4.922  5.471   10.464  1.00 31.56  ? 55  PHE A CG  1 
ATOM   122  C  CD1 . PHE A 1 16  ? -6.242  5.722   10.117  1.00 32.09  ? 55  PHE A CD1 1 
ATOM   123  C  CD2 . PHE A 1 16  ? -4.036  6.528   10.532  1.00 30.77  ? 55  PHE A CD2 1 
ATOM   124  C  CE1 . PHE A 1 16  ? -6.642  7.007   9.782   1.00 32.80  ? 55  PHE A CE1 1 
ATOM   125  C  CE2 . PHE A 1 16  ? -4.437  7.814   10.195  1.00 31.02  ? 55  PHE A CE2 1 
ATOM   126  C  CZ  . PHE A 1 16  ? -5.742  8.052   9.845   1.00 33.37  ? 55  PHE A CZ  1 
ATOM   127  N  N   . LYS A 1 17  ? -3.616  1.676   12.556  1.00 32.02  ? 56  LYS A N   1 
ATOM   128  C  CA  . LYS A 1 17  ? -3.473  0.214   12.724  1.00 34.19  ? 56  LYS A CA  1 
ATOM   129  C  C   . LYS A 1 17  ? -4.095  -0.197  14.052  1.00 31.28  ? 56  LYS A C   1 
ATOM   130  O  O   . LYS A 1 17  ? -4.789  -1.210  14.040  1.00 33.32  ? 56  LYS A O   1 
ATOM   131  C  CB  . LYS A 1 17  ? -2.026  -0.286  12.646  1.00 34.04  ? 56  LYS A CB  1 
ATOM   132  C  CG  . LYS A 1 17  ? -1.948  -1.788  12.832  1.00 36.81  ? 56  LYS A CG  1 
ATOM   133  C  CD  . LYS A 1 17  ? -0.795  -2.453  12.183  1.00 41.96  ? 56  LYS A CD  1 
ATOM   134  C  CE  . LYS A 1 17  ? -0.850  -3.950  12.361  1.00 40.82  ? 56  LYS A CE  1 
ATOM   135  N  NZ  . LYS A 1 17  ? 0.524   -4.487  12.325  1.00 43.48  ? 56  LYS A NZ  1 
ATOM   136  N  N   . GLU A 1 18  ? -3.871  0.528   15.154  1.00 35.93  ? 57  GLU A N   1 
ATOM   137  C  CA  . GLU A 1 18  ? -4.370  0.042   16.476  1.00 40.06  ? 57  GLU A CA  1 
ATOM   138  C  C   . GLU A 1 18  ? -5.913  0.030   16.489  1.00 39.23  ? 57  GLU A C   1 
ATOM   139  O  O   . GLU A 1 18  ? -6.459  -0.718  17.312  1.00 39.33  ? 57  GLU A O   1 
ATOM   140  C  CB  . GLU A 1 18  ? -3.700  0.759   17.650  1.00 46.74  ? 57  GLU A CB  1 
ATOM   141  C  CG  . GLU A 1 18  ? -3.947  2.244   17.771  1.00 55.39  ? 57  GLU A CG  1 
ATOM   142  C  CD  . GLU A 1 18  ? -2.973  2.950   18.714  1.00 64.84  ? 57  GLU A CD  1 
ATOM   143  O  OE1 . GLU A 1 18  ? -1.948  2.324   19.102  1.00 66.83  ? 57  GLU A OE1 1 
ATOM   144  O  OE2 . GLU A 1 18  ? -3.229  4.130   19.065  1.00 54.21  ? 57  GLU A OE2 1 
ATOM   145  N  N   . LEU A 1 19  ? -6.590  0.709   15.546  1.00 40.44  ? 58  LEU A N   1 
ATOM   146  C  CA  . LEU A 1 19  ? -8.086  0.738   15.421  1.00 39.91  ? 58  LEU A CA  1 
ATOM   147  C  C   . LEU A 1 19  ? -8.578  -0.234  14.353  1.00 38.05  ? 58  LEU A C   1 
ATOM   148  O  O   . LEU A 1 19  ? -9.815  -0.308  14.155  1.00 36.32  ? 58  LEU A O   1 
ATOM   149  C  CB  . LEU A 1 19  ? -8.559  2.144   15.031  1.00 41.70  ? 58  LEU A CB  1 
ATOM   150  C  CG  . LEU A 1 19  ? -8.100  3.289   15.929  1.00 42.59  ? 58  LEU A CG  1 
ATOM   151  C  CD1 . LEU A 1 19  ? -8.440  4.628   15.288  1.00 47.10  ? 58  LEU A CD1 1 
ATOM   152  C  CD2 . LEU A 1 19  ? -8.705  3.185   17.317  1.00 43.58  ? 58  LEU A CD2 1 
ATOM   153  N  N   . THR A 1 20  ? -7.667  -0.914  13.649  1.00 31.95  ? 59  THR A N   1 
ATOM   154  C  CA  . THR A 1 20  ? -7.934  -1.602  12.358  1.00 31.29  ? 59  THR A CA  1 
ATOM   155  C  C   . THR A 1 20  ? -8.196  -0.579  11.247  1.00 33.58  ? 59  THR A C   1 
ATOM   156  O  O   . THR A 1 20  ? -9.283  0.068   11.225  1.00 31.02  ? 59  THR A O   1 
ATOM   157  C  CB  . THR A 1 20  ? -9.087  -2.597  12.455  1.00 32.23  ? 59  THR A CB  1 
ATOM   158  O  OG1 . THR A 1 20  ? -8.871  -3.426  13.595  1.00 35.79  ? 59  THR A OG1 1 
ATOM   159  C  CG2 . THR A 1 20  ? -9.216  -3.440  11.216  1.00 33.03  ? 59  THR A CG2 1 
ATOM   160  N  N   . ASN A 1 21  ? -7.249  -0.461  10.320  1.00 29.77  ? 60  ASN A N   1 
ATOM   161  C  CA  . ASN A 1 21  ? -7.241  0.605   9.296   1.00 31.00  ? 60  ASN A CA  1 
ATOM   162  C  C   . ASN A 1 21  ? -8.224  0.176   8.198   1.00 30.76  ? 60  ASN A C   1 
ATOM   163  O  O   . ASN A 1 21  ? -8.393  -1.031  7.999   1.00 29.93  ? 60  ASN A O   1 
ATOM   164  C  CB  . ASN A 1 21  ? -5.824  0.879   8.785   1.00 30.29  ? 60  ASN A CB  1 
ATOM   165  C  CG  . ASN A 1 21  ? -5.673  2.240   8.133   1.00 38.05  ? 60  ASN A CG  1 
ATOM   166  O  OD1 . ASN A 1 21  ? -6.670  2.943   7.906   1.00 38.04  ? 60  ASN A OD1 1 
ATOM   167  N  ND2 . ASN A 1 21  ? -4.429  2.635   7.876   1.00 32.68  ? 60  ASN A ND2 1 
ATOM   168  N  N   . GLU A 1 22  ? -8.906  1.129   7.570   1.00 29.47  ? 61  GLU A N   1 
ATOM   169  C  CA  . GLU A 1 22  ? -9.797  0.869   6.408   1.00 27.59  ? 61  GLU A CA  1 
ATOM   170  C  C   . GLU A 1 22  ? -9.392  1.811   5.288   1.00 28.91  ? 61  GLU A C   1 
ATOM   171  O  O   . GLU A 1 22  ? -9.054  2.984   5.610   1.00 33.21  ? 61  GLU A O   1 
ATOM   172  C  CB  . GLU A 1 22  ? -11.280 1.075   6.766   1.00 31.60  ? 61  GLU A CB  1 
ATOM   173  C  CG  . GLU A 1 22  ? -11.691 0.530   8.121   1.00 33.03  ? 61  GLU A CG  1 
ATOM   174  C  CD  . GLU A 1 22  ? -13.149 0.750   8.532   1.00 33.41  ? 61  GLU A CD  1 
ATOM   175  O  OE1 . GLU A 1 22  ? -13.450 0.600   9.728   1.00 34.16  ? 61  GLU A OE1 1 
ATOM   176  O  OE2 . GLU A 1 22  ? -13.968 1.065   7.665   1.00 35.81  ? 61  GLU A OE2 1 
ATOM   177  N  N   . MET A 1 23  ? -9.464  1.353   4.039   1.00 29.22  ? 62  MET A N   1 
ATOM   178  C  CA  . MET A 1 23  ? -9.225  2.192   2.850   1.00 31.60  ? 62  MET A CA  1 
ATOM   179  C  C   . MET A 1 23  ? -10.434 2.056   1.935   1.00 32.20  ? 62  MET A C   1 
ATOM   180  O  O   . MET A 1 23  ? -10.927 0.925   1.716   1.00 30.06  ? 62  MET A O   1 
ATOM   181  C  CB  . MET A 1 23  ? -7.962  1.811   2.063   1.00 32.41  ? 62  MET A CB  1 
ATOM   182  C  CG  . MET A 1 23  ? -6.669  2.080   2.789   1.00 32.83  ? 62  MET A CG  1 
ATOM   183  S  SD  . MET A 1 23  ? -6.205  3.844   2.936   1.00 30.80  ? 62  MET A SD  1 
ATOM   184  C  CE  . MET A 1 23  ? -4.902  3.681   4.148   1.00 28.84  ? 62  MET A CE  1 
ATOM   185  N  N   . ILE A 1 24  ? -10.899 3.190   1.422   1.00 30.45  ? 63  ILE A N   1 
ATOM   186  C  CA  . ILE A 1 24  ? -12.066 3.209   0.507   1.00 33.98  ? 63  ILE A CA  1 
ATOM   187  C  C   . ILE A 1 24  ? -11.609 2.777   -0.871  1.00 33.52  ? 63  ILE A C   1 
ATOM   188  O  O   . ILE A 1 24  ? -10.591 3.309   -1.357  1.00 33.72  ? 63  ILE A O   1 
ATOM   189  C  CB  . ILE A 1 24  ? -12.706 4.601   0.422   1.00 37.44  ? 63  ILE A CB  1 
ATOM   190  C  CG1 . ILE A 1 24  ? -13.096 5.106   1.805   1.00 38.68  ? 63  ILE A CG1 1 
ATOM   191  C  CG2 . ILE A 1 24  ? -13.888 4.536   -0.538  1.00 38.84  ? 63  ILE A CG2 1 
ATOM   192  C  CD1 . ILE A 1 24  ? -14.293 4.427   2.371   1.00 38.32  ? 63  ILE A CD1 1 
ATOM   193  N  N   . VAL A 1 25  ? -12.413 1.917   -1.480  1.00 34.98  ? 64  VAL A N   1 
ATOM   194  C  CA  . VAL A 1 25  ? -12.310 1.498   -2.900  1.00 38.23  ? 64  VAL A CA  1 
ATOM   195  C  C   . VAL A 1 25  ? -13.599 1.924   -3.616  1.00 40.95  ? 64  VAL A C   1 
ATOM   196  O  O   . VAL A 1 25  ? -14.661 1.850   -3.000  1.00 43.43  ? 64  VAL A O   1 
ATOM   197  C  CB  . VAL A 1 25  ? -12.051 -0.009  -2.940  1.00 37.53  ? 64  VAL A CB  1 
ATOM   198  C  CG1 . VAL A 1 25  ? -10.773 -0.322  -2.182  1.00 38.97  ? 64  VAL A CG1 1 
ATOM   199  C  CG2 . VAL A 1 25  ? -13.211 -0.803  -2.360  1.00 40.48  ? 64  VAL A CG2 1 
ATOM   200  N  N   . THR A 1 26  ? -13.479 2.432   -4.839  1.00 41.20  ? 65  THR A N   1 
ATOM   201  C  CA  . THR A 1 26  ? -14.603 2.951   -5.660  1.00 46.12  ? 65  THR A CA  1 
ATOM   202  C  C   . THR A 1 26  ? -14.419 2.395   -7.064  1.00 52.48  ? 65  THR A C   1 
ATOM   203  O  O   . THR A 1 26  ? -13.320 1.855   -7.333  1.00 46.16  ? 65  THR A O   1 
ATOM   204  C  CB  . THR A 1 26  ? -14.655 4.487   -5.720  1.00 41.14  ? 65  THR A CB  1 
ATOM   205  O  OG1 . THR A 1 26  ? -13.577 4.926   -6.547  1.00 43.18  ? 65  THR A OG1 1 
ATOM   206  C  CG2 . THR A 1 26  ? -14.598 5.143   -4.361  1.00 39.00  ? 65  THR A CG2 1 
ATOM   207  N  N   . LYS A 1 27  ? -15.432 2.542   -7.922  1.00 56.13  ? 66  LYS A N   1 
ATOM   208  C  CA  . LYS A 1 27  ? -15.374 2.049   -9.321  1.00 57.83  ? 66  LYS A CA  1 
ATOM   209  C  C   . LYS A 1 27  ? -14.246 2.784   -10.050 1.00 52.85  ? 66  LYS A C   1 
ATOM   210  O  O   . LYS A 1 27  ? -13.507 2.125   -10.799 1.00 53.96  ? 66  LYS A O   1 
ATOM   211  C  CB  . LYS A 1 27  ? -16.719 2.245   -10.029 1.00 65.53  ? 66  LYS A CB  1 
ATOM   212  C  CG  . LYS A 1 27  ? -16.731 1.844   -11.498 1.00 68.04  ? 66  LYS A CG  1 
ATOM   213  C  CD  . LYS A 1 27  ? -18.104 1.468   -12.035 1.00 78.12  ? 66  LYS A CD  1 
ATOM   214  C  CE  . LYS A 1 27  ? -18.037 0.483   -13.190 1.00 81.61  ? 66  LYS A CE  1 
ATOM   215  N  NZ  . LYS A 1 27  ? -17.414 1.084   -14.395 1.00 83.42  ? 66  LYS A NZ  1 
ATOM   216  N  N   . ASN A 1 28  ? -14.112 4.094   -9.827  1.00 56.37  ? 67  ASN A N   1 
ATOM   217  C  CA  . ASN A 1 28  ? -13.156 4.955   -10.574 1.00 59.50  ? 67  ASN A CA  1 
ATOM   218  C  C   . ASN A 1 28  ? -11.818 5.013   -9.830  1.00 55.38  ? 67  ASN A C   1 
ATOM   219  O  O   . ASN A 1 28  ? -10.814 5.403   -10.457 1.00 45.59  ? 67  ASN A O   1 
ATOM   220  C  CB  . ASN A 1 28  ? -13.737 6.343   -10.851 1.00 64.71  ? 67  ASN A CB  1 
ATOM   221  C  CG  . ASN A 1 28  ? -14.465 6.419   -12.178 1.00 67.58  ? 67  ASN A CG  1 
ATOM   222  O  OD1 . ASN A 1 28  ? -15.187 5.498   -12.561 1.00 63.65  ? 67  ASN A OD1 1 
ATOM   223  N  ND2 . ASN A 1 28  ? -14.281 7.520   -12.890 1.00 73.69  ? 67  ASN A ND2 1 
ATOM   224  N  N   . GLY A 1 29  ? -11.801 4.620   -8.553  1.00 54.51  ? 68  GLY A N   1 
ATOM   225  C  CA  . GLY A 1 29  ? -10.565 4.530   -7.755  1.00 47.11  ? 68  GLY A CA  1 
ATOM   226  C  C   . GLY A 1 29  ? -10.446 5.701   -6.810  1.00 46.13  ? 68  GLY A C   1 
ATOM   227  O  O   . GLY A 1 29  ? -10.824 6.822   -7.208  1.00 51.37  ? 68  GLY A O   1 
ATOM   228  N  N   . ARG A 1 30  ? -9.973  5.438   -5.594  1.00 36.90  ? 69  ARG A N   1 
ATOM   229  C  CA  . ARG A 1 30  ? -9.869  6.420   -4.492  1.00 39.05  ? 69  ARG A CA  1 
ATOM   230  C  C   . ARG A 1 30  ? -8.429  6.418   -4.019  1.00 39.20  ? 69  ARG A C   1 
ATOM   231  O  O   . ARG A 1 30  ? -7.878  5.324   -3.827  1.00 34.81  ? 69  ARG A O   1 
ATOM   232  C  CB  . ARG A 1 30  ? -10.797 6.038   -3.338  1.00 39.48  ? 69  ARG A CB  1 
ATOM   233  C  CG  . ARG A 1 30  ? -10.773 6.993   -2.158  1.00 43.49  ? 69  ARG A CG  1 
ATOM   234  C  CD  . ARG A 1 30  ? -11.288 8.381   -2.525  1.00 49.92  ? 69  ARG A CD  1 
ATOM   235  N  NE  . ARG A 1 30  ? -12.661 8.334   -3.011  1.00 52.87  ? 69  ARG A NE  1 
ATOM   236  C  CZ  . ARG A 1 30  ? -13.746 8.312   -2.236  1.00 57.71  ? 69  ARG A CZ  1 
ATOM   237  N  NH1 . ARG A 1 30  ? -14.948 8.267   -2.791  1.00 60.64  ? 69  ARG A NH1 1 
ATOM   238  N  NH2 . ARG A 1 30  ? -13.635 8.340   -0.918  1.00 53.89  ? 69  ARG A NH2 1 
ATOM   239  N  N   . ARG A 1 31  ? -7.849  7.595   -3.841  1.00 34.76  ? 70  ARG A N   1 
ATOM   240  C  CA  . ARG A 1 31  ? -6.488  7.704   -3.287  1.00 37.22  ? 70  ARG A CA  1 
ATOM   241  C  C   . ARG A 1 31  ? -6.533  7.348   -1.800  1.00 33.26  ? 70  ARG A C   1 
ATOM   242  O  O   . ARG A 1 31  ? -7.612  7.429   -1.168  1.00 31.61  ? 70  ARG A O   1 
ATOM   243  C  CB  . ARG A 1 31  ? -5.893  9.077   -3.594  1.00 39.43  ? 70  ARG A CB  1 
ATOM   244  C  CG  . ARG A 1 31  ? -5.288  9.119   -4.986  1.00 45.61  ? 70  ARG A CG  1 
ATOM   245  C  CD  . ARG A 1 31  ? -5.643  10.354  -5.771  1.00 56.39  ? 70  ARG A CD  1 
ATOM   246  N  NE  . ARG A 1 31  ? -4.786  11.488  -5.466  1.00 62.37  ? 70  ARG A NE  1 
ATOM   247  C  CZ  . ARG A 1 31  ? -5.072  12.756  -5.780  1.00 71.93  ? 70  ARG A CZ  1 
ATOM   248  N  NH1 . ARG A 1 31  ? -6.211  13.056  -6.391  1.00 73.45  ? 70  ARG A NH1 1 
ATOM   249  N  NH2 . ARG A 1 31  ? -4.215  13.720  -5.476  1.00 68.63  ? 70  ARG A NH2 1 
ATOM   250  N  N   . MET A 1 32  ? -5.385  6.894   -1.313  1.00 30.14  ? 71  MET A N   1 
ATOM   251  C  CA  . MET A 1 32  ? -5.143  6.411   0.062   1.00 30.46  ? 71  MET A CA  1 
ATOM   252  C  C   . MET A 1 32  ? -4.889  7.593   0.995   1.00 29.43  ? 71  MET A C   1 
ATOM   253  O  O   . MET A 1 32  ? -4.146  8.515   0.604   1.00 30.58  ? 71  MET A O   1 
ATOM   254  C  CB  . MET A 1 32  ? -3.888  5.520   0.079   1.00 30.48  ? 71  MET A CB  1 
ATOM   255  C  CG  . MET A 1 32  ? -4.054  4.233   -0.708  1.00 30.83  ? 71  MET A CG  1 
ATOM   256  S  SD  . MET A 1 32  ? -2.573  3.185   -0.699  1.00 29.86  ? 71  MET A SD  1 
ATOM   257  C  CE  . MET A 1 32  ? -2.375  2.894   1.054   1.00 29.68  ? 71  MET A CE  1 
ATOM   258  N  N   . PHE A 1 33  ? -5.405  7.519   2.217   1.00 30.75  ? 72  PHE A N   1 
ATOM   259  C  CA  . PHE A 1 33  ? -4.928  8.318   3.374   1.00 32.15  ? 72  PHE A CA  1 
ATOM   260  C  C   . PHE A 1 33  ? -4.869  7.398   4.579   1.00 33.75  ? 72  PHE A C   1 
ATOM   261  O  O   . PHE A 1 33  ? -5.850  6.721   4.891   1.00 34.73  ? 72  PHE A O   1 
ATOM   262  C  CB  . PHE A 1 33  ? -5.825  9.523   3.715   1.00 33.45  ? 72  PHE A CB  1 
ATOM   263  C  CG  . PHE A 1 33  ? -5.221  10.387  4.806   1.00 34.09  ? 72  PHE A CG  1 
ATOM   264  C  CD1 . PHE A 1 33  ? -4.224  11.311  4.507   1.00 35.32  ? 72  PHE A CD1 1 
ATOM   265  C  CD2 . PHE A 1 33  ? -5.529  10.181  6.142   1.00 36.64  ? 72  PHE A CD2 1 
ATOM   266  C  CE1 . PHE A 1 33  ? -3.610  12.058  5.506   1.00 34.38  ? 72  PHE A CE1 1 
ATOM   267  C  CE2 . PHE A 1 33  ? -4.917  10.928  7.146   1.00 39.00  ? 72  PHE A CE2 1 
ATOM   268  C  CZ  . PHE A 1 33  ? -3.972  11.882  6.821   1.00 36.64  ? 72  PHE A CZ  1 
ATOM   269  N  N   . PRO A 1 34  ? -3.758  7.374   5.338   1.00 32.76  ? 73  PRO A N   1 
ATOM   270  C  CA  . PRO A 1 34  ? -2.524  8.066   4.978   1.00 33.75  ? 73  PRO A CA  1 
ATOM   271  C  C   . PRO A 1 34  ? -1.911  7.539   3.674   1.00 29.86  ? 73  PRO A C   1 
ATOM   272  O  O   . PRO A 1 34  ? -2.280  6.494   3.200   1.00 30.42  ? 73  PRO A O   1 
ATOM   273  C  CB  . PRO A 1 34  ? -1.573  7.811   6.155   1.00 36.05  ? 73  PRO A CB  1 
ATOM   274  C  CG  . PRO A 1 34  ? -2.480  7.375   7.285   1.00 35.32  ? 73  PRO A CG  1 
ATOM   275  C  CD  . PRO A 1 34  ? -3.658  6.691   6.629   1.00 34.35  ? 73  PRO A CD  1 
ATOM   276  N  N   . VAL A 1 35  ? -1.035  8.350   3.096   1.00 31.60  ? 74  VAL A N   1 
ATOM   277  C  CA  . VAL A 1 35  ? -0.240  8.006   1.892   1.00 29.30  ? 74  VAL A CA  1 
ATOM   278  C  C   . VAL A 1 35  ? 0.958   7.188   2.379   1.00 27.92  ? 74  VAL A C   1 
ATOM   279  O  O   . VAL A 1 35  ? 1.590   7.585   3.381   1.00 27.98  ? 74  VAL A O   1 
ATOM   280  C  CB  . VAL A 1 35  ? 0.235   9.267   1.148   1.00 32.37  ? 74  VAL A CB  1 
ATOM   281  C  CG1 . VAL A 1 35  ? 1.214   8.922   0.048   1.00 33.69  ? 74  VAL A CG1 1 
ATOM   282  C  CG2 . VAL A 1 35  ? -0.930  10.072  0.584   1.00 35.60  ? 74  VAL A CG2 1 
ATOM   283  N  N   . LEU A 1 36  ? 1.285   6.133   1.663   1.00 29.48  ? 75  LEU A N   1 
ATOM   284  C  CA  . LEU A 1 36  ? 2.547   5.383   1.892   1.00 30.63  ? 75  LEU A CA  1 
ATOM   285  C  C   . LEU A 1 36  ? 3.716   6.271   1.458   1.00 30.31  ? 75  LEU A C   1 
ATOM   286  O  O   . LEU A 1 36  ? 3.807   6.609   0.259   1.00 27.86  ? 75  LEU A O   1 
ATOM   287  C  CB  . LEU A 1 36  ? 2.538   4.084   1.103   1.00 31.28  ? 75  LEU A CB  1 
ATOM   288  C  CG  . LEU A 1 36  ? 3.755   3.181   1.284   1.00 34.22  ? 75  LEU A CG  1 
ATOM   289  C  CD1 . LEU A 1 36  ? 3.927   2.748   2.725   1.00 35.52  ? 75  LEU A CD1 1 
ATOM   290  C  CD2 . LEU A 1 36  ? 3.615   1.958   0.389   1.00 35.49  ? 75  LEU A CD2 1 
ATOM   291  N  N   . LYS A 1 37  ? 4.582   6.607   2.404   1.00 30.71  ? 76  LYS A N   1 
ATOM   292  C  CA  . LYS A 1 37  ? 5.823   7.379   2.136   1.00 32.84  ? 76  LYS A CA  1 
ATOM   293  C  C   . LYS A 1 37  ? 6.988   6.569   2.684   1.00 34.74  ? 76  LYS A C   1 
ATOM   294  O  O   . LYS A 1 37  ? 6.893   6.125   3.860   1.00 34.52  ? 76  LYS A O   1 
ATOM   295  C  CB  . LYS A 1 37  ? 5.716   8.748   2.802   1.00 37.53  ? 76  LYS A CB  1 
ATOM   296  C  CG  . LYS A 1 37  ? 4.577   9.572   2.237   1.00 37.78  ? 76  LYS A CG  1 
ATOM   297  C  CD  . LYS A 1 37  ? 4.429   10.918  2.850   1.00 42.77  ? 76  LYS A CD  1 
ATOM   298  C  CE  . LYS A 1 37  ? 3.219   11.640  2.300   1.00 44.90  ? 76  LYS A CE  1 
ATOM   299  N  NZ  . LYS A 1 37  ? 3.171   13.031  2.799   1.00 51.77  ? 76  LYS A NZ  1 
ATOM   300  N  N   . VAL A 1 38  ? 8.007   6.322   1.865   1.00 36.37  ? 77  VAL A N   1 
ATOM   301  C  CA  . VAL A 1 38  ? 9.096   5.395   2.267   1.00 40.39  ? 77  VAL A CA  1 
ATOM   302  C  C   . VAL A 1 38  ? 10.429  6.148   2.224   1.00 41.64  ? 77  VAL A C   1 
ATOM   303  O  O   . VAL A 1 38  ? 10.688  6.858   1.246   1.00 38.34  ? 77  VAL A O   1 
ATOM   304  C  CB  . VAL A 1 38  ? 9.100   4.108   1.425   1.00 43.24  ? 77  VAL A CB  1 
ATOM   305  C  CG1 . VAL A 1 38  ? 7.715   3.792   0.871   1.00 45.80  ? 77  VAL A CG1 1 
ATOM   306  C  CG2 . VAL A 1 38  ? 10.119  4.133   0.315   1.00 47.78  ? 77  VAL A CG2 1 
ATOM   307  N  N   . ASN A 1 39  ? 11.229  5.967   3.271   1.00 36.71  ? 78  ASN A N   1 
ATOM   308  C  CA  . ASN A 1 39  ? 12.607  6.485   3.375   1.00 39.08  ? 78  ASN A CA  1 
ATOM   309  C  C   . ASN A 1 39  ? 13.512  5.380   2.841   1.00 38.79  ? 78  ASN A C   1 
ATOM   310  O  O   . ASN A 1 39  ? 13.359  4.219   3.280   1.00 36.03  ? 78  ASN A O   1 
ATOM   311  C  CB  . ASN A 1 39  ? 12.901  6.944   4.807   1.00 43.04  ? 78  ASN A CB  1 
ATOM   312  C  CG  . ASN A 1 39  ? 12.026  8.108   5.215   1.00 49.59  ? 78  ASN A CG  1 
ATOM   313  O  OD1 . ASN A 1 39  ? 11.877  9.077   4.469   1.00 55.71  ? 78  ASN A OD1 1 
ATOM   314  N  ND2 . ASN A 1 39  ? 11.429  8.020   6.391   1.00 53.34  ? 78  ASN A ND2 1 
ATOM   315  N  N   . VAL A 1 40  ? 14.349  5.713   1.861   1.00 38.96  ? 79  VAL A N   1 
ATOM   316  C  CA  . VAL A 1 40  ? 15.284  4.746   1.230   1.00 39.63  ? 79  VAL A CA  1 
ATOM   317  C  C   . VAL A 1 40  ? 16.686  5.341   1.290   1.00 42.20  ? 79  VAL A C   1 
ATOM   318  O  O   . VAL A 1 40  ? 16.848  6.522   0.912   1.00 42.38  ? 79  VAL A O   1 
ATOM   319  C  CB  . VAL A 1 40  ? 14.881  4.404   -0.210  1.00 42.20  ? 79  VAL A CB  1 
ATOM   320  C  CG1 . VAL A 1 40  ? 15.882  3.460   -0.855  1.00 42.10  ? 79  VAL A CG1 1 
ATOM   321  C  CG2 . VAL A 1 40  ? 13.486  3.803   -0.248  1.00 41.71  ? 79  VAL A CG2 1 
ATOM   322  N  N   . SER A 1 41  ? 17.629  4.557   1.808   1.00 41.70  ? 80  SER A N   1 
ATOM   323  C  CA  . SER A 1 41  ? 19.081  4.861   1.786   1.00 42.50  ? 80  SER A CA  1 
ATOM   324  C  C   . SER A 1 41  ? 19.808  3.635   1.246   1.00 39.49  ? 80  SER A C   1 
ATOM   325  O  O   . SER A 1 41  ? 19.201  2.549   1.207   1.00 42.63  ? 80  SER A O   1 
ATOM   326  C  CB  . SER A 1 41  ? 19.575  5.296   3.151   1.00 45.01  ? 80  SER A CB  1 
ATOM   327  O  OG  . SER A 1 41  ? 19.478  4.262   4.117   1.00 41.68  ? 80  SER A OG  1 
ATOM   328  N  N   . GLY A 1 42  ? 21.046  3.809   0.789   1.00 44.67  ? 81  GLY A N   1 
ATOM   329  C  CA  . GLY A 1 42  ? 21.928  2.680   0.432   1.00 40.46  ? 81  GLY A CA  1 
ATOM   330  C  C   . GLY A 1 42  ? 21.769  2.268   -1.017  1.00 41.46  ? 81  GLY A C   1 
ATOM   331  O  O   . GLY A 1 42  ? 22.312  1.226   -1.386  1.00 41.75  ? 81  GLY A O   1 
ATOM   332  N  N   . LEU A 1 43  ? 21.035  3.043   -1.820  1.00 40.79  ? 82  LEU A N   1 
ATOM   333  C  CA  . LEU A 1 43  ? 21.044  2.874   -3.293  1.00 41.53  ? 82  LEU A CA  1 
ATOM   334  C  C   . LEU A 1 43  ? 22.369  3.438   -3.833  1.00 43.30  ? 82  LEU A C   1 
ATOM   335  O  O   . LEU A 1 43  ? 22.977  4.309   -3.175  1.00 42.45  ? 82  LEU A O   1 
ATOM   336  C  CB  . LEU A 1 43  ? 19.852  3.605   -3.918  1.00 44.30  ? 82  LEU A CB  1 
ATOM   337  C  CG  . LEU A 1 43  ? 18.461  3.098   -3.525  1.00 44.77  ? 82  LEU A CG  1 
ATOM   338  C  CD1 . LEU A 1 43  ? 17.380  3.928   -4.207  1.00 45.77  ? 82  LEU A CD1 1 
ATOM   339  C  CD2 . LEU A 1 43  ? 18.295  1.625   -3.879  1.00 43.86  ? 82  LEU A CD2 1 
ATOM   340  N  N   . ASP A 1 44  ? 22.787  2.952   -4.995  1.00 43.18  ? 83  ASP A N   1 
ATOM   341  C  CA  . ASP A 1 44  ? 23.827  3.593   -5.840  1.00 45.35  ? 83  ASP A CA  1 
ATOM   342  C  C   . ASP A 1 44  ? 23.239  4.869   -6.439  1.00 44.96  ? 83  ASP A C   1 
ATOM   343  O  O   . ASP A 1 44  ? 22.317  4.792   -7.245  1.00 43.30  ? 83  ASP A O   1 
ATOM   344  C  CB  . ASP A 1 44  ? 24.284  2.600   -6.902  1.00 48.59  ? 83  ASP A CB  1 
ATOM   345  C  CG  . ASP A 1 44  ? 25.472  3.079   -7.711  1.00 49.56  ? 83  ASP A CG  1 
ATOM   346  O  OD1 . ASP A 1 44  ? 25.552  4.294   -7.978  1.00 48.10  ? 83  ASP A OD1 1 
ATOM   347  O  OD2 . ASP A 1 44  ? 26.289  2.224   -8.065  1.00 46.86  ? 83  ASP A OD2 1 
ATOM   348  N  N   . PRO A 1 45  ? 23.721  6.078   -6.061  1.00 45.82  ? 84  PRO A N   1 
ATOM   349  C  CA  . PRO A 1 45  ? 23.125  7.322   -6.534  1.00 45.51  ? 84  PRO A CA  1 
ATOM   350  C  C   . PRO A 1 45  ? 22.987  7.383   -8.060  1.00 44.08  ? 84  PRO A C   1 
ATOM   351  O  O   . PRO A 1 45  ? 22.098  8.053   -8.536  1.00 42.07  ? 84  PRO A O   1 
ATOM   352  C  CB  . PRO A 1 45  ? 24.096  8.412   -6.048  1.00 46.87  ? 84  PRO A CB  1 
ATOM   353  C  CG  . PRO A 1 45  ? 24.754  7.806   -4.832  1.00 46.40  ? 84  PRO A CG  1 
ATOM   354  C  CD  . PRO A 1 45  ? 24.833  6.322   -5.125  1.00 48.41  ? 84  PRO A CD  1 
ATOM   355  N  N   . ASN A 1 46  ? 23.854  6.668   -8.771  1.00 48.19  ? 85  ASN A N   1 
ATOM   356  C  CA  . ASN A 1 46  ? 23.991  6.737   -10.249 1.00 48.41  ? 85  ASN A CA  1 
ATOM   357  C  C   . ASN A 1 46  ? 23.317  5.546   -10.913 1.00 46.18  ? 85  ASN A C   1 
ATOM   358  O  O   . ASN A 1 46  ? 23.199  5.576   -12.153 1.00 46.62  ? 85  ASN A O   1 
ATOM   359  C  CB  . ASN A 1 46  ? 25.462  6.823   -10.650 1.00 50.50  ? 85  ASN A CB  1 
ATOM   360  C  CG  . ASN A 1 46  ? 26.036  8.132   -10.173 1.00 49.48  ? 85  ASN A CG  1 
ATOM   361  O  OD1 . ASN A 1 46  ? 25.652  9.183   -10.677 1.00 59.10  ? 85  ASN A OD1 1 
ATOM   362  N  ND2 . ASN A 1 46  ? 26.882  8.083   -9.160  1.00 54.05  ? 85  ASN A ND2 1 
ATOM   363  N  N   . ALA A 1 47  ? 22.895  4.542   -10.137 1.00 44.41  ? 86  ALA A N   1 
ATOM   364  C  CA  . ALA A 1 47  ? 22.173  3.370   -10.677 1.00 41.02  ? 86  ALA A CA  1 
ATOM   365  C  C   . ALA A 1 47  ? 20.723  3.783   -10.942 1.00 36.84  ? 86  ALA A C   1 
ATOM   366  O  O   . ALA A 1 47  ? 20.261  4.812   -10.426 1.00 41.64  ? 86  ALA A O   1 
ATOM   367  C  CB  . ALA A 1 47  ? 22.275  2.177   -9.758  1.00 42.67  ? 86  ALA A CB  1 
ATOM   368  N  N   . MET A 1 48  ? 20.050  3.012   -11.778 1.00 42.18  ? 87  MET A N   1 
ATOM   369  C  CA  . MET A 1 48  ? 18.686  3.302   -12.279 1.00 41.24  ? 87  MET A CA  1 
ATOM   370  C  C   . MET A 1 48  ? 17.703  2.346   -11.585 1.00 35.94  ? 87  MET A C   1 
ATOM   371  O  O   . MET A 1 48  ? 18.016  1.150   -11.533 1.00 35.74  ? 87  MET A O   1 
ATOM   372  C  CB  . MET A 1 48  ? 18.674  3.094   -13.793 1.00 45.63  ? 87  MET A CB  1 
ATOM   373  C  CG  . MET A 1 48  ? 19.682  3.992   -14.531 1.00 55.83  ? 87  MET A CG  1 
ATOM   374  S  SD  . MET A 1 48  ? 18.924  5.379   -15.398 1.00 57.62  ? 87  MET A SD  1 
ATOM   375  C  CE  . MET A 1 48  ? 17.569  5.708   -14.275 1.00 47.09  ? 87  MET A CE  1 
ATOM   376  N  N   . TYR A 1 49  ? 16.594  2.873   -11.059 1.00 36.52  ? 88  TYR A N   1 
ATOM   377  C  CA  . TYR A 1 49  ? 15.588  2.118   -10.269 1.00 35.98  ? 88  TYR A CA  1 
ATOM   378  C  C   . TYR A 1 49  ? 14.159  2.528   -10.656 1.00 34.09  ? 88  TYR A C   1 
ATOM   379  O  O   . TYR A 1 49  ? 13.917  3.687   -11.011 1.00 34.13  ? 88  TYR A O   1 
ATOM   380  C  CB  . TYR A 1 49  ? 15.775  2.328   -8.767  1.00 36.06  ? 88  TYR A CB  1 
ATOM   381  C  CG  . TYR A 1 49  ? 17.144  1.996   -8.227  1.00 39.97  ? 88  TYR A CG  1 
ATOM   382  C  CD1 . TYR A 1 49  ? 17.460  0.727   -7.758  1.00 40.31  ? 88  TYR A CD1 1 
ATOM   383  C  CD2 . TYR A 1 49  ? 18.137  2.960   -8.188  1.00 41.35  ? 88  TYR A CD2 1 
ATOM   384  C  CE1 . TYR A 1 49  ? 18.726  0.424   -7.280  1.00 39.78  ? 88  TYR A CE1 1 
ATOM   385  C  CE2 . TYR A 1 49  ? 19.410  2.671   -7.716  1.00 42.82  ? 88  TYR A CE2 1 
ATOM   386  C  CZ  . TYR A 1 49  ? 19.713  1.398   -7.269  1.00 41.53  ? 88  TYR A CZ  1 
ATOM   387  O  OH  . TYR A 1 49  ? 20.965  1.145   -6.780  1.00 39.30  ? 88  TYR A OH  1 
ATOM   388  N  N   . SER A 1 50  ? 13.220  1.581   -10.558 1.00 31.25  ? 89  SER A N   1 
ATOM   389  C  CA  . SER A 1 50  ? 11.762  1.828   -10.584 1.00 30.21  ? 89  SER A CA  1 
ATOM   390  C  C   . SER A 1 50  ? 11.191  1.412   -9.232  1.00 32.45  ? 89  SER A C   1 
ATOM   391  O  O   . SER A 1 50  ? 11.711  0.428   -8.680  1.00 31.65  ? 89  SER A O   1 
ATOM   392  C  CB  . SER A 1 50  ? 11.110  1.109   -11.720 1.00 29.18  ? 89  SER A CB  1 
ATOM   393  O  OG  . SER A 1 50  ? 11.660  1.575   -12.933 1.00 31.38  ? 89  SER A OG  1 
ATOM   394  N  N   . PHE A 1 51  ? 10.281  2.205   -8.664  1.00 29.72  ? 90  PHE A N   1 
ATOM   395  C  CA  . PHE A 1 51  ? 9.589   1.834   -7.405  1.00 29.96  ? 90  PHE A CA  1 
ATOM   396  C  C   . PHE A 1 51  ? 8.194   1.352   -7.754  1.00 34.26  ? 90  PHE A C   1 
ATOM   397  O  O   . PHE A 1 51  ? 7.420   2.077   -8.469  1.00 29.19  ? 90  PHE A O   1 
ATOM   398  C  CB  . PHE A 1 51  ? 9.530   2.974   -6.407  1.00 30.60  ? 90  PHE A CB  1 
ATOM   399  C  CG  . PHE A 1 51  ? 10.778  3.104   -5.581  1.00 30.93  ? 90  PHE A CG  1 
ATOM   400  C  CD1 . PHE A 1 51  ? 10.726  3.021   -4.204  1.00 32.30  ? 90  PHE A CD1 1 
ATOM   401  C  CD2 . PHE A 1 51  ? 12.003  3.325   -6.184  1.00 32.84  ? 90  PHE A CD2 1 
ATOM   402  C  CE1 . PHE A 1 51  ? 11.875  3.204   -3.453  1.00 33.00  ? 90  PHE A CE1 1 
ATOM   403  C  CE2 . PHE A 1 51  ? 13.157  3.466   -5.432  1.00 34.72  ? 90  PHE A CE2 1 
ATOM   404  C  CZ  . PHE A 1 51  ? 13.092  3.388   -4.068  1.00 32.36  ? 90  PHE A CZ  1 
ATOM   405  N  N   . LEU A 1 52  ? 7.906   0.137   -7.278  1.00 33.85  ? 91  LEU A N   1 
ATOM   406  C  CA  . LEU A 1 52  ? 6.658   -0.616  -7.556  1.00 29.70  ? 91  LEU A CA  1 
ATOM   407  C  C   . LEU A 1 52  ? 5.933   -0.827  -6.223  1.00 29.91  ? 91  LEU A C   1 
ATOM   408  O  O   . LEU A 1 52  ? 6.622   -1.041  -5.189  1.00 28.50  ? 91  LEU A O   1 
ATOM   409  C  CB  . LEU A 1 52  ? 7.000   -1.958  -8.189  1.00 30.98  ? 91  LEU A CB  1 
ATOM   410  C  CG  . LEU A 1 52  ? 7.118   -2.007  -9.708  1.00 33.91  ? 91  LEU A CG  1 
ATOM   411  C  CD1 . LEU A 1 52  ? 8.089   -0.975  -10.224 1.00 35.10  ? 91  LEU A CD1 1 
ATOM   412  C  CD2 . LEU A 1 52  ? 7.539   -3.401  -10.146 1.00 33.52  ? 91  LEU A CD2 1 
ATOM   413  N  N   . LEU A 1 53  ? 4.607   -0.725  -6.253  1.00 25.72  ? 92  LEU A N   1 
ATOM   414  C  CA  . LEU A 1 53  ? 3.715   -0.900  -5.091  1.00 27.26  ? 92  LEU A CA  1 
ATOM   415  C  C   . LEU A 1 53  ? 2.704   -1.993  -5.438  1.00 24.94  ? 92  LEU A C   1 
ATOM   416  O  O   . LEU A 1 53  ? 2.023   -1.904  -6.469  1.00 26.11  ? 92  LEU A O   1 
ATOM   417  C  CB  . LEU A 1 53  ? 3.034   0.435   -4.764  1.00 27.98  ? 92  LEU A CB  1 
ATOM   418  C  CG  . LEU A 1 53  ? 1.944   0.363   -3.696  1.00 26.80  ? 92  LEU A CG  1 
ATOM   419  C  CD1 . LEU A 1 53  ? 2.510   -0.056  -2.360  1.00 26.70  ? 92  LEU A CD1 1 
ATOM   420  C  CD2 . LEU A 1 53  ? 1.220   1.703   -3.549  1.00 29.06  ? 92  LEU A CD2 1 
ATOM   421  N  N   . ASP A 1 54  ? 2.582   -3.003  -4.585  1.00 26.03  ? 93  ASP A N   1 
ATOM   422  C  CA  . ASP A 1 54  ? 1.435   -3.937  -4.683  1.00 23.48  ? 93  ASP A CA  1 
ATOM   423  C  C   . ASP A 1 54  ? 0.871   -4.176  -3.284  1.00 23.57  ? 93  ASP A C   1 
ATOM   424  O  O   . ASP A 1 54  ? 1.371   -3.595  -2.304  1.00 24.74  ? 93  ASP A O   1 
ATOM   425  C  CB  . ASP A 1 54  ? 1.825   -5.205  -5.436  1.00 24.61  ? 93  ASP A CB  1 
ATOM   426  C  CG  . ASP A 1 54  ? 2.927   -6.017  -4.788  1.00 24.18  ? 93  ASP A CG  1 
ATOM   427  O  OD1 . ASP A 1 54  ? 3.259   -5.773  -3.602  1.00 24.79  ? 93  ASP A OD1 1 
ATOM   428  O  OD2 . ASP A 1 54  ? 3.441   -6.876  -5.495  1.00 28.06  ? 93  ASP A OD2 1 
ATOM   429  N  N   . PHE A 1 55  ? -0.226  -4.911  -3.241  1.00 25.54  ? 94  PHE A N   1 
ATOM   430  C  CA  . PHE A 1 55  ? -1.014  -5.195  -2.024  1.00 26.35  ? 94  PHE A CA  1 
ATOM   431  C  C   . PHE A 1 55  ? -1.149  -6.722  -1.896  1.00 26.53  ? 94  PHE A C   1 
ATOM   432  O  O   . PHE A 1 55  ? -1.767  -7.350  -2.746  1.00 30.87  ? 94  PHE A O   1 
ATOM   433  C  CB  . PHE A 1 55  ? -2.348  -4.449  -2.088  1.00 26.16  ? 94  PHE A CB  1 
ATOM   434  C  CG  . PHE A 1 55  ? -2.192  -2.958  -2.219  1.00 26.61  ? 94  PHE A CG  1 
ATOM   435  C  CD1 . PHE A 1 55  ? -2.127  -2.151  -1.093  1.00 27.15  ? 94  PHE A CD1 1 
ATOM   436  C  CD2 . PHE A 1 55  ? -2.004  -2.375  -3.459  1.00 29.08  ? 94  PHE A CD2 1 
ATOM   437  C  CE1 . PHE A 1 55  ? -1.955  -0.780  -1.208  1.00 27.45  ? 94  PHE A CE1 1 
ATOM   438  C  CE2 . PHE A 1 55  ? -1.821  -1.004  -3.573  1.00 28.43  ? 94  PHE A CE2 1 
ATOM   439  C  CZ  . PHE A 1 55  ? -1.779  -0.212  -2.444  1.00 28.49  ? 94  PHE A CZ  1 
ATOM   440  N  N   . VAL A 1 56  ? -0.557  -7.283  -0.847  1.00 29.85  ? 95  VAL A N   1 
ATOM   441  C  CA  . VAL A 1 56  ? -0.657  -8.741  -0.544  1.00 27.01  ? 95  VAL A CA  1 
ATOM   442  C  C   . VAL A 1 56  ? -1.922  -8.940  0.279   1.00 24.30  ? 95  VAL A C   1 
ATOM   443  O  O   . VAL A 1 56  ? -2.005  -8.304  1.334   1.00 25.29  ? 95  VAL A O   1 
ATOM   444  C  CB  . VAL A 1 56  ? 0.570   -9.220  0.260   1.00 24.57  ? 95  VAL A CB  1 
ATOM   445  C  CG1 . VAL A 1 56  ? 0.424   -10.686 0.627   1.00 22.28  ? 95  VAL A CG1 1 
ATOM   446  C  CG2 . VAL A 1 56  ? 1.866   -8.943  -0.477  1.00 26.21  ? 95  VAL A CG2 1 
ATOM   447  N  N   . ALA A 1 57  ? -2.815  -9.846  -0.126  1.00 26.56  ? 96  ALA A N   1 
ATOM   448  C  CA  . ALA A 1 57  ? -3.929  -10.328 0.721   1.00 25.98  ? 96  ALA A CA  1 
ATOM   449  C  C   . ALA A 1 57  ? -3.310  -10.986 1.955   1.00 26.06  ? 96  ALA A C   1 
ATOM   450  O  O   . ALA A 1 57  ? -2.618  -12.007 1.774   1.00 26.25  ? 96  ALA A O   1 
ATOM   451  C  CB  . ALA A 1 57  ? -4.811  -11.278 -0.068  1.00 27.16  ? 96  ALA A CB  1 
ATOM   452  N  N   . ALA A 1 58  ? -3.480  -10.397 3.151   1.00 27.35  ? 97  ALA A N   1 
ATOM   453  C  CA  . ALA A 1 58  ? -2.815  -10.812 4.407   1.00 26.07  ? 97  ALA A CA  1 
ATOM   454  C  C   . ALA A 1 58  ? -3.329  -12.187 4.884   1.00 27.20  ? 97  ALA A C   1 
ATOM   455  O  O   . ALA A 1 58  ? -2.593  -12.894 5.615   1.00 26.48  ? 97  ALA A O   1 
ATOM   456  C  CB  . ALA A 1 58  ? -2.982  -9.775  5.482   1.00 25.71  ? 97  ALA A CB  1 
ATOM   457  N  N   . ASP A 1 59  ? -4.543  -12.531 4.495   1.00 28.38  ? 98  ASP A N   1 
ATOM   458  C  CA  . ASP A 1 59  ? -5.200  -13.822 4.812   1.00 30.82  ? 98  ASP A CA  1 
ATOM   459  C  C   . ASP A 1 59  ? -6.173  -14.106 3.680   1.00 31.53  ? 98  ASP A C   1 
ATOM   460  O  O   . ASP A 1 59  ? -6.286  -13.264 2.769   1.00 33.98  ? 98  ASP A O   1 
ATOM   461  C  CB  . ASP A 1 59  ? -5.814  -13.761 6.206   1.00 30.27  ? 98  ASP A CB  1 
ATOM   462  C  CG  . ASP A 1 59  ? -6.873  -12.664 6.352   1.00 33.64  ? 98  ASP A CG  1 
ATOM   463  O  OD1 . ASP A 1 59  ? -7.895  -12.747 5.631   1.00 33.32  ? 98  ASP A OD1 1 
ATOM   464  O  OD2 . ASP A 1 59  ? -6.665  -11.756 7.186   1.00 34.06  ? 98  ASP A OD2 1 
ATOM   465  N  N   . ASN A 1 60  ? -6.796  -15.274 3.710   1.00 33.94  ? 99  ASN A N   1 
ATOM   466  C  CA  . ASN A 1 60  ? -7.639  -15.776 2.609   1.00 35.37  ? 99  ASN A CA  1 
ATOM   467  C  C   . ASN A 1 60  ? -9.124  -15.553 2.919   1.00 36.37  ? 99  ASN A C   1 
ATOM   468  O  O   . ASN A 1 60  ? -9.950  -16.187 2.245   1.00 36.97  ? 99  ASN A O   1 
ATOM   469  C  CB  . ASN A 1 60  ? -7.365  -17.260 2.386   1.00 39.55  ? 99  ASN A CB  1 
ATOM   470  C  CG  . ASN A 1 60  ? -5.967  -17.518 1.885   1.00 39.41  ? 99  ASN A CG  1 
ATOM   471  O  OD1 . ASN A 1 60  ? -5.367  -18.515 2.258   1.00 45.61  ? 99  ASN A OD1 1 
ATOM   472  N  ND2 . ASN A 1 60  ? -5.445  -16.620 1.070   1.00 38.44  ? 99  ASN A ND2 1 
ATOM   473  N  N   . HIS A 1 61  ? -9.459  -14.670 3.861   1.00 36.00  ? 100 HIS A N   1 
ATOM   474  C  CA  . HIS A 1 61  ? -10.839 -14.545 4.397   1.00 38.82  ? 100 HIS A CA  1 
ATOM   475  C  C   . HIS A 1 61  ? -11.508 -13.219 3.990   1.00 43.72  ? 100 HIS A C   1 
ATOM   476  O  O   . HIS A 1 61  ? -10.813 -12.200 3.716   1.00 39.50  ? 100 HIS A O   1 
ATOM   477  C  CB  . HIS A 1 61  ? -10.808 -14.746 5.912   1.00 39.39  ? 100 HIS A CB  1 
ATOM   478  C  CG  . HIS A 1 61  ? -10.353 -16.106 6.314   1.00 46.01  ? 100 HIS A CG  1 
ATOM   479  N  ND1 . HIS A 1 61  ? -11.242 -17.132 6.559   1.00 47.62  ? 100 HIS A ND1 1 
ATOM   480  C  CD2 . HIS A 1 61  ? -9.113  -16.618 6.503   1.00 44.96  ? 100 HIS A CD2 1 
ATOM   481  C  CE1 . HIS A 1 61  ? -10.567 -18.226 6.866   1.00 55.68  ? 100 HIS A CE1 1 
ATOM   482  N  NE2 . HIS A 1 61  ? -9.259  -17.933 6.858   1.00 49.60  ? 100 HIS A NE2 1 
ATOM   483  N  N   . ARG A 1 62  ? -12.836 -13.247 3.991   1.00 40.99  ? 101 ARG A N   1 
ATOM   484  C  CA  . ARG A 1 62  ? -13.735 -12.073 3.922   1.00 42.88  ? 101 ARG A CA  1 
ATOM   485  C  C   . ARG A 1 62  ? -13.922 -11.580 5.363   1.00 41.28  ? 101 ARG A C   1 
ATOM   486  O  O   . ARG A 1 62  ? -14.039 -12.434 6.277   1.00 44.01  ? 101 ARG A O   1 
ATOM   487  C  CB  . ARG A 1 62  ? -15.026 -12.526 3.231   1.00 53.13  ? 101 ARG A CB  1 
ATOM   488  C  CG  . ARG A 1 62  ? -16.121 -11.469 3.145   1.00 64.23  ? 101 ARG A CG  1 
ATOM   489  C  CD  . ARG A 1 62  ? -17.251 -11.851 2.198   1.00 70.99  ? 101 ARG A CD  1 
ATOM   490  N  NE  . ARG A 1 62  ? -16.783 -11.945 0.819   1.00 82.47  ? 101 ARG A NE  1 
ATOM   491  C  CZ  . ARG A 1 62  ? -16.525 -10.910 0.015   1.00 88.31  ? 101 ARG A CZ  1 
ATOM   492  N  NH1 . ARG A 1 62  ? -16.695 -9.665  0.432   1.00 90.58  ? 101 ARG A NH1 1 
ATOM   493  N  NH2 . ARG A 1 62  ? -16.098 -11.131 -1.219  1.00 90.34  ? 101 ARG A NH2 1 
ATOM   494  N  N   . TRP A 1 63  ? -13.869 -10.268 5.587   1.00 36.12  ? 102 TRP A N   1 
ATOM   495  C  CA  . TRP A 1 63  ? -14.012 -9.649  6.928   1.00 36.26  ? 102 TRP A CA  1 
ATOM   496  C  C   . TRP A 1 63  ? -15.326 -8.860  6.957   1.00 40.16  ? 102 TRP A C   1 
ATOM   497  O  O   . TRP A 1 63  ? -15.684 -8.313  5.917   1.00 42.48  ? 102 TRP A O   1 
ATOM   498  C  CB  . TRP A 1 63  ? -12.813 -8.745  7.240   1.00 35.64  ? 102 TRP A CB  1 
ATOM   499  C  CG  . TRP A 1 63  ? -11.521 -9.477  7.451   1.00 35.74  ? 102 TRP A CG  1 
ATOM   500  C  CD1 . TRP A 1 63  ? -10.729 -10.074 6.508   1.00 33.22  ? 102 TRP A CD1 1 
ATOM   501  C  CD2 . TRP A 1 63  ? -10.860 -9.670  8.706   1.00 33.66  ? 102 TRP A CD2 1 
ATOM   502  N  NE1 . TRP A 1 63  ? -9.618  -10.617 7.099   1.00 34.11  ? 102 TRP A NE1 1 
ATOM   503  C  CE2 . TRP A 1 63  ? -9.679  -10.401 8.447   1.00 31.84  ? 102 TRP A CE2 1 
ATOM   504  C  CE3 . TRP A 1 63  ? -11.167 -9.314  10.019  1.00 32.35  ? 102 TRP A CE3 1 
ATOM   505  C  CZ2 . TRP A 1 63  ? -8.810  -10.768 9.459   1.00 31.85  ? 102 TRP A CZ2 1 
ATOM   506  C  CZ3 . TRP A 1 63  ? -10.299 -9.667  11.020  1.00 32.98  ? 102 TRP A CZ3 1 
ATOM   507  C  CH2 . TRP A 1 63  ? -9.128  -10.378 10.737  1.00 33.12  ? 102 TRP A CH2 1 
ATOM   508  N  N   . LYS A 1 64  ? -15.996 -8.789  8.103   1.00 41.74  ? 103 LYS A N   1 
ATOM   509  C  CA  . LYS A 1 64  ? -17.240 -7.989  8.263   1.00 47.97  ? 103 LYS A CA  1 
ATOM   510  C  C   . LYS A 1 64  ? -17.209 -7.292  9.621   1.00 41.71  ? 103 LYS A C   1 
ATOM   511  O  O   . LYS A 1 64  ? -16.586 -7.815  10.556  1.00 39.67  ? 103 LYS A O   1 
ATOM   512  C  CB  . LYS A 1 64  ? -18.479 -8.869  8.066   1.00 57.99  ? 103 LYS A CB  1 
ATOM   513  C  CG  . LYS A 1 64  ? -18.264 -10.350 8.342   1.00 67.93  ? 103 LYS A CG  1 
ATOM   514  C  CD  . LYS A 1 64  ? -19.544 -11.164 8.403   1.00 77.20  ? 103 LYS A CD  1 
ATOM   515  C  CE  . LYS A 1 64  ? -19.286 -12.623 8.720   1.00 81.30  ? 103 LYS A CE  1 
ATOM   516  N  NZ  . LYS A 1 64  ? -20.466 -13.272 9.341   1.00 85.12  ? 103 LYS A NZ  1 
ATOM   517  N  N   . TYR A 1 65  ? -17.805 -6.105  9.691   1.00 46.40  ? 104 TYR A N   1 
ATOM   518  C  CA  . TYR A 1 65  ? -17.895 -5.291  10.923  1.00 45.32  ? 104 TYR A CA  1 
ATOM   519  C  C   . TYR A 1 65  ? -19.162 -5.790  11.622  1.00 46.21  ? 104 TYR A C   1 
ATOM   520  O  O   . TYR A 1 65  ? -20.243 -5.660  11.049  1.00 50.70  ? 104 TYR A O   1 
ATOM   521  C  CB  . TYR A 1 65  ? -17.843 -3.795  10.592  1.00 43.53  ? 104 TYR A CB  1 
ATOM   522  C  CG  . TYR A 1 65  ? -17.446 -2.885  11.735  1.00 44.24  ? 104 TYR A CG  1 
ATOM   523  C  CD1 . TYR A 1 65  ? -16.186 -2.952  12.299  1.00 42.41  ? 104 TYR A CD1 1 
ATOM   524  C  CD2 . TYR A 1 65  ? -18.316 -1.927  12.249  1.00 47.46  ? 104 TYR A CD2 1 
ATOM   525  C  CE1 . TYR A 1 65  ? -15.800 -2.107  13.330  1.00 44.54  ? 104 TYR A CE1 1 
ATOM   526  C  CE2 . TYR A 1 65  ? -17.941 -1.074  13.283  1.00 42.49  ? 104 TYR A CE2 1 
ATOM   527  C  CZ  . TYR A 1 65  ? -16.679 -1.161  13.830  1.00 43.55  ? 104 TYR A CZ  1 
ATOM   528  O  OH  . TYR A 1 65  ? -16.286 -0.332  14.851  1.00 44.83  ? 104 TYR A OH  1 
ATOM   529  N  N   . VAL A 1 66  ? -18.975 -6.494  12.734  1.00 50.19  ? 105 VAL A N   1 
ATOM   530  C  CA  . VAL A 1 66  ? -20.049 -7.190  13.498  1.00 54.34  ? 105 VAL A CA  1 
ATOM   531  C  C   . VAL A 1 66  ? -19.997 -6.628  14.914  1.00 53.82  ? 105 VAL A C   1 
ATOM   532  O  O   . VAL A 1 66  ? -18.941 -6.790  15.579  1.00 53.45  ? 105 VAL A O   1 
ATOM   533  C  CB  . VAL A 1 66  ? -19.882 -8.726  13.469  1.00 51.82  ? 105 VAL A CB  1 
ATOM   534  C  CG1 . VAL A 1 66  ? -20.876 -9.443  14.374  1.00 54.27  ? 105 VAL A CG1 1 
ATOM   535  C  CG2 . VAL A 1 66  ? -20.002 -9.268  12.055  1.00 52.50  ? 105 VAL A CG2 1 
ATOM   536  N  N   . ASN A 1 67  ? -21.073 -5.946  15.322  1.00 55.47  ? 106 ASN A N   1 
ATOM   537  C  CA  . ASN A 1 67  ? -21.246 -5.400  16.693  1.00 57.59  ? 106 ASN A CA  1 
ATOM   538  C  C   . ASN A 1 67  ? -19.974 -4.648  17.077  1.00 51.27  ? 106 ASN A C   1 
ATOM   539  O  O   . ASN A 1 67  ? -19.342 -5.028  18.062  1.00 48.76  ? 106 ASN A O   1 
ATOM   540  C  CB  . ASN A 1 67  ? -21.600 -6.504  17.694  1.00 62.07  ? 106 ASN A CB  1 
ATOM   541  C  CG  . ASN A 1 67  ? -22.934 -7.144  17.374  1.00 63.17  ? 106 ASN A CG  1 
ATOM   542  O  OD1 . ASN A 1 67  ? -23.877 -6.456  16.994  1.00 67.14  ? 106 ASN A OD1 1 
ATOM   543  N  ND2 . ASN A 1 67  ? -23.014 -8.455  17.496  1.00 66.63  ? 106 ASN A ND2 1 
ATOM   544  N  N   . GLY A 1 68  ? -19.605 -3.652  16.269  1.00 55.24  ? 107 GLY A N   1 
ATOM   545  C  CA  . GLY A 1 68  ? -18.497 -2.718  16.549  1.00 53.13  ? 107 GLY A CA  1 
ATOM   546  C  C   . GLY A 1 68  ? -17.121 -3.355  16.431  1.00 48.78  ? 107 GLY A C   1 
ATOM   547  O  O   . GLY A 1 68  ? -16.174 -2.776  16.973  1.00 52.45  ? 107 GLY A O   1 
ATOM   548  N  N   . GLU A 1 69  ? -16.972 -4.488  15.754  1.00 46.68  ? 108 GLU A N   1 
ATOM   549  C  CA  . GLU A 1 69  ? -15.622 -5.104  15.631  1.00 53.08  ? 108 GLU A CA  1 
ATOM   550  C  C   . GLU A 1 69  ? -15.525 -5.956  14.360  1.00 45.52  ? 108 GLU A C   1 
ATOM   551  O  O   . GLU A 1 69  ? -16.530 -6.539  13.947  1.00 45.78  ? 108 GLU A O   1 
ATOM   552  C  CB  . GLU A 1 69  ? -15.234 -5.817  16.935  1.00 58.52  ? 108 GLU A CB  1 
ATOM   553  C  CG  . GLU A 1 69  ? -16.028 -7.072  17.265  1.00 68.25  ? 108 GLU A CG  1 
ATOM   554  C  CD  . GLU A 1 69  ? -15.287 -8.084  18.141  1.00 76.17  ? 108 GLU A CD  1 
ATOM   555  O  OE1 . GLU A 1 69  ? -14.158 -8.488  17.763  1.00 79.68  ? 108 GLU A OE1 1 
ATOM   556  O  OE2 . GLU A 1 69  ? -15.835 -8.480  19.201  1.00 70.92  ? 108 GLU A OE2 1 
ATOM   557  N  N   . TRP A 1 70  ? -14.337 -5.956  13.738  1.00 45.62  ? 109 TRP A N   1 
ATOM   558  C  CA  . TRP A 1 70  ? -14.008 -6.697  12.490  1.00 39.29  ? 109 TRP A CA  1 
ATOM   559  C  C   . TRP A 1 70  ? -13.783 -8.179  12.825  1.00 39.80  ? 109 TRP A C   1 
ATOM   560  O  O   . TRP A 1 70  ? -13.009 -8.465  13.751  1.00 41.49  ? 109 TRP A O   1 
ATOM   561  C  CB  . TRP A 1 70  ? -12.779 -6.098  11.785  1.00 39.52  ? 109 TRP A CB  1 
ATOM   562  C  CG  . TRP A 1 70  ? -13.059 -4.825  11.055  1.00 34.49  ? 109 TRP A CG  1 
ATOM   563  C  CD1 . TRP A 1 70  ? -12.727 -3.558  11.452  1.00 34.30  ? 109 TRP A CD1 1 
ATOM   564  C  CD2 . TRP A 1 70  ? -13.718 -4.692  9.787   1.00 30.84  ? 109 TRP A CD2 1 
ATOM   565  N  NE1 . TRP A 1 70  ? -13.166 -2.647  10.532  1.00 34.73  ? 109 TRP A NE1 1 
ATOM   566  C  CE2 . TRP A 1 70  ? -13.783 -3.311  9.506   1.00 32.14  ? 109 TRP A CE2 1 
ATOM   567  C  CE3 . TRP A 1 70  ? -14.284 -5.591  8.876   1.00 32.50  ? 109 TRP A CE3 1 
ATOM   568  C  CZ2 . TRP A 1 70  ? -14.377 -2.822  8.346   1.00 34.26  ? 109 TRP A CZ2 1 
ATOM   569  C  CZ3 . TRP A 1 70  ? -14.880 -5.105  7.733   1.00 34.02  ? 109 TRP A CZ3 1 
ATOM   570  C  CH2 . TRP A 1 70  ? -14.907 -3.736  7.465   1.00 32.71  ? 109 TRP A CH2 1 
ATOM   571  N  N   . VAL A 1 71  ? -14.427 -9.081  12.086  1.00 44.65  ? 110 VAL A N   1 
ATOM   572  C  CA  . VAL A 1 71  ? -14.298 -10.557 12.288  1.00 43.77  ? 110 VAL A CA  1 
ATOM   573  C  C   . VAL A 1 71  ? -14.219 -11.233 10.930  1.00 40.83  ? 110 VAL A C   1 
ATOM   574  O  O   . VAL A 1 71  ? -14.936 -10.890 9.991   1.00 38.82  ? 110 VAL A O   1 
ATOM   575  C  CB  . VAL A 1 71  ? -15.424 -11.146 13.164  1.00 47.49  ? 110 VAL A CB  1 
ATOM   576  C  CG1 . VAL A 1 71  ? -15.359 -10.611 14.583  1.00 45.68  ? 110 VAL A CG1 1 
ATOM   577  C  CG2 . VAL A 1 71  ? -16.801 -10.929 12.568  1.00 49.41  ? 110 VAL A CG2 1 
ATOM   578  N  N   . PRO A 1 72  ? -13.269 -12.180 10.776  1.00 40.84  ? 111 PRO A N   1 
ATOM   579  C  CA  . PRO A 1 72  ? -13.120 -12.920 9.537   1.00 42.84  ? 111 PRO A CA  1 
ATOM   580  C  C   . PRO A 1 72  ? -14.184 -14.014 9.398   1.00 44.95  ? 111 PRO A C   1 
ATOM   581  O  O   . PRO A 1 72  ? -14.553 -14.588 10.398  1.00 47.92  ? 111 PRO A O   1 
ATOM   582  C  CB  . PRO A 1 72  ? -11.712 -13.506 9.659   1.00 41.04  ? 111 PRO A CB  1 
ATOM   583  C  CG  . PRO A 1 72  ? -11.528 -13.704 11.130  1.00 39.07  ? 111 PRO A CG  1 
ATOM   584  C  CD  . PRO A 1 72  ? -12.271 -12.558 11.781  1.00 43.22  ? 111 PRO A CD  1 
ATOM   585  N  N   . GLY A 1 73  ? -14.617 -14.234 8.155   1.00 52.56  ? 112 GLY A N   1 
ATOM   586  C  CA  . GLY A 1 73  ? -15.647 -15.203 7.744   1.00 56.66  ? 112 GLY A CA  1 
ATOM   587  C  C   . GLY A 1 73  ? -15.096 -16.612 7.759   1.00 64.04  ? 112 GLY A C   1 
ATOM   588  O  O   . GLY A 1 73  ? -13.880 -16.765 7.926   1.00 70.94  ? 112 GLY A O   1 
ATOM   589  N  N   . GLY A 1 74  ? -15.966 -17.604 7.576   1.00 67.28  ? 113 GLY A N   1 
ATOM   590  C  CA  . GLY A 1 74  ? -15.667 -19.025 7.829   1.00 69.63  ? 113 GLY A CA  1 
ATOM   591  C  C   . GLY A 1 74  ? -14.890 -19.670 6.696   1.00 70.32  ? 113 GLY A C   1 
ATOM   592  O  O   . GLY A 1 74  ? -14.202 -20.677 6.976   1.00 76.82  ? 113 GLY A O   1 
ATOM   593  N  N   . LYS A 1 75  ? -14.993 -19.128 5.471   1.00 65.10  ? 114 LYS A N   1 
ATOM   594  C  CA  . LYS A 1 75  ? -14.730 -19.891 4.221   1.00 66.65  ? 114 LYS A CA  1 
ATOM   595  C  C   . LYS A 1 75  ? -13.607 -19.259 3.401   1.00 63.49  ? 114 LYS A C   1 
ATOM   596  O  O   . LYS A 1 75  ? -13.855 -18.479 2.486   1.00 55.67  ? 114 LYS A O   1 
ATOM   597  C  CB  . LYS A 1 75  ? -16.003 -20.011 3.380   1.00 70.31  ? 114 LYS A CB  1 
ATOM   598  C  CG  . LYS A 1 75  ? -15.986 -21.164 2.383   1.00 74.44  ? 114 LYS A CG  1 
ATOM   599  C  CD  . LYS A 1 75  ? -16.041 -22.540 3.036   1.00 74.68  ? 114 LYS A CD  1 
ATOM   600  C  CE  . LYS A 1 75  ? -16.251 -23.668 2.046   1.00 77.09  ? 114 LYS A CE  1 
ATOM   601  N  NZ  . LYS A 1 75  ? -16.392 -24.979 2.726   1.00 77.20  ? 114 LYS A NZ  1 
ATOM   602  N  N   . PRO A 1 76  ? -12.345 -19.689 3.603   1.00 65.61  ? 115 PRO A N   1 
ATOM   603  C  CA  . PRO A 1 76  ? -11.209 -19.079 2.917   1.00 63.10  ? 115 PRO A CA  1 
ATOM   604  C  C   . PRO A 1 76  ? -11.185 -19.434 1.422   1.00 61.61  ? 115 PRO A C   1 
ATOM   605  O  O   . PRO A 1 76  ? -11.530 -20.546 1.071   1.00 52.49  ? 115 PRO A O   1 
ATOM   606  C  CB  . PRO A 1 76  ? -9.993  -19.682 3.633   1.00 64.08  ? 115 PRO A CB  1 
ATOM   607  C  CG  . PRO A 1 76  ? -10.476 -21.045 4.089   1.00 66.00  ? 115 PRO A CG  1 
ATOM   608  C  CD  . PRO A 1 76  ? -11.946 -20.851 4.416   1.00 68.95  ? 115 PRO A CD  1 
ATOM   609  N  N   . GLU A 1 77  ? -10.786 -18.472 0.588   1.00 56.92  ? 116 GLU A N   1 
ATOM   610  C  CA  . GLU A 1 77  ? -10.577 -18.652 -0.869  1.00 61.60  ? 116 GLU A CA  1 
ATOM   611  C  C   . GLU A 1 77  ? -9.162  -18.191 -1.205  1.00 60.52  ? 116 GLU A C   1 
ATOM   612  O  O   . GLU A 1 77  ? -8.600  -17.360 -0.503  1.00 64.73  ? 116 GLU A O   1 
ATOM   613  C  CB  . GLU A 1 77  ? -11.640 -17.867 -1.639  1.00 64.27  ? 116 GLU A CB  1 
ATOM   614  C  CG  . GLU A 1 77  ? -13.069 -18.283 -1.309  1.00 69.21  ? 116 GLU A CG  1 
ATOM   615  C  CD  . GLU A 1 77  ? -14.149 -17.443 -1.982  1.00 74.63  ? 116 GLU A CD  1 
ATOM   616  O  OE1 . GLU A 1 77  ? -13.968 -17.090 -3.168  1.00 77.83  ? 116 GLU A OE1 1 
ATOM   617  O  OE2 . GLU A 1 77  ? -15.167 -17.132 -1.321  1.00 74.60  ? 116 GLU A OE2 1 
ATOM   618  N  N   . PRO A 1 78  ? -8.543  -18.691 -2.295  1.00 63.10  ? 117 PRO A N   1 
ATOM   619  C  CA  . PRO A 1 78  ? -7.217  -18.222 -2.695  1.00 65.43  ? 117 PRO A CA  1 
ATOM   620  C  C   . PRO A 1 78  ? -7.327  -16.751 -3.113  1.00 60.14  ? 117 PRO A C   1 
ATOM   621  O  O   . PRO A 1 78  ? -8.254  -16.442 -3.820  1.00 51.48  ? 117 PRO A O   1 
ATOM   622  C  CB  . PRO A 1 78  ? -6.854  -19.112 -3.890  1.00 65.57  ? 117 PRO A CB  1 
ATOM   623  C  CG  . PRO A 1 78  ? -8.205  -19.494 -4.465  1.00 69.13  ? 117 PRO A CG  1 
ATOM   624  C  CD  . PRO A 1 78  ? -9.107  -19.652 -3.253  1.00 66.54  ? 117 PRO A CD  1 
ATOM   625  N  N   . GLN A 1 79  ? -6.400  -15.915 -2.665  1.00 63.29  ? 118 GLN A N   1 
ATOM   626  C  CA  . GLN A 1 79  ? -6.505  -14.500 -3.085  1.00 72.29  ? 118 GLN A CA  1 
ATOM   627  C  C   . GLN A 1 79  ? -5.500  -14.271 -4.207  1.00 78.65  ? 118 GLN A C   1 
ATOM   628  O  O   . GLN A 1 79  ? -4.299  -14.335 -3.949  1.00 74.63  ? 118 GLN A O   1 
ATOM   629  C  CB  . GLN A 1 79  ? -6.290  -13.550 -1.909  1.00 67.61  ? 118 GLN A CB  1 
ATOM   630  C  CG  . GLN A 1 79  ? -7.287  -13.720 -0.781  1.00 69.32  ? 118 GLN A CG  1 
ATOM   631  C  CD  . GLN A 1 79  ? -8.706  -13.481 -1.230  1.00 66.84  ? 118 GLN A CD  1 
ATOM   632  O  OE1 . GLN A 1 79  ? -8.983  -12.625 -2.060  1.00 64.77  ? 118 GLN A OE1 1 
ATOM   633  N  NE2 . GLN A 1 79  ? -9.624  -14.240 -0.669  1.00 70.56  ? 118 GLN A NE2 1 
ATOM   634  N  N   . ALA A 1 80  ? -6.008  -13.966 -5.398  1.00 92.19  ? 119 ALA A N   1 
ATOM   635  C  CA  . ALA A 1 80  ? -5.116  -13.690 -6.545  1.00 89.77  ? 119 ALA A CA  1 
ATOM   636  C  C   . ALA A 1 80  ? -4.274  -12.469 -6.178  1.00 82.14  ? 119 ALA A C   1 
ATOM   637  O  O   . ALA A 1 80  ? -4.825  -11.487 -5.674  1.00 76.65  ? 119 ALA A O   1 
ATOM   638  C  CB  . ALA A 1 80  ? -5.928  -13.444 -7.797  1.00 93.10  ? 119 ALA A CB  1 
ATOM   639  N  N   . PRO A 1 81  ? -2.974  -12.430 -6.511  1.00 72.57  ? 120 PRO A N   1 
ATOM   640  C  CA  . PRO A 1 81  ? -2.139  -11.296 -6.160  1.00 65.66  ? 120 PRO A CA  1 
ATOM   641  C  C   . PRO A 1 81  ? -2.633  -10.009 -6.829  1.00 55.80  ? 120 PRO A C   1 
ATOM   642  O  O   . PRO A 1 81  ? -3.162  -10.040 -7.919  1.00 52.99  ? 120 PRO A O   1 
ATOM   643  C  CB  . PRO A 1 81  ? -0.798  -11.667 -6.799  1.00 30.00  ? 120 PRO A CB  1 
ATOM   644  C  CG  . PRO A 1 81  ? -1.168  -12.628 -7.897  1.00 30.00  ? 120 PRO A CG  1 
ATOM   645  C  CD  . PRO A 1 81  ? -2.266  -13.446 -7.268  1.00 30.00  ? 120 PRO A CD  1 
ATOM   646  N  N   . SER A 1 82  ? -2.412  -8.878  -6.168  1.00 48.34  ? 121 SER A N   1 
ATOM   647  C  CA  . SER A 1 82  ? -2.856  -7.587  -6.756  1.00 46.36  ? 121 SER A CA  1 
ATOM   648  C  C   . SER A 1 82  ? -1.958  -7.204  -7.918  1.00 39.61  ? 121 SER A C   1 
ATOM   649  O  O   . SER A 1 82  ? -0.835  -7.642  -7.988  1.00 40.93  ? 121 SER A O   1 
ATOM   650  C  CB  . SER A 1 82  ? -2.930  -6.457  -5.758  1.00 30.00  ? 121 SER A CB  1 
ATOM   651  O  OG  . SER A 1 82  ? -1.872  -5.518  -5.894  1.00 30.00  ? 121 SER A OG  1 
ATOM   652  N  N   . CYS A 1 83  ? -2.455  -6.294  -8.749  1.00 38.79  ? 122 CYS A N   1 
ATOM   653  C  CA  . CYS A 1 83  ? -1.657  -5.716  -9.849  1.00 38.95  ? 122 CYS A CA  1 
ATOM   654  C  C   . CYS A 1 83  ? -0.633  -4.735  -9.255  1.00 34.45  ? 122 CYS A C   1 
ATOM   655  O  O   . CYS A 1 83  ? -0.762  -4.302  -8.113  1.00 32.48  ? 122 CYS A O   1 
ATOM   656  C  CB  . CYS A 1 83  ? -2.533  -5.067  -10.909 1.00 42.01  ? 122 CYS A CB  1 
ATOM   657  S  SG  . CYS A 1 83  ? -3.358  -6.281  -11.969 1.00 52.28  ? 122 CYS A SG  1 
ATOM   658  N  N   . VAL A 1 84  ? 0.364   -4.389  -10.043 1.00 33.05  ? 123 VAL A N   1 
ATOM   659  C  CA  . VAL A 1 84  ? 1.449   -3.519  -9.528  1.00 34.56  ? 123 VAL A CA  1 
ATOM   660  C  C   . VAL A 1 84  ? 1.277   -2.071  -10.005 1.00 31.59  ? 123 VAL A C   1 
ATOM   661  O  O   . VAL A 1 84  ? 0.913   -1.866  -11.134 1.00 31.28  ? 123 VAL A O   1 
ATOM   662  C  CB  . VAL A 1 84  ? 2.802   -4.108  -9.953  1.00 39.05  ? 123 VAL A CB  1 
ATOM   663  C  CG1 . VAL A 1 84  ? 2.950   -4.087  -11.450 1.00 39.24  ? 123 VAL A CG1 1 
ATOM   664  C  CG2 . VAL A 1 84  ? 3.973   -3.416  -9.298  1.00 39.13  ? 123 VAL A CG2 1 
ATOM   665  N  N   . TYR A 1 85  ? 1.465   -1.130  -9.094  1.00 30.84  ? 124 TYR A N   1 
ATOM   666  C  CA  . TYR A 1 85  ? 1.488   0.321   -9.399  1.00 29.79  ? 124 TYR A CA  1 
ATOM   667  C  C   . TYR A 1 85  ? 2.942   0.747   -9.518  1.00 28.07  ? 124 TYR A C   1 
ATOM   668  O  O   . TYR A 1 85  ? 3.720   0.501   -8.569  1.00 26.35  ? 124 TYR A O   1 
ATOM   669  C  CB  . TYR A 1 85  ? 0.762   1.108   -8.314  1.00 30.89  ? 124 TYR A CB  1 
ATOM   670  C  CG  . TYR A 1 85  ? 0.809   2.612   -8.474  1.00 31.09  ? 124 TYR A CG  1 
ATOM   671  C  CD1 . TYR A 1 85  ? -0.043  3.280   -9.345  1.00 31.69  ? 124 TYR A CD1 1 
ATOM   672  C  CD2 . TYR A 1 85  ? 1.722   3.368   -7.769  1.00 30.29  ? 124 TYR A CD2 1 
ATOM   673  C  CE1 . TYR A 1 85  ? 0.018   4.654   -9.507  1.00 31.25  ? 124 TYR A CE1 1 
ATOM   674  C  CE2 . TYR A 1 85  ? 1.781   4.747   -7.895  1.00 32.16  ? 124 TYR A CE2 1 
ATOM   675  C  CZ  . TYR A 1 85  ? 0.938   5.391   -8.783  1.00 31.29  ? 124 TYR A CZ  1 
ATOM   676  O  OH  . TYR A 1 85  ? 0.981   6.745   -8.886  1.00 29.07  ? 124 TYR A OH  1 
ATOM   677  N  N   . ILE A 1 86  ? 3.294   1.351   -10.647 1.00 26.19  ? 125 ILE A N   1 
ATOM   678  C  CA  . ILE A 1 86  ? 4.633   1.941   -10.920 1.00 28.37  ? 125 ILE A CA  1 
ATOM   679  C  C   . ILE A 1 86  ? 4.637   3.377   -10.400 1.00 31.32  ? 125 ILE A C   1 
ATOM   680  O  O   . ILE A 1 86  ? 3.796   4.182   -10.853 1.00 27.86  ? 125 ILE A O   1 
ATOM   681  C  CB  . ILE A 1 86  ? 4.958   1.889   -12.413 1.00 31.99  ? 125 ILE A CB  1 
ATOM   682  C  CG1 . ILE A 1 86  ? 4.786   0.485   -12.982 1.00 34.13  ? 125 ILE A CG1 1 
ATOM   683  C  CG2 . ILE A 1 86  ? 6.367   2.413   -12.685 1.00 32.60  ? 125 ILE A CG2 1 
ATOM   684  C  CD1 . ILE A 1 86  ? 4.814   0.454   -14.502 1.00 37.63  ? 125 ILE A CD1 1 
ATOM   685  N  N   . HIS A 1 87  ? 5.545   3.712   -9.485  1.00 28.81  ? 126 HIS A N   1 
ATOM   686  C  CA  . HIS A 1 87  ? 5.678   5.108   -9.017  1.00 28.32  ? 126 HIS A CA  1 
ATOM   687  C  C   . HIS A 1 87  ? 5.910   5.949   -10.271 1.00 27.87  ? 126 HIS A C   1 
ATOM   688  O  O   . HIS A 1 87  ? 6.764   5.621   -11.086 1.00 24.55  ? 126 HIS A O   1 
ATOM   689  C  CB  . HIS A 1 87  ? 6.781   5.299   -7.969  1.00 27.31  ? 126 HIS A CB  1 
ATOM   690  C  CG  . HIS A 1 87  ? 6.689   6.640   -7.321  1.00 33.08  ? 126 HIS A CG  1 
ATOM   691  N  ND1 . HIS A 1 87  ? 7.124   7.803   -7.956  1.00 32.15  ? 126 HIS A ND1 1 
ATOM   692  C  CD2 . HIS A 1 87  ? 6.138   7.028   -6.154  1.00 33.53  ? 126 HIS A CD2 1 
ATOM   693  C  CE1 . HIS A 1 87  ? 6.880   8.836   -7.170  1.00 35.07  ? 126 HIS A CE1 1 
ATOM   694  N  NE2 . HIS A 1 87  ? 6.280   8.390   -6.058  1.00 35.31  ? 126 HIS A NE2 1 
ATOM   695  N  N   . PRO A 1 88  ? 5.187   7.066   -10.467 1.00 31.29  ? 127 PRO A N   1 
ATOM   696  C  CA  . PRO A 1 88  ? 5.322   7.836   -11.714 1.00 31.48  ? 127 PRO A CA  1 
ATOM   697  C  C   . PRO A 1 88  ? 6.705   8.481   -11.926 1.00 31.67  ? 127 PRO A C   1 
ATOM   698  O  O   . PRO A 1 88  ? 7.064   8.733   -13.071 1.00 30.30  ? 127 PRO A O   1 
ATOM   699  C  CB  . PRO A 1 88  ? 4.181   8.860   -11.601 1.00 31.29  ? 127 PRO A CB  1 
ATOM   700  C  CG  . PRO A 1 88  ? 3.988   9.029   -10.117 1.00 33.45  ? 127 PRO A CG  1 
ATOM   701  C  CD  . PRO A 1 88  ? 4.203   7.639   -9.541  1.00 29.25  ? 127 PRO A CD  1 
ATOM   702  N  N   . ASP A 1 89  ? 7.516   8.644   -10.875 1.00 30.26  ? 128 ASP A N   1 
ATOM   703  C  CA  . ASP A 1 89  ? 8.903   9.141   -11.049 1.00 33.13  ? 128 ASP A CA  1 
ATOM   704  C  C   . ASP A 1 89  ? 9.756   8.046   -11.691 1.00 31.83  ? 128 ASP A C   1 
ATOM   705  O  O   . ASP A 1 89  ? 10.874  8.373   -12.061 1.00 32.32  ? 128 ASP A O   1 
ATOM   706  C  CB  . ASP A 1 89  ? 9.583   9.584   -9.748  1.00 33.24  ? 128 ASP A CB  1 
ATOM   707  C  CG  . ASP A 1 89  ? 8.913   10.703  -8.980  1.00 35.25  ? 128 ASP A CG  1 
ATOM   708  O  OD1 . ASP A 1 89  ? 7.827   11.138  -9.383  1.00 37.56  ? 128 ASP A OD1 1 
ATOM   709  O  OD2 . ASP A 1 89  ? 9.464   11.081  -7.918  1.00 34.40  ? 128 ASP A OD2 1 
ATOM   710  N  N   . SER A 1 90  ? 9.273   6.796   -11.791 1.00 29.70  ? 129 SER A N   1 
ATOM   711  C  CA  . SER A 1 90  ? 10.039  5.650   -12.350 1.00 29.37  ? 129 SER A CA  1 
ATOM   712  C  C   . SER A 1 90  ? 10.173  5.849   -13.853 1.00 31.14  ? 129 SER A C   1 
ATOM   713  O  O   . SER A 1 90  ? 9.297   6.452   -14.455 1.00 32.68  ? 129 SER A O   1 
ATOM   714  C  CB  . SER A 1 90  ? 9.381   4.323   -12.053 1.00 29.19  ? 129 SER A CB  1 
ATOM   715  O  OG  . SER A 1 90  ? 9.048   4.225   -10.669 1.00 26.59  ? 129 SER A OG  1 
ATOM   716  N  N   . PRO A 1 91  ? 11.257  5.392   -14.508 1.00 31.63  ? 130 PRO A N   1 
ATOM   717  C  CA  . PRO A 1 91  ? 12.494  4.984   -13.851 1.00 31.30  ? 130 PRO A CA  1 
ATOM   718  C  C   . PRO A 1 91  ? 13.330  6.197   -13.430 1.00 34.43  ? 130 PRO A C   1 
ATOM   719  O  O   . PRO A 1 91  ? 13.181  7.241   -14.031 1.00 35.13  ? 130 PRO A O   1 
ATOM   720  C  CB  . PRO A 1 91  ? 13.225  4.208   -14.937 1.00 37.50  ? 130 PRO A CB  1 
ATOM   721  C  CG  . PRO A 1 91  ? 12.740  4.842   -16.213 1.00 37.39  ? 130 PRO A CG  1 
ATOM   722  C  CD  . PRO A 1 91  ? 11.309  5.242   -15.959 1.00 35.97  ? 130 PRO A CD  1 
ATOM   723  N  N   . ASN A 1 92  ? 14.188  6.063   -12.428 1.00 30.54  ? 131 ASN A N   1 
ATOM   724  C  CA  . ASN A 1 92  ? 14.933  7.252   -11.947 1.00 35.89  ? 131 ASN A CA  1 
ATOM   725  C  C   . ASN A 1 92  ? 16.222  6.839   -11.234 1.00 36.83  ? 131 ASN A C   1 
ATOM   726  O  O   . ASN A 1 92  ? 16.398  5.656   -10.926 1.00 33.05  ? 131 ASN A O   1 
ATOM   727  C  CB  . ASN A 1 92  ? 14.043  8.190   -11.129 1.00 34.59  ? 131 ASN A CB  1 
ATOM   728  C  CG  . ASN A 1 92  ? 14.197  9.631   -11.584 1.00 37.66  ? 131 ASN A CG  1 
ATOM   729  O  OD1 . ASN A 1 92  ? 15.320  10.110  -11.737 1.00 38.23  ? 131 ASN A OD1 1 
ATOM   730  N  ND2 . ASN A 1 92  ? 13.092  10.321  -11.813 1.00 31.65  ? 131 ASN A ND2 1 
ATOM   731  N  N   . PHE A 1 93  ? 17.142  7.795   -11.095 1.00 36.65  ? 132 PHE A N   1 
ATOM   732  C  CA  . PHE A 1 93  ? 18.465  7.577   -10.461 1.00 40.19  ? 132 PHE A CA  1 
ATOM   733  C  C   . PHE A 1 93  ? 18.254  7.322   -8.967  1.00 37.16  ? 132 PHE A C   1 
ATOM   734  O  O   . PHE A 1 93  ? 17.331  7.897   -8.370  1.00 37.22  ? 132 PHE A O   1 
ATOM   735  C  CB  . PHE A 1 93  ? 19.393  8.764   -10.738 1.00 43.49  ? 132 PHE A CB  1 
ATOM   736  C  CG  . PHE A 1 93  ? 19.817  8.839   -12.184 1.00 43.12  ? 132 PHE A CG  1 
ATOM   737  C  CD1 . PHE A 1 93  ? 20.702  7.908   -12.705 1.00 45.92  ? 132 PHE A CD1 1 
ATOM   738  C  CD2 . PHE A 1 93  ? 19.286  9.795   -13.037 1.00 45.14  ? 132 PHE A CD2 1 
ATOM   739  C  CE1 . PHE A 1 93  ? 21.068  7.941   -14.043 1.00 47.11  ? 132 PHE A CE1 1 
ATOM   740  C  CE2 . PHE A 1 93  ? 19.665  9.840   -14.375 1.00 42.61  ? 132 PHE A CE2 1 
ATOM   741  C  CZ  . PHE A 1 93  ? 20.544  8.909   -14.876 1.00 44.54  ? 132 PHE A CZ  1 
ATOM   742  N  N   . GLY A 1 94  ? 19.107  6.492   -8.382  1.00 40.43  ? 133 GLY A N   1 
ATOM   743  C  CA  . GLY A 1 94  ? 19.165  6.324   -6.919  1.00 42.22  ? 133 GLY A CA  1 
ATOM   744  C  C   . GLY A 1 94  ? 19.094  7.658   -6.189  1.00 42.72  ? 133 GLY A C   1 
ATOM   745  O  O   . GLY A 1 94  ? 18.361  7.749   -5.195  1.00 37.85  ? 133 GLY A O   1 
ATOM   746  N  N   . ALA A 1 95  ? 19.821  8.680   -6.660  1.00 43.62  ? 134 ALA A N   1 
ATOM   747  C  CA  . ALA A 1 95  ? 19.896  10.013  -6.015  1.00 39.40  ? 134 ALA A CA  1 
ATOM   748  C  C   . ALA A 1 95  ? 18.502  10.629  -5.900  1.00 37.88  ? 134 ALA A C   1 
ATOM   749  O  O   . ALA A 1 95  ? 18.224  11.335  -4.908  1.00 38.09  ? 134 ALA A O   1 
ATOM   750  C  CB  . ALA A 1 95  ? 20.809  10.909  -6.816  1.00 42.97  ? 134 ALA A CB  1 
ATOM   751  N  N   . HIS A 1 96  ? 17.658  10.412  -6.904  1.00 35.95  ? 135 HIS A N   1 
ATOM   752  C  CA  . HIS A 1 96  ? 16.298  10.998  -6.960  1.00 39.04  ? 135 HIS A CA  1 
ATOM   753  C  C   . HIS A 1 96  ? 15.466  10.404  -5.824  1.00 36.52  ? 135 HIS A C   1 
ATOM   754  O  O   . HIS A 1 96  ? 14.657  11.119  -5.185  1.00 38.16  ? 135 HIS A O   1 
ATOM   755  C  CB  . HIS A 1 96  ? 15.640  10.734  -8.328  1.00 38.87  ? 135 HIS A CB  1 
ATOM   756  C  CG  . HIS A 1 96  ? 14.210  11.140  -8.362  1.00 40.32  ? 135 HIS A CG  1 
ATOM   757  N  ND1 . HIS A 1 96  ? 13.815  12.440  -8.637  1.00 42.67  ? 135 HIS A ND1 1 
ATOM   758  C  CD2 . HIS A 1 96  ? 13.085  10.438  -8.120  1.00 37.44  ? 135 HIS A CD2 1 
ATOM   759  C  CE1 . HIS A 1 96  ? 12.504  12.521  -8.578  1.00 46.56  ? 135 HIS A CE1 1 
ATOM   760  N  NE2 . HIS A 1 96  ? 12.030  11.296  -8.251  1.00 44.15  ? 135 HIS A NE2 1 
ATOM   761  N  N   . TRP A 1 97  ? 15.621  9.113   -5.637  1.00 37.56  ? 136 TRP A N   1 
ATOM   762  C  CA  . TRP A 1 97  ? 14.785  8.327   -4.698  1.00 36.69  ? 136 TRP A CA  1 
ATOM   763  C  C   . TRP A 1 97  ? 15.220  8.598   -3.259  1.00 38.62  ? 136 TRP A C   1 
ATOM   764  O  O   . TRP A 1 97  ? 14.358  8.558   -2.380  1.00 39.82  ? 136 TRP A O   1 
ATOM   765  C  CB  . TRP A 1 97  ? 14.910  6.847   -5.025  1.00 34.83  ? 136 TRP A CB  1 
ATOM   766  C  CG  . TRP A 1 97  ? 14.425  6.452   -6.379  1.00 31.52  ? 136 TRP A CG  1 
ATOM   767  C  CD1 . TRP A 1 97  ? 15.171  5.878   -7.364  1.00 30.03  ? 136 TRP A CD1 1 
ATOM   768  C  CD2 . TRP A 1 97  ? 13.076  6.505   -6.866  1.00 28.97  ? 136 TRP A CD2 1 
ATOM   769  N  NE1 . TRP A 1 97  ? 14.376  5.569   -8.435  1.00 29.53  ? 136 TRP A NE1 1 
ATOM   770  C  CE2 . TRP A 1 97  ? 13.094  5.970   -8.167  1.00 27.70  ? 136 TRP A CE2 1 
ATOM   771  C  CE3 . TRP A 1 97  ? 11.862  6.973   -6.348  1.00 31.30  ? 136 TRP A CE3 1 
ATOM   772  C  CZ2 . TRP A 1 97  ? 11.945  5.855   -8.946  1.00 28.38  ? 136 TRP A CZ2 1 
ATOM   773  C  CZ3 . TRP A 1 97  ? 10.726  6.866   -7.120  1.00 30.02  ? 136 TRP A CZ3 1 
ATOM   774  C  CH2 . TRP A 1 97  ? 10.763  6.295   -8.393  1.00 29.52  ? 136 TRP A CH2 1 
ATOM   775  N  N   . MET A 1 98  ? 16.509  8.872   -3.034  1.00 40.99  ? 137 MET A N   1 
ATOM   776  C  CA  . MET A 1 98  ? 17.077  9.021   -1.664  1.00 41.55  ? 137 MET A CA  1 
ATOM   777  C  C   . MET A 1 98  ? 16.982  10.473  -1.185  1.00 41.37  ? 137 MET A C   1 
ATOM   778  O  O   . MET A 1 98  ? 17.196  10.659  0.006   1.00 42.40  ? 137 MET A O   1 
ATOM   779  C  CB  . MET A 1 98  ? 18.541  8.579   -1.605  1.00 40.87  ? 137 MET A CB  1 
ATOM   780  C  CG  . MET A 1 98  ? 18.722  7.096   -1.846  1.00 42.43  ? 137 MET A CG  1 
ATOM   781  S  SD  . MET A 1 98  ? 20.418  6.529   -1.526  1.00 44.57  ? 137 MET A SD  1 
ATOM   782  C  CE  . MET A 1 98  ? 21.238  7.093   -3.020  1.00 47.44  ? 137 MET A CE  1 
ATOM   783  N  N   . LYS A 1 99  ? 16.664  11.447  -2.047  1.00 42.99  ? 138 LYS A N   1 
ATOM   784  C  CA  . LYS A 1 99  ? 16.706  12.901  -1.699  1.00 46.10  ? 138 LYS A CA  1 
ATOM   785  C  C   . LYS A 1 99  ? 15.433  13.330  -0.962  1.00 48.49  ? 138 LYS A C   1 
ATOM   786  O  O   . LYS A 1 99  ? 15.488  14.333  -0.232  1.00 51.08  ? 138 LYS A O   1 
ATOM   787  C  CB  . LYS A 1 99  ? 16.972  13.787  -2.926  1.00 48.08  ? 138 LYS A CB  1 
ATOM   788  C  CG  . LYS A 1 99  ? 15.937  13.769  -4.046  1.00 50.38  ? 138 LYS A CG  1 
ATOM   789  C  CD  . LYS A 1 99  ? 15.894  15.088  -4.825  1.00 60.11  ? 138 LYS A CD  1 
ATOM   790  C  CE  . LYS A 1 99  ? 14.967  15.088  -6.028  1.00 63.93  ? 138 LYS A CE  1 
ATOM   791  N  NZ  . LYS A 1 99  ? 15.702  14.956  -7.313  1.00 69.19  ? 138 LYS A NZ  1 
ATOM   792  N  N   . ALA A 1 100 ? 14.320  12.607  -1.111  1.00 45.61  ? 139 ALA A N   1 
ATOM   793  C  CA  . ALA A 1 100 ? 13.095  12.839  -0.310  1.00 42.95  ? 139 ALA A CA  1 
ATOM   794  C  C   . ALA A 1 100 ? 12.296  11.542  -0.202  1.00 39.90  ? 139 ALA A C   1 
ATOM   795  O  O   . ALA A 1 100 ? 12.502  10.628  -1.000  1.00 44.63  ? 139 ALA A O   1 
ATOM   796  C  CB  . ALA A 1 100 ? 12.280  13.942  -0.937  1.00 45.26  ? 139 ALA A CB  1 
ATOM   797  N  N   . PRO A 1 101 ? 11.393  11.414  0.797   1.00 39.97  ? 140 PRO A N   1 
ATOM   798  C  CA  . PRO A 1 101 ? 10.573  10.213  0.940   1.00 37.22  ? 140 PRO A CA  1 
ATOM   799  C  C   . PRO A 1 101 ? 9.862   9.904   -0.385  1.00 34.86  ? 140 PRO A C   1 
ATOM   800  O  O   . PRO A 1 101 ? 9.358   10.811  -1.014  1.00 33.88  ? 140 PRO A O   1 
ATOM   801  C  CB  . PRO A 1 101 ? 9.587   10.559  2.060   1.00 40.77  ? 140 PRO A CB  1 
ATOM   802  C  CG  . PRO A 1 101 ? 10.290  11.627  2.882   1.00 42.32  ? 140 PRO A CG  1 
ATOM   803  C  CD  . PRO A 1 101 ? 11.172  12.373  1.897   1.00 43.30  ? 140 PRO A CD  1 
ATOM   804  N  N   . VAL A 1 102 ? 9.892   8.646   -0.816  1.00 34.30  ? 141 VAL A N   1 
ATOM   805  C  CA  . VAL A 1 102 ? 9.119   8.195   -2.017  1.00 32.77  ? 141 VAL A CA  1 
ATOM   806  C  C   . VAL A 1 102 ? 7.648   8.103   -1.608  1.00 32.94  ? 141 VAL A C   1 
ATOM   807  O  O   . VAL A 1 102 ? 7.297   7.217   -0.792  1.00 29.05  ? 141 VAL A O   1 
ATOM   808  C  CB  . VAL A 1 102 ? 9.645   6.869   -2.583  1.00 33.73  ? 141 VAL A CB  1 
ATOM   809  C  CG1 . VAL A 1 102 ? 8.938   6.488   -3.869  1.00 33.90  ? 141 VAL A CG1 1 
ATOM   810  C  CG2 . VAL A 1 102 ? 11.151  6.926   -2.775  1.00 35.50  ? 141 VAL A CG2 1 
ATOM   811  N  N   . SER A 1 103 ? 6.810   8.977   -2.163  1.00 31.09  ? 142 SER A N   1 
ATOM   812  C  CA  . SER A 1 103 ? 5.401   9.152   -1.739  1.00 31.95  ? 142 SER A CA  1 
ATOM   813  C  C   . SER A 1 103 ? 4.474   8.557   -2.808  1.00 32.24  ? 142 SER A C   1 
ATOM   814  O  O   . SER A 1 103 ? 4.551   8.986   -3.973  1.00 32.10  ? 142 SER A O   1 
ATOM   815  C  CB  . SER A 1 103 ? 5.148   10.601  -1.475  1.00 32.77  ? 142 SER A CB  1 
ATOM   816  O  OG  . SER A 1 103 ? 3.801   10.817  -1.132  1.00 37.68  ? 142 SER A OG  1 
ATOM   817  N  N   . PHE A 1 104 ? 3.652   7.563   -2.456  1.00 28.66  ? 143 PHE A N   1 
ATOM   818  C  CA  . PHE A 1 104 ? 2.699   6.946   -3.417  1.00 28.27  ? 143 PHE A CA  1 
ATOM   819  C  C   . PHE A 1 104 ? 1.347   7.654   -3.319  1.00 29.97  ? 143 PHE A C   1 
ATOM   820  O  O   . PHE A 1 104 ? 0.308   7.009   -3.101  1.00 27.86  ? 143 PHE A O   1 
ATOM   821  C  CB  . PHE A 1 104 ? 2.593   5.445   -3.145  1.00 29.20  ? 143 PHE A CB  1 
ATOM   822  C  CG  . PHE A 1 104 ? 3.877   4.713   -3.428  1.00 29.79  ? 143 PHE A CG  1 
ATOM   823  C  CD1 . PHE A 1 104 ? 4.075   4.090   -4.650  1.00 28.73  ? 143 PHE A CD1 1 
ATOM   824  C  CD2 . PHE A 1 104 ? 4.896   4.672   -2.484  1.00 30.60  ? 143 PHE A CD2 1 
ATOM   825  C  CE1 . PHE A 1 104 ? 5.252   3.415   -4.908  1.00 30.67  ? 143 PHE A CE1 1 
ATOM   826  C  CE2 . PHE A 1 104 ? 6.062   3.977   -2.739  1.00 31.44  ? 143 PHE A CE2 1 
ATOM   827  C  CZ  . PHE A 1 104 ? 6.238   3.358   -3.951  1.00 30.44  ? 143 PHE A CZ  1 
ATOM   828  N  N   . SER A 1 105 ? 1.340   8.968   -3.503  1.00 30.43  ? 144 SER A N   1 
ATOM   829  C  CA  . SER A 1 105 ? 0.145   9.811   -3.268  1.00 29.97  ? 144 SER A CA  1 
ATOM   830  C  C   . SER A 1 105 ? -0.868  9.621   -4.400  1.00 29.03  ? 144 SER A C   1 
ATOM   831  O  O   . SER A 1 105 ? -2.029  9.968   -4.166  1.00 33.91  ? 144 SER A O   1 
ATOM   832  C  CB  . SER A 1 105 ? 0.523   11.249  -3.107  1.00 30.65  ? 144 SER A CB  1 
ATOM   833  O  OG  . SER A 1 105 ? 1.260   11.664  -4.229  1.00 33.51  ? 144 SER A OG  1 
ATOM   834  N  N   . LYS A 1 106 ? -0.477  9.090   -5.558  1.00 29.27  ? 145 LYS A N   1 
ATOM   835  C  CA  . LYS A 1 106 ? -1.378  9.070   -6.754  1.00 29.88  ? 145 LYS A CA  1 
ATOM   836  C  C   . LYS A 1 106 ? -1.937  7.674   -7.047  1.00 31.94  ? 145 LYS A C   1 
ATOM   837  O  O   . LYS A 1 106 ? -2.736  7.524   -8.020  1.00 30.75  ? 145 LYS A O   1 
ATOM   838  C  CB  . LYS A 1 106 ? -0.632  9.585   -7.977  1.00 30.82  ? 145 LYS A CB  1 
ATOM   839  C  CG  . LYS A 1 106 ? -0.094  10.990  -7.824  1.00 31.00  ? 145 LYS A CG  1 
ATOM   840  C  CD  . LYS A 1 106 ? -1.141  11.994  -7.427  1.00 33.82  ? 145 LYS A CD  1 
ATOM   841  C  CE  . LYS A 1 106 ? -0.687  13.398  -7.756  1.00 32.82  ? 145 LYS A CE  1 
ATOM   842  N  NZ  . LYS A 1 106 ? -1.769  14.357  -7.458  1.00 36.87  ? 145 LYS A NZ  1 
ATOM   843  N  N   . VAL A 1 107 ? -1.604  6.664   -6.239  1.00 29.58  ? 146 VAL A N   1 
ATOM   844  C  CA  . VAL A 1 107 ? -2.226  5.334   -6.474  1.00 30.87  ? 146 VAL A CA  1 
ATOM   845  C  C   . VAL A 1 107 ? -3.695  5.462   -6.080  1.00 29.03  ? 146 VAL A C   1 
ATOM   846  O  O   . VAL A 1 107 ? -3.982  6.089   -5.052  1.00 28.90  ? 146 VAL A O   1 
ATOM   847  C  CB  . VAL A 1 107 ? -1.505  4.189   -5.735  1.00 30.09  ? 146 VAL A CB  1 
ATOM   848  C  CG1 . VAL A 1 107 ? -1.586  4.336   -4.219  1.00 31.28  ? 146 VAL A CG1 1 
ATOM   849  C  CG2 . VAL A 1 107 ? -2.025  2.836   -6.192  1.00 30.44  ? 146 VAL A CG2 1 
ATOM   850  N  N   . LYS A 1 108 ? -4.583  4.855   -6.863  1.00 30.53  ? 147 LYS A N   1 
ATOM   851  C  CA  . LYS A 1 108 ? -6.042  4.840   -6.602  1.00 32.25  ? 147 LYS A CA  1 
ATOM   852  C  C   . LYS A 1 108 ? -6.488  3.393   -6.439  1.00 31.86  ? 147 LYS A C   1 
ATOM   853  O  O   . LYS A 1 108 ? -6.122  2.575   -7.283  1.00 31.47  ? 147 LYS A O   1 
ATOM   854  C  CB  . LYS A 1 108 ? -6.803  5.479   -7.758  1.00 36.58  ? 147 LYS A CB  1 
ATOM   855  C  CG  . LYS A 1 108 ? -6.552  6.969   -7.917  1.00 43.27  ? 147 LYS A CG  1 
ATOM   856  C  CD  . LYS A 1 108 ? -6.915  7.497   -9.282  1.00 47.74  ? 147 LYS A CD  1 
ATOM   857  C  CE  . LYS A 1 108 ? -8.217  8.259   -9.298  1.00 49.07  ? 147 LYS A CE  1 
ATOM   858  N  NZ  . LYS A 1 108 ? -8.286  9.138   -10.486 1.00 48.43  ? 147 LYS A NZ  1 
ATOM   859  N  N   . LEU A 1 109 ? -7.223  3.111   -5.366  1.00 33.50  ? 148 LEU A N   1 
ATOM   860  C  CA  . LEU A 1 109 ? -7.713  1.746   -5.042  1.00 32.31  ? 148 LEU A CA  1 
ATOM   861  C  C   . LEU A 1 109 ? -9.136  1.614   -5.585  1.00 35.94  ? 148 LEU A C   1 
ATOM   862  O  O   . LEU A 1 109 ? -9.966  2.477   -5.277  1.00 30.78  ? 148 LEU A O   1 
ATOM   863  C  CB  . LEU A 1 109 ? -7.634  1.542   -3.533  1.00 29.04  ? 148 LEU A CB  1 
ATOM   864  C  CG  . LEU A 1 109 ? -6.249  1.798   -2.940  1.00 30.24  ? 148 LEU A CG  1 
ATOM   865  C  CD1 . LEU A 1 109 ? -6.206  1.482   -1.456  1.00 28.47  ? 148 LEU A CD1 1 
ATOM   866  C  CD2 . LEU A 1 109 ? -5.181  1.027   -3.719  1.00 30.77  ? 148 LEU A CD2 1 
ATOM   867  N  N   . THR A 1 110 ? -9.394  0.604   -6.411  1.00 36.03  ? 149 THR A N   1 
ATOM   868  C  CA  . THR A 1 110 ? -10.742 0.384   -6.990  1.00 40.31  ? 149 THR A CA  1 
ATOM   869  C  C   . THR A 1 110 ? -11.271 -0.983  -6.566  1.00 41.09  ? 149 THR A C   1 
ATOM   870  O  O   . THR A 1 110 ? -10.475 -1.795  -6.042  1.00 41.21  ? 149 THR A O   1 
ATOM   871  C  CB  . THR A 1 110 ? -10.744 0.609   -8.512  1.00 40.09  ? 149 THR A CB  1 
ATOM   872  O  OG1 . THR A 1 110 ? -12.088 0.418   -8.949  1.00 40.86  ? 149 THR A OG1 1 
ATOM   873  C  CG2 . THR A 1 110 ? -9.812  -0.293  -9.287  1.00 38.98  ? 149 THR A CG2 1 
ATOM   874  N  N   . ASN A 1 111 ? -12.565 -1.217  -6.805  1.00 43.35  ? 150 ASN A N   1 
ATOM   875  C  CA  . ASN A 1 111 ? -13.202 -2.554  -6.671  1.00 46.12  ? 150 ASN A CA  1 
ATOM   876  C  C   . ASN A 1 111 ? -13.625 -3.080  -8.045  1.00 50.16  ? 150 ASN A C   1 
ATOM   877  O  O   . ASN A 1 111 ? -14.150 -4.190  -8.077  1.00 48.73  ? 150 ASN A O   1 
ATOM   878  C  CB  . ASN A 1 111 ? -14.347 -2.575  -5.651  1.00 46.22  ? 150 ASN A CB  1 
ATOM   879  C  CG  . ASN A 1 111 ? -15.416 -1.519  -5.843  1.00 43.92  ? 150 ASN A CG  1 
ATOM   880  O  OD1 . ASN A 1 111 ? -16.290 -1.385  -4.994  1.00 53.79  ? 150 ASN A OD1 1 
ATOM   881  N  ND2 . ASN A 1 111 ? -15.355 -0.756  -6.915  1.00 44.41  ? 150 ASN A ND2 1 
ATOM   882  N  N   . LYS A 1 112 ? -13.352 -2.370  -9.145  1.00 55.66  ? 151 LYS A N   1 
ATOM   883  C  CA  . LYS A 1 112 ? -13.812 -2.793  -10.499 1.00 68.01  ? 151 LYS A CA  1 
ATOM   884  C  C   . LYS A 1 112 ? -12.619 -2.854  -11.457 1.00 73.07  ? 151 LYS A C   1 
ATOM   885  O  O   . LYS A 1 112 ? -11.749 -1.967  -11.371 1.00 75.63  ? 151 LYS A O   1 
ATOM   886  C  CB  . LYS A 1 112 ? -14.905 -1.853  -11.024 1.00 74.29  ? 151 LYS A CB  1 
ATOM   887  C  CG  . LYS A 1 112 ? -16.219 -1.877  -10.244 1.00 79.40  ? 151 LYS A CG  1 
ATOM   888  C  CD  . LYS A 1 112 ? -17.112 -3.072  -10.548 1.00 80.89  ? 151 LYS A CD  1 
ATOM   889  C  CE  . LYS A 1 112 ? -18.396 -3.070  -9.742  1.00 81.18  ? 151 LYS A CE  1 
ATOM   890  N  NZ  . LYS A 1 112 ? -19.124 -4.354  -9.877  1.00 81.38  ? 151 LYS A NZ  1 
ATOM   891  N  N   . LEU A 1 113 ? -12.578 -3.877  -12.321 1.00 79.10  ? 152 LEU A N   1 
ATOM   892  C  CA  . LEU A 1 113 ? -11.574 -3.980  -13.417 1.00 81.43  ? 152 LEU A CA  1 
ATOM   893  C  C   . LEU A 1 113 ? -11.781 -2.774  -14.347 1.00 87.47  ? 152 LEU A C   1 
ATOM   894  O  O   . LEU A 1 113 ? -12.926 -2.551  -14.795 1.00 84.24  ? 152 LEU A O   1 
ATOM   895  C  CB  . LEU A 1 113 ? -11.624 -5.334  -14.151 1.00 80.18  ? 152 LEU A CB  1 
ATOM   896  C  CG  . LEU A 1 113 ? -12.953 -6.091  -14.312 1.00 80.52  ? 152 LEU A CG  1 
ATOM   897  C  CD1 . LEU A 1 113 ? -13.301 -6.920  -13.078 1.00 78.20  ? 152 LEU A CD1 1 
ATOM   898  C  CD2 . LEU A 1 113 ? -14.119 -5.196  -14.720 1.00 82.44  ? 152 LEU A CD2 1 
ATOM   899  N  N   . ASN A 1 114 ? -10.722 -1.984  -14.558 1.00 93.77  ? 153 ASN A N   1 
ATOM   900  C  CA  . ASN A 1 114 ? -10.783 -0.632  -15.179 1.00 102.36 ? 153 ASN A CA  1 
ATOM   901  C  C   . ASN A 1 114 ? -9.679  -0.484  -16.230 1.00 100.98 ? 153 ASN A C   1 
ATOM   902  O  O   . ASN A 1 114 ? -8.734  -1.301  -16.210 1.00 101.62 ? 153 ASN A O   1 
ATOM   903  C  CB  . ASN A 1 114 ? -10.650 0.477   -14.131 1.00 105.88 ? 153 ASN A CB  1 
ATOM   904  C  CG  . ASN A 1 114 ? -11.825 0.546   -13.179 1.00 107.84 ? 153 ASN A CG  1 
ATOM   905  O  OD1 . ASN A 1 114 ? -12.964 0.278   -13.564 1.00 108.81 ? 153 ASN A OD1 1 
ATOM   906  N  ND2 . ASN A 1 114 ? -11.558 0.909   -11.936 1.00 103.32 ? 153 ASN A ND2 1 
ATOM   907  N  N   . GLY A 1 115 ? -9.796  0.548   -17.080 1.00 102.53 ? 154 GLY A N   1 
ATOM   908  C  CA  . GLY A 1 115 ? -8.859  0.882   -18.174 1.00 101.95 ? 154 GLY A CA  1 
ATOM   909  C  C   . GLY A 1 115 ? -7.404  0.650   -17.791 1.00 96.95  ? 154 GLY A C   1 
ATOM   910  O  O   . GLY A 1 115 ? -6.640  0.155   -18.643 1.00 93.72  ? 154 GLY A O   1 
ATOM   911  N  N   . GLY A 1 116 ? -7.037  0.989   -16.553 1.00 93.98  ? 155 GLY A N   1 
ATOM   912  C  CA  . GLY A 1 116 ? -5.685  0.794   -15.994 1.00 89.54  ? 155 GLY A CA  1 
ATOM   913  C  C   . GLY A 1 116 ? -5.282  1.983   -15.147 1.00 84.44  ? 155 GLY A C   1 
ATOM   914  O  O   . GLY A 1 116 ? -6.090  2.922   -15.022 1.00 91.41  ? 155 GLY A O   1 
ATOM   915  N  N   . GLY A 1 117 ? -4.068  1.959   -14.604 1.00 79.23  ? 156 GLY A N   1 
ATOM   916  C  CA  . GLY A 1 117 ? -3.606  2.923   -13.593 1.00 71.56  ? 156 GLY A CA  1 
ATOM   917  C  C   . GLY A 1 117 ? -4.065  2.489   -12.214 1.00 62.12  ? 156 GLY A C   1 
ATOM   918  O  O   . GLY A 1 117 ? -3.206  2.142   -11.392 1.00 62.11  ? 156 GLY A O   1 
ATOM   919  N  N   . GLN A 1 118 ? -5.380  2.465   -11.990 1.00 55.89  ? 157 GLN A N   1 
ATOM   920  C  CA  . GLN A 1 118 ? -6.003  2.053   -10.704 1.00 52.49  ? 157 GLN A CA  1 
ATOM   921  C  C   . GLN A 1 118 ? -5.632  0.600   -10.398 1.00 47.72  ? 157 GLN A C   1 
ATOM   922  O  O   . GLN A 1 118 ? -5.455  -0.188  -11.335 1.00 46.39  ? 157 GLN A O   1 
ATOM   923  C  CB  . GLN A 1 118 ? -7.530  2.156   -10.712 1.00 55.87  ? 157 GLN A CB  1 
ATOM   924  C  CG  . GLN A 1 118 ? -8.068  3.489   -11.193 1.00 59.90  ? 157 GLN A CG  1 
ATOM   925  C  CD  . GLN A 1 118 ? -8.800  3.367   -12.509 1.00 63.91  ? 157 GLN A CD  1 
ATOM   926  O  OE1 . GLN A 1 118 ? -9.822  4.010   -12.721 1.00 66.91  ? 157 GLN A OE1 1 
ATOM   927  N  NE2 . GLN A 1 118 ? -8.300  2.526   -13.399 1.00 64.89  ? 157 GLN A NE2 1 
ATOM   928  N  N   . ILE A 1 119 ? -5.508  0.288   -9.113  1.00 40.23  ? 158 ILE A N   1 
ATOM   929  C  CA  . ILE A 1 119 ? -5.243  -1.080  -8.596  1.00 37.65  ? 158 ILE A CA  1 
ATOM   930  C  C   . ILE A 1 119 ? -6.554  -1.612  -8.021  1.00 36.37  ? 158 ILE A C   1 
ATOM   931  O  O   . ILE A 1 119 ? -7.068  -0.991  -7.073  1.00 31.71  ? 158 ILE A O   1 
ATOM   932  C  CB  . ILE A 1 119 ? -4.149  -1.039  -7.520  1.00 36.79  ? 158 ILE A CB  1 
ATOM   933  C  CG1 . ILE A 1 119 ? -2.828  -0.507  -8.081  1.00 36.29  ? 158 ILE A CG1 1 
ATOM   934  C  CG2 . ILE A 1 119 ? -4.017  -2.402  -6.867  1.00 37.77  ? 158 ILE A CG2 1 
ATOM   935  C  CD1 . ILE A 1 119 ? -2.340  -1.212  -9.340  1.00 36.14  ? 158 ILE A CD1 1 
ATOM   936  N  N   . MET A 1 120 ? -7.038  -2.729  -8.561  1.00 37.60  ? 159 MET A N   1 
ATOM   937  C  CA  . MET A 1 120 ? -8.294  -3.372  -8.103  1.00 40.64  ? 159 MET A CA  1 
ATOM   938  C  C   . MET A 1 120 ? -7.998  -4.262  -6.900  1.00 36.53  ? 159 MET A C   1 
ATOM   939  O  O   . MET A 1 120 ? -7.082  -5.089  -6.972  1.00 37.15  ? 159 MET A O   1 
ATOM   940  C  CB  . MET A 1 120 ? -8.930  -4.210  -9.209  1.00 46.14  ? 159 MET A CB  1 
ATOM   941  C  CG  . MET A 1 120 ? -10.264 -4.805  -8.808  1.00 52.48  ? 159 MET A CG  1 
ATOM   942  S  SD  . MET A 1 120 ? -10.792 -5.953  -10.070 1.00 64.91  ? 159 MET A SD  1 
ATOM   943  C  CE  . MET A 1 120 ? -9.807  -7.385  -9.620  1.00 64.27  ? 159 MET A CE  1 
ATOM   944  N  N   . LEU A 1 121 ? -8.720  -4.027  -5.810  1.00 35.83  ? 160 LEU A N   1 
ATOM   945  C  CA  . LEU A 1 121 ? -8.706  -4.865  -4.596  1.00 32.86  ? 160 LEU A CA  1 
ATOM   946  C  C   . LEU A 1 121 ? -10.105 -5.446  -4.415  1.00 37.21  ? 160 LEU A C   1 
ATOM   947  O  O   . LEU A 1 121 ? -11.055 -4.831  -4.931  1.00 35.83  ? 160 LEU A O   1 
ATOM   948  C  CB  . LEU A 1 121 ? -8.335  -3.996  -3.398  1.00 33.49  ? 160 LEU A CB  1 
ATOM   949  C  CG  . LEU A 1 121 ? -7.012  -3.241  -3.491  1.00 30.94  ? 160 LEU A CG  1 
ATOM   950  C  CD1 . LEU A 1 121 ? -6.797  -2.420  -2.244  1.00 29.72  ? 160 LEU A CD1 1 
ATOM   951  C  CD2 . LEU A 1 121 ? -5.836  -4.199  -3.715  1.00 33.62  ? 160 LEU A CD2 1 
ATOM   952  N  N   . ASN A 1 122 ? -10.213 -6.546  -3.669  1.00 40.25  ? 161 ASN A N   1 
ATOM   953  C  CA  . ASN A 1 122 ? -11.503 -7.119  -3.202  1.00 41.90  ? 161 ASN A CA  1 
ATOM   954  C  C   . ASN A 1 122 ? -11.910 -6.400  -1.913  1.00 42.52  ? 161 ASN A C   1 
ATOM   955  O  O   . ASN A 1 122 ? -11.154 -6.461  -0.916  1.00 40.10  ? 161 ASN A O   1 
ATOM   956  C  CB  . ASN A 1 122 ? -11.436 -8.618  -2.908  1.00 43.55  ? 161 ASN A CB  1 
ATOM   957  C  CG  . ASN A 1 122 ? -10.994 -9.462  -4.082  1.00 45.99  ? 161 ASN A CG  1 
ATOM   958  O  OD1 . ASN A 1 122 ? -11.544 -9.350  -5.175  1.00 46.36  ? 161 ASN A OD1 1 
ATOM   959  N  ND2 . ASN A 1 122 ? -10.013 -10.325 -3.856  1.00 48.51  ? 161 ASN A ND2 1 
ATOM   960  N  N   . SER A 1 123 ? -13.087 -5.791  -1.910  1.00 39.02  ? 162 SER A N   1 
ATOM   961  C  CA  . SER A 1 123 ? -13.700 -5.201  -0.699  1.00 41.75  ? 162 SER A CA  1 
ATOM   962  C  C   . SER A 1 123 ? -13.776 -6.260  0.405   1.00 36.87  ? 162 SER A C   1 
ATOM   963  O  O   . SER A 1 123 ? -13.911 -7.442  0.076   1.00 35.30  ? 162 SER A O   1 
ATOM   964  C  CB  . SER A 1 123 ? -15.048 -4.637  -1.017  1.00 46.06  ? 162 SER A CB  1 
ATOM   965  O  OG  . SER A 1 123 ? -15.483 -3.831  0.062   1.00 58.23  ? 162 SER A OG  1 
ATOM   966  N  N   . LEU A 1 124 ? -13.681 -5.837  1.668   1.00 36.41  ? 163 LEU A N   1 
ATOM   967  C  CA  . LEU A 1 124 ? -13.754 -6.688  2.889   1.00 35.60  ? 163 LEU A CA  1 
ATOM   968  C  C   . LEU A 1 124 ? -12.611 -7.714  2.953   1.00 38.09  ? 163 LEU A C   1 
ATOM   969  O  O   . LEU A 1 124 ? -12.748 -8.690  3.732   1.00 37.87  ? 163 LEU A O   1 
ATOM   970  C  CB  . LEU A 1 124 ? -15.119 -7.385  2.940   1.00 42.22  ? 163 LEU A CB  1 
ATOM   971  C  CG  . LEU A 1 124 ? -16.330 -6.450  2.967   1.00 42.46  ? 163 LEU A CG  1 
ATOM   972  C  CD1 . LEU A 1 124 ? -17.589 -7.201  3.370   1.00 46.63  ? 163 LEU A CD1 1 
ATOM   973  C  CD2 . LEU A 1 124 ? -16.098 -5.275  3.902   1.00 41.46  ? 163 LEU A CD2 1 
ATOM   974  N  N   . HIS A 1 125 ? -11.521 -7.508  2.202   1.00 34.14  ? 164 HIS A N   1 
ATOM   975  C  CA  . HIS A 1 125 ? -10.258 -8.277  2.354   1.00 34.12  ? 164 HIS A CA  1 
ATOM   976  C  C   . HIS A 1 125 ? -9.197  -7.387  3.008   1.00 35.48  ? 164 HIS A C   1 
ATOM   977  O  O   . HIS A 1 125 ? -9.203  -6.134  2.791   1.00 27.61  ? 164 HIS A O   1 
ATOM   978  C  CB  . HIS A 1 125 ? -9.852  -8.888  1.010   1.00 36.80  ? 164 HIS A CB  1 
ATOM   979  C  CG  . HIS A 1 125 ? -10.802 -9.963  0.611   1.00 43.21  ? 164 HIS A CG  1 
ATOM   980  N  ND1 . HIS A 1 125 ? -12.106 -9.688  0.237   1.00 45.99  ? 164 HIS A ND1 1 
ATOM   981  C  CD2 . HIS A 1 125 ? -10.686 -11.312 0.623   1.00 45.62  ? 164 HIS A CD2 1 
ATOM   982  C  CE1 . HIS A 1 125 ? -12.745 -10.823 -0.002  1.00 46.93  ? 164 HIS A CE1 1 
ATOM   983  N  NE2 . HIS A 1 125 ? -11.898 -11.834 0.227   1.00 45.97  ? 164 HIS A NE2 1 
ATOM   984  N  N   . LYS A 1 126 ? -8.313  -8.018  3.780   1.00 30.64  ? 165 LYS A N   1 
ATOM   985  C  CA  . LYS A 1 126 ? -7.242  -7.333  4.524   1.00 31.49  ? 165 LYS A CA  1 
ATOM   986  C  C   . LYS A 1 126 ? -5.962  -7.387  3.674   1.00 31.97  ? 165 LYS A C   1 
ATOM   987  O  O   . LYS A 1 126 ? -5.587  -8.497  3.208   1.00 28.13  ? 165 LYS A O   1 
ATOM   988  C  CB  . LYS A 1 126 ? -7.115  -7.974  5.898   1.00 33.43  ? 165 LYS A CB  1 
ATOM   989  C  CG  . LYS A 1 126 ? -6.091  -7.308  6.793   1.00 35.76  ? 165 LYS A CG  1 
ATOM   990  C  CD  . LYS A 1 126 ? -6.045  -7.889  8.155   1.00 35.60  ? 165 LYS A CD  1 
ATOM   991  C  CE  . LYS A 1 126 ? -7.064  -7.273  9.086   1.00 38.02  ? 165 LYS A CE  1 
ATOM   992  N  NZ  . LYS A 1 126 ? -6.732  -7.586  10.491  1.00 35.60  ? 165 LYS A NZ  1 
ATOM   993  N  N   . TYR A 1 127 ? -5.293  -6.246  3.524   1.00 26.71  ? 166 TYR A N   1 
ATOM   994  C  CA  . TYR A 1 127 ? -4.158  -6.070  2.586   1.00 26.42  ? 166 TYR A CA  1 
ATOM   995  C  C   . TYR A 1 127 ? -2.947  -5.549  3.340   1.00 27.58  ? 166 TYR A C   1 
ATOM   996  O  O   . TYR A 1 127 ? -3.103  -4.745  4.280   1.00 26.20  ? 166 TYR A O   1 
ATOM   997  C  CB  . TYR A 1 127 ? -4.549  -5.191  1.398   1.00 28.28  ? 166 TYR A CB  1 
ATOM   998  C  CG  . TYR A 1 127 ? -5.485  -5.875  0.441   1.00 27.80  ? 166 TYR A CG  1 
ATOM   999  C  CD1 . TYR A 1 127 ? -5.030  -6.804  -0.471  1.00 26.56  ? 166 TYR A CD1 1 
ATOM   1000 C  CD2 . TYR A 1 127 ? -6.846  -5.626  0.481   1.00 29.71  ? 166 TYR A CD2 1 
ATOM   1001 C  CE1 . TYR A 1 127 ? -5.891  -7.445  -1.345  1.00 27.60  ? 166 TYR A CE1 1 
ATOM   1002 C  CE2 . TYR A 1 127 ? -7.721  -6.270  -0.378  1.00 28.87  ? 166 TYR A CE2 1 
ATOM   1003 C  CZ  . TYR A 1 127 ? -7.247  -7.185  -1.294  1.00 31.02  ? 166 TYR A CZ  1 
ATOM   1004 O  OH  . TYR A 1 127 ? -8.120  -7.825  -2.143  1.00 35.85  ? 166 TYR A OH  1 
ATOM   1005 N  N   . GLU A 1 128 ? -1.764  -6.006  2.907   1.00 26.45  ? 167 GLU A N   1 
ATOM   1006 C  CA  . GLU A 1 128 ? -0.468  -5.528  3.439   1.00 26.54  ? 167 GLU A CA  1 
ATOM   1007 C  C   . GLU A 1 128 ? 0.275   -4.886  2.284   1.00 25.22  ? 167 GLU A C   1 
ATOM   1008 O  O   . GLU A 1 128 ? 0.683   -5.574  1.362   1.00 24.92  ? 167 GLU A O   1 
ATOM   1009 C  CB  . GLU A 1 128 ? 0.377   -6.659  4.023   1.00 25.94  ? 167 GLU A CB  1 
ATOM   1010 C  CG  . GLU A 1 128 ? 1.660   -6.146  4.627   1.00 25.26  ? 167 GLU A CG  1 
ATOM   1011 C  CD  . GLU A 1 128 ? 2.284   -7.187  5.536   1.00 25.04  ? 167 GLU A CD  1 
ATOM   1012 O  OE1 . GLU A 1 128 ? 2.908   -8.109  4.993   1.00 23.83  ? 167 GLU A OE1 1 
ATOM   1013 O  OE2 . GLU A 1 128 ? 2.066   -7.094  6.737   1.00 24.04  ? 167 GLU A OE2 1 
ATOM   1014 N  N   . PRO A 1 129 ? 0.394   -3.547  2.267   1.00 24.42  ? 168 PRO A N   1 
ATOM   1015 C  CA  . PRO A 1 129 ? 1.211   -2.884  1.262   1.00 25.28  ? 168 PRO A CA  1 
ATOM   1016 C  C   . PRO A 1 129 ? 2.657   -3.414  1.222   1.00 23.94  ? 168 PRO A C   1 
ATOM   1017 O  O   . PRO A 1 129 ? 3.241   -3.737  2.251   1.00 24.29  ? 168 PRO A O   1 
ATOM   1018 C  CB  . PRO A 1 129 ? 1.162   -1.413  1.685   1.00 24.18  ? 168 PRO A CB  1 
ATOM   1019 C  CG  . PRO A 1 129 ? -0.222  -1.312  2.357   1.00 24.78  ? 168 PRO A CG  1 
ATOM   1020 C  CD  . PRO A 1 129 ? -0.355  -2.614  3.130   1.00 23.81  ? 168 PRO A CD  1 
ATOM   1021 N  N   . ARG A 1 130 ? 3.199   -3.437  0.013   1.00 24.56  ? 169 ARG A N   1 
ATOM   1022 C  CA  . ARG A 1 130 ? 4.530   -4.005  -0.282  1.00 25.22  ? 169 ARG A CA  1 
ATOM   1023 C  C   . ARG A 1 130 ? 5.141   -3.253  -1.464  1.00 25.15  ? 169 ARG A C   1 
ATOM   1024 O  O   . ARG A 1 130 ? 4.456   -3.024  -2.459  1.00 24.70  ? 169 ARG A O   1 
ATOM   1025 C  CB  . ARG A 1 130 ? 4.412   -5.499  -0.570  1.00 26.58  ? 169 ARG A CB  1 
ATOM   1026 C  CG  . ARG A 1 130 ? 5.732   -6.198  -0.863  1.00 25.96  ? 169 ARG A CG  1 
ATOM   1027 C  CD  . ARG A 1 130 ? 5.426   -7.670  -1.066  1.00 26.26  ? 169 ARG A CD  1 
ATOM   1028 N  NE  . ARG A 1 130 ? 4.757   -7.925  -2.327  1.00 24.15  ? 169 ARG A NE  1 
ATOM   1029 C  CZ  . ARG A 1 130 ? 4.535   -9.117  -2.828  1.00 24.82  ? 169 ARG A CZ  1 
ATOM   1030 N  NH1 . ARG A 1 130 ? 4.897   -10.215 -2.155  1.00 25.01  ? 169 ARG A NH1 1 
ATOM   1031 N  NH2 . ARG A 1 130 ? 3.935   -9.214  -3.995  1.00 24.07  ? 169 ARG A NH2 1 
ATOM   1032 N  N   . ILE A 1 131 ? 6.414   -2.898  -1.355  1.00 25.10  ? 170 ILE A N   1 
ATOM   1033 C  CA  . ILE A 1 131 ? 7.088   -2.263  -2.508  1.00 27.58  ? 170 ILE A CA  1 
ATOM   1034 C  C   . ILE A 1 131 ? 8.126   -3.247  -3.031  1.00 29.70  ? 170 ILE A C   1 
ATOM   1035 O  O   . ILE A 1 131 ? 8.560   -4.175  -2.274  1.00 25.65  ? 170 ILE A O   1 
ATOM   1036 C  CB  . ILE A 1 131 ? 7.682   -0.897  -2.139  1.00 28.69  ? 170 ILE A CB  1 
ATOM   1037 C  CG1 . ILE A 1 131 ? 8.738   -1.049  -1.048  1.00 30.15  ? 170 ILE A CG1 1 
ATOM   1038 C  CG2 . ILE A 1 131 ? 6.591   0.086   -1.755  1.00 29.69  ? 170 ILE A CG2 1 
ATOM   1039 C  CD1 . ILE A 1 131 ? 9.594   0.165   -0.825  1.00 32.40  ? 170 ILE A CD1 1 
ATOM   1040 N  N   . HIS A 1 132 ? 8.496   -3.043  -4.287  1.00 28.31  ? 171 HIS A N   1 
ATOM   1041 C  CA  . HIS A 1 132 ? 9.642   -3.700  -4.950  1.00 28.33  ? 171 HIS A CA  1 
ATOM   1042 C  C   . HIS A 1 132 ? 10.505  -2.601  -5.548  1.00 28.83  ? 171 HIS A C   1 
ATOM   1043 O  O   . HIS A 1 132 ? 9.936   -1.756  -6.304  1.00 28.18  ? 171 HIS A O   1 
ATOM   1044 C  CB  . HIS A 1 132 ? 9.173   -4.654  -6.033  1.00 28.60  ? 171 HIS A CB  1 
ATOM   1045 C  CG  . HIS A 1 132 ? 8.026   -5.506  -5.622  1.00 33.93  ? 171 HIS A CG  1 
ATOM   1046 N  ND1 . HIS A 1 132 ? 8.198   -6.652  -4.860  1.00 33.03  ? 171 HIS A ND1 1 
ATOM   1047 C  CD2 . HIS A 1 132 ? 6.707   -5.418  -5.893  1.00 33.08  ? 171 HIS A CD2 1 
ATOM   1048 C  CE1 . HIS A 1 132 ? 7.027   -7.214  -4.666  1.00 34.05  ? 171 HIS A CE1 1 
ATOM   1049 N  NE2 . HIS A 1 132 ? 6.095   -6.477  -5.285  1.00 34.64  ? 171 HIS A NE2 1 
ATOM   1050 N  N   . ILE A 1 133 ? 11.765  -2.557  -5.128  1.00 30.17  ? 172 ILE A N   1 
ATOM   1051 C  CA  . ILE A 1 133 ? 12.790  -1.622  -5.665  1.00 31.95  ? 172 ILE A CA  1 
ATOM   1052 C  C   . ILE A 1 133 ? 13.530  -2.441  -6.708  1.00 32.90  ? 172 ILE A C   1 
ATOM   1053 O  O   . ILE A 1 133 ? 14.218  -3.452  -6.358  1.00 31.54  ? 172 ILE A O   1 
ATOM   1054 C  CB  . ILE A 1 133 ? 13.686  -1.033  -4.566  1.00 34.03  ? 172 ILE A CB  1 
ATOM   1055 C  CG1 . ILE A 1 133 ? 12.847  -0.354  -3.489  1.00 34.06  ? 172 ILE A CG1 1 
ATOM   1056 C  CG2 . ILE A 1 133 ? 14.705  -0.074  -5.170  1.00 35.34  ? 172 ILE A CG2 1 
ATOM   1057 C  CD1 . ILE A 1 133 ? 13.638  0.172   -2.317  1.00 33.63  ? 172 ILE A CD1 1 
ATOM   1058 N  N   . VAL A 1 134 ? 13.463  -1.975  -7.956  0.52 35.92  ? 173 VAL A N   1 
ATOM   1059 C  CA  . VAL A 1 134 ? 13.813  -2.752  -9.180  0.52 37.64  ? 173 VAL A CA  1 
ATOM   1060 C  C   . VAL A 1 134 ? 14.976  -2.050  -9.902  0.52 39.94  ? 173 VAL A C   1 
ATOM   1061 O  O   . VAL A 1 134 ? 14.717  -1.076  -10.637 0.52 41.90  ? 173 VAL A O   1 
ATOM   1062 C  CB  . VAL A 1 134 ? 12.561  -2.902  -10.067 0.52 38.06  ? 173 VAL A CB  1 
ATOM   1063 C  CG1 . VAL A 1 134 ? 12.847  -3.637  -11.363 0.52 38.90  ? 173 VAL A CG1 1 
ATOM   1064 C  CG2 . VAL A 1 134 ? 11.429  -3.595  -9.320  0.52 38.07  ? 173 VAL A CG2 1 
ATOM   1065 N  N   . ARG A 1 135 ? 16.209  -2.515  -9.676  0.52 43.17  ? 174 ARG A N   1 
ATOM   1066 C  CA  . ARG A 1 135 ? 17.429  -2.058  -10.403 0.52 47.88  ? 174 ARG A CA  1 
ATOM   1067 C  C   . ARG A 1 135 ? 17.397  -2.656  -11.813 0.52 48.44  ? 174 ARG A C   1 
ATOM   1068 O  O   . ARG A 1 135 ? 17.563  -3.877  -11.932 0.52 49.53  ? 174 ARG A O   1 
ATOM   1069 C  CB  . ARG A 1 135 ? 18.706  -2.459  -9.654  0.52 50.64  ? 174 ARG A CB  1 
ATOM   1070 C  CG  . ARG A 1 135 ? 19.989  -2.226  -10.441 0.52 52.04  ? 174 ARG A CG  1 
ATOM   1071 C  CD  . ARG A 1 135 ? 21.234  -2.154  -9.575  0.52 54.73  ? 174 ARG A CD  1 
ATOM   1072 N  NE  . ARG A 1 135 ? 22.447  -2.038  -10.383 0.52 56.16  ? 174 ARG A NE  1 
ATOM   1073 C  CZ  . ARG A 1 135 ? 23.643  -1.661  -9.929  0.52 57.31  ? 174 ARG A CZ  1 
ATOM   1074 N  NH1 . ARG A 1 135 ? 23.820  -1.351  -8.654  0.52 58.13  ? 174 ARG A NH1 1 
ATOM   1075 N  NH2 . ARG A 1 135 ? 24.667  -1.594  -10.762 0.52 57.57  ? 174 ARG A NH2 1 
ATOM   1076 N  N   . VAL A 1 136 ? 17.215  -1.816  -12.835 0.52 52.57  ? 175 VAL A N   1 
ATOM   1077 C  CA  . VAL A 1 136 ? 16.845  -2.227  -14.225 0.52 54.28  ? 175 VAL A CA  1 
ATOM   1078 C  C   . VAL A 1 136 ? 18.096  -2.589  -15.041 0.52 57.43  ? 175 VAL A C   1 
ATOM   1079 O  O   . VAL A 1 136 ? 19.140  -1.934  -14.858 0.52 58.96  ? 175 VAL A O   1 
ATOM   1080 C  CB  . VAL A 1 136 ? 16.035  -1.121  -14.929 0.52 55.78  ? 175 VAL A CB  1 
ATOM   1081 C  CG1 . VAL A 1 136 ? 14.764  -0.778  -14.167 0.52 56.62  ? 175 VAL A CG1 1 
ATOM   1082 C  CG2 . VAL A 1 136 ? 16.865  0.131   -15.169 0.52 57.01  ? 175 VAL A CG2 1 
ATOM   1083 N  N   . GLY A 1 137 ? 17.971  -3.600  -15.912 0.52 59.59  ? 176 GLY A N   1 
ATOM   1084 C  CA  . GLY A 1 137 ? 18.862  -3.851  -17.063 0.52 61.30  ? 176 GLY A CA  1 
ATOM   1085 C  C   . GLY A 1 137 ? 20.203  -4.455  -16.677 0.52 62.61  ? 176 GLY A C   1 
ATOM   1086 O  O   . GLY A 1 137 ? 20.536  -4.463  -15.475 0.52 65.03  ? 176 GLY A O   1 
ATOM   1087 N  N   . GLY A 1 138 ? 20.938  -4.948  -17.681 0.52 65.08  ? 177 GLY A N   1 
ATOM   1088 C  CA  . GLY A 1 138 ? 22.317  -5.464  -17.565 0.52 65.68  ? 177 GLY A CA  1 
ATOM   1089 C  C   . GLY A 1 138 ? 22.393  -6.745  -16.740 0.52 66.27  ? 177 GLY A C   1 
ATOM   1090 O  O   . GLY A 1 138 ? 21.375  -7.387  -16.489 0.52 66.24  ? 177 GLY A O   1 
ATOM   1091 N  N   . PRO A 1 139 ? 23.614  -7.168  -16.329 0.52 66.71  ? 178 PRO A N   1 
ATOM   1092 C  CA  . PRO A 1 139 ? 23.789  -8.251  -15.357 0.52 64.17  ? 178 PRO A CA  1 
ATOM   1093 C  C   . PRO A 1 139 ? 23.735  -7.818  -13.879 0.52 61.87  ? 178 PRO A C   1 
ATOM   1094 O  O   . PRO A 1 139 ? 23.823  -8.683  -13.022 0.52 61.00  ? 178 PRO A O   1 
ATOM   1095 C  CB  . PRO A 1 139 ? 25.195  -8.766  -15.703 0.52 65.10  ? 178 PRO A CB  1 
ATOM   1096 C  CG  . PRO A 1 139 ? 25.943  -7.526  -16.155 0.52 66.73  ? 178 PRO A CG  1 
ATOM   1097 C  CD  . PRO A 1 139 ? 24.900  -6.654  -16.828 0.52 66.98  ? 178 PRO A CD  1 
ATOM   1098 N  N   . GLN A 1 140 ? 23.587  -6.511  -13.613 0.52 58.52  ? 179 GLN A N   1 
ATOM   1099 C  CA  . GLN A 1 140 ? 23.563  -5.913  -12.247 0.52 55.60  ? 179 GLN A CA  1 
ATOM   1100 C  C   . GLN A 1 140 ? 22.113  -5.763  -11.756 0.52 52.80  ? 179 GLN A C   1 
ATOM   1101 O  O   . GLN A 1 140 ? 21.916  -5.177  -10.664 0.52 52.17  ? 179 GLN A O   1 
ATOM   1102 C  CB  . GLN A 1 140 ? 24.280  -4.559  -12.247 0.52 56.72  ? 179 GLN A CB  1 
ATOM   1103 C  CG  . GLN A 1 140 ? 25.800  -4.658  -12.171 0.52 56.90  ? 179 GLN A CG  1 
ATOM   1104 C  CD  . GLN A 1 140 ? 26.314  -4.669  -10.749 0.52 57.99  ? 179 GLN A CD  1 
ATOM   1105 O  OE1 . GLN A 1 140 ? 26.132  -5.634  -10.007 0.52 58.03  ? 179 GLN A OE1 1 
ATOM   1106 N  NE2 . GLN A 1 140 ? 26.969  -3.588  -10.357 0.52 57.77  ? 179 GLN A NE2 1 
ATOM   1107 N  N   . ARG A 1 141 ? 21.139  -6.274  -12.518 0.52 47.81  ? 180 ARG A N   1 
ATOM   1108 C  CA  . ARG A 1 141 ? 19.688  -6.138  -12.222 0.52 44.65  ? 180 ARG A CA  1 
ATOM   1109 C  C   . ARG A 1 141 ? 19.363  -6.838  -10.897 0.52 40.66  ? 180 ARG A C   1 
ATOM   1110 O  O   . ARG A 1 141 ? 19.964  -7.890  -10.607 0.52 36.18  ? 180 ARG A O   1 
ATOM   1111 C  CB  . ARG A 1 141 ? 18.841  -6.684  -13.376 0.52 45.64  ? 180 ARG A CB  1 
ATOM   1112 C  CG  . ARG A 1 141 ? 18.883  -8.195  -13.562 0.52 46.04  ? 180 ARG A CG  1 
ATOM   1113 C  CD  . ARG A 1 141 ? 18.437  -8.582  -14.960 0.52 47.26  ? 180 ARG A CD  1 
ATOM   1114 N  NE  . ARG A 1 141 ? 18.199  -10.009 -15.143 0.52 48.25  ? 180 ARG A NE  1 
ATOM   1115 C  CZ  . ARG A 1 141 ? 19.141  -10.913 -15.402 0.52 46.62  ? 180 ARG A CZ  1 
ATOM   1116 N  NH1 . ARG A 1 141 ? 18.800  -12.180 -15.564 0.52 47.31  ? 180 ARG A NH1 1 
ATOM   1117 N  NH2 . ARG A 1 141 ? 20.411  -10.557 -15.497 0.52 45.99  ? 180 ARG A NH2 1 
ATOM   1118 N  N   . MET A 1 142 ? 18.433  -6.264  -10.130 0.52 37.63  ? 181 MET A N   1 
ATOM   1119 C  CA  . MET A 1 142 ? 18.123  -6.687  -8.741  0.52 35.59  ? 181 MET A CA  1 
ATOM   1120 C  C   . MET A 1 142 ? 16.715  -6.211  -8.362  0.52 35.51  ? 181 MET A C   1 
ATOM   1121 O  O   . MET A 1 142 ? 16.313  -5.104  -8.803  0.52 33.37  ? 181 MET A O   1 
ATOM   1122 C  CB  . MET A 1 142 ? 19.159  -6.095  -7.777  0.52 34.58  ? 181 MET A CB  1 
ATOM   1123 C  CG  . MET A 1 142 ? 18.984  -6.498  -6.319  0.52 34.76  ? 181 MET A CG  1 
ATOM   1124 S  SD  . MET A 1 142 ? 18.991  -8.283  -6.056  0.52 32.32  ? 181 MET A SD  1 
ATOM   1125 C  CE  . MET A 1 142 ? 19.237  -8.366  -4.281  0.52 35.15  ? 181 MET A CE  1 
ATOM   1126 N  N   . ILE A 1 143 ? 16.002  -7.020  -7.573  1.00 35.56  ? 182 ILE A N   1 
ATOM   1127 C  CA  . ILE A 1 143 ? 14.740  -6.606  -6.899  1.00 32.44  ? 182 ILE A CA  1 
ATOM   1128 C  C   . ILE A 1 143 ? 14.996  -6.700  -5.400  1.00 33.22  ? 182 ILE A C   1 
ATOM   1129 O  O   . ILE A 1 143 ? 15.534  -7.756  -4.954  1.00 31.80  ? 182 ILE A O   1 
ATOM   1130 C  CB  . ILE A 1 143 ? 13.573  -7.507  -7.317  1.00 31.29  ? 182 ILE A CB  1 
ATOM   1131 C  CG1 . ILE A 1 143 ? 13.332  -7.447  -8.820  1.00 31.51  ? 182 ILE A CG1 1 
ATOM   1132 C  CG2 . ILE A 1 143 ? 12.327  -7.163  -6.489  1.00 31.77  ? 182 ILE A CG2 1 
ATOM   1133 C  CD1 . ILE A 1 143 ? 12.458  -8.549  -9.325  1.00 35.29  ? 182 ILE A CD1 1 
ATOM   1134 N  N   . THR A 1 144 ? 14.640  -5.662  -4.642  1.00 31.59  ? 183 THR A N   1 
ATOM   1135 C  CA  . THR A 1 144 ? 14.495  -5.783  -3.168  1.00 34.42  ? 183 THR A CA  1 
ATOM   1136 C  C   . THR A 1 144 ? 13.052  -5.416  -2.817  1.00 33.53  ? 183 THR A C   1 
ATOM   1137 O  O   . THR A 1 144 ? 12.528  -4.434  -3.390  1.00 29.14  ? 183 THR A O   1 
ATOM   1138 C  CB  . THR A 1 144 ? 15.586  -5.064  -2.371  1.00 37.00  ? 183 THR A CB  1 
ATOM   1139 O  OG1 . THR A 1 144 ? 15.095  -3.873  -1.772  1.00 50.37  ? 183 THR A OG1 1 
ATOM   1140 C  CG2 . THR A 1 144 ? 16.829  -4.767  -3.166  1.00 34.06  ? 183 THR A CG2 1 
ATOM   1141 N  N   . SER A 1 145 ? 12.412  -6.270  -2.015  1.00 30.42  ? 184 SER A N   1 
ATOM   1142 C  CA  . SER A 1 145 ? 10.989  -6.135  -1.625  1.00 29.29  ? 184 SER A CA  1 
ATOM   1143 C  C   . SER A 1 145 ? 10.920  -5.805  -0.147  1.00 31.34  ? 184 SER A C   1 
ATOM   1144 O  O   . SER A 1 145 ? 11.785  -6.228  0.613   1.00 31.56  ? 184 SER A O   1 
ATOM   1145 C  CB  . SER A 1 145 ? 10.214  -7.349  -1.989  1.00 28.21  ? 184 SER A CB  1 
ATOM   1146 O  OG  . SER A 1 145 ? 10.241  -7.501  -3.407  1.00 27.48  ? 184 SER A OG  1 
ATOM   1147 N  N   . HIS A 1 146 ? 9.913   -5.043  0.236   1.00 28.05  ? 185 HIS A N   1 
ATOM   1148 C  CA  . HIS A 1 146 ? 9.694   -4.666  1.637   1.00 26.37  ? 185 HIS A CA  1 
ATOM   1149 C  C   . HIS A 1 146 ? 8.190   -4.542  1.869   1.00 26.95  ? 185 HIS A C   1 
ATOM   1150 O  O   . HIS A 1 146 ? 7.503   -3.820  1.114   1.00 29.47  ? 185 HIS A O   1 
ATOM   1151 C  CB  . HIS A 1 146 ? 10.437  -3.381  1.983   1.00 26.11  ? 185 HIS A CB  1 
ATOM   1152 C  CG  . HIS A 1 146 ? 10.653  -3.231  3.447   1.00 30.60  ? 185 HIS A CG  1 
ATOM   1153 N  ND1 . HIS A 1 146 ? 9.710   -2.671  4.296   1.00 36.05  ? 185 HIS A ND1 1 
ATOM   1154 C  CD2 . HIS A 1 146 ? 11.706  -3.550  4.216   1.00 34.00  ? 185 HIS A CD2 1 
ATOM   1155 C  CE1 . HIS A 1 146 ? 10.179  -2.660  5.525   1.00 35.01  ? 185 HIS A CE1 1 
ATOM   1156 N  NE2 . HIS A 1 146 ? 11.403  -3.192  5.500   1.00 37.09  ? 185 HIS A NE2 1 
ATOM   1157 N  N   A CYS A 1 147 ? 7.721   -5.220  2.922   0.25 27.33  ? 186 CYS A N   1 
ATOM   1158 N  N   B CYS A 1 147 ? 7.653   -5.230  2.874   0.25 26.48  ? 186 CYS A N   1 
ATOM   1159 C  CA  A CYS A 1 147 ? 6.330   -5.185  3.442   0.25 26.34  ? 186 CYS A CA  1 
ATOM   1160 C  CA  B CYS A 1 147 ? 6.218   -5.098  3.247   0.25 24.60  ? 186 CYS A CA  1 
ATOM   1161 C  C   A CYS A 1 147 ? 6.206   -4.121  4.522   0.25 26.47  ? 186 CYS A C   1 
ATOM   1162 C  C   B CYS A 1 147 ? 6.121   -4.290  4.544   0.25 25.28  ? 186 CYS A C   1 
ATOM   1163 O  O   A CYS A 1 147 ? 7.224   -3.825  5.174   0.25 26.70  ? 186 CYS A O   1 
ATOM   1164 O  O   B CYS A 1 147 ? 7.078   -4.310  5.326   0.25 25.55  ? 186 CYS A O   1 
ATOM   1165 C  CB  A CYS A 1 147 ? 5.969   -6.517  4.077   0.25 27.50  ? 186 CYS A CB  1 
ATOM   1166 C  CB  B CYS A 1 147 ? 5.543   -6.464  3.320   0.25 24.87  ? 186 CYS A CB  1 
ATOM   1167 S  SG  A CYS A 1 147 ? 5.772   -7.825  2.850   0.25 23.82  ? 186 CYS A SG  1 
ATOM   1168 S  SG  B CYS A 1 147 ? 6.342   -7.633  4.452   0.25 21.34  ? 186 CYS A SG  1 
ATOM   1169 N  N   . PHE A 1 148 ? 4.998   -3.585  4.727   1.00 27.80  ? 187 PHE A N   1 
ATOM   1170 C  CA  . PHE A 1 148 ? 4.781   -2.551  5.760   1.00 28.22  ? 187 PHE A CA  1 
ATOM   1171 C  C   . PHE A 1 148 ? 3.597   -2.975  6.615   1.00 29.92  ? 187 PHE A C   1 
ATOM   1172 O  O   . PHE A 1 148 ? 2.473   -2.512  6.390   1.00 29.25  ? 187 PHE A O   1 
ATOM   1173 C  CB  . PHE A 1 148 ? 4.565   -1.205  5.068   1.00 29.77  ? 187 PHE A CB  1 
ATOM   1174 C  CG  . PHE A 1 148 ? 5.775   -0.701  4.322   1.00 29.28  ? 187 PHE A CG  1 
ATOM   1175 C  CD1 . PHE A 1 148 ? 6.810   -0.074  5.004   1.00 32.10  ? 187 PHE A CD1 1 
ATOM   1176 C  CD2 . PHE A 1 148 ? 5.907   -0.915  2.959   1.00 29.84  ? 187 PHE A CD2 1 
ATOM   1177 C  CE1 . PHE A 1 148 ? 7.943   0.363   4.325   1.00 31.67  ? 187 PHE A CE1 1 
ATOM   1178 C  CE2 . PHE A 1 148 ? 7.022   -0.444  2.271   1.00 32.70  ? 187 PHE A CE2 1 
ATOM   1179 C  CZ  . PHE A 1 148 ? 8.039   0.191   2.957   1.00 31.40  ? 187 PHE A CZ  1 
ATOM   1180 N  N   . PRO A 1 149 ? 3.802   -3.918  7.568   1.00 29.25  ? 188 PRO A N   1 
ATOM   1181 C  CA  . PRO A 1 149 ? 2.711   -4.369  8.434   1.00 28.27  ? 188 PRO A CA  1 
ATOM   1182 C  C   . PRO A 1 149 ? 1.943   -3.202  9.071   1.00 29.56  ? 188 PRO A C   1 
ATOM   1183 O  O   . PRO A 1 149 ? 0.782   -3.338  9.312   1.00 25.55  ? 188 PRO A O   1 
ATOM   1184 C  CB  . PRO A 1 149 ? 3.399   -5.216  9.520   1.00 28.54  ? 188 PRO A CB  1 
ATOM   1185 C  CG  . PRO A 1 149 ? 4.782   -5.553  8.986   1.00 31.59  ? 188 PRO A CG  1 
ATOM   1186 C  CD  . PRO A 1 149 ? 5.063   -4.626  7.821   1.00 29.99  ? 188 PRO A CD  1 
ATOM   1187 N  N   . GLU A 1 150 ? 2.644   -2.105  9.372   1.00 30.86  ? 189 GLU A N   1 
ATOM   1188 C  CA  . GLU A 1 150 ? 2.079   -0.895  10.031  1.00 32.72  ? 189 GLU A CA  1 
ATOM   1189 C  C   . GLU A 1 150 ? 0.936   -0.322  9.175   1.00 30.50  ? 189 GLU A C   1 
ATOM   1190 O  O   . GLU A 1 150 ? 0.072   0.399   9.721   1.00 28.68  ? 189 GLU A O   1 
ATOM   1191 C  CB  . GLU A 1 150 ? 3.233   0.086   10.267  1.00 36.59  ? 189 GLU A CB  1 
ATOM   1192 C  CG  . GLU A 1 150 ? 4.515   -0.594  10.750  1.00 38.63  ? 189 GLU A CG  1 
ATOM   1193 C  CD  . GLU A 1 150 ? 5.722   -0.706  9.803   1.00 36.61  ? 189 GLU A CD  1 
ATOM   1194 O  OE1 . GLU A 1 150 ? 6.811   -0.259  10.246  1.00 52.19  ? 189 GLU A OE1 1 
ATOM   1195 O  OE2 . GLU A 1 150 ? 5.620   -1.231  8.652   1.00 23.13  ? 189 GLU A OE2 1 
ATOM   1196 N  N   . THR A 1 151 ? 0.916   -0.637  7.876   1.00 29.35  ? 190 THR A N   1 
ATOM   1197 C  CA  . THR A 1 151 ? 0.053   0.021   6.856   1.00 28.58  ? 190 THR A CA  1 
ATOM   1198 C  C   . THR A 1 151 ? -1.042  -0.934  6.410   1.00 27.87  ? 190 THR A C   1 
ATOM   1199 O  O   . THR A 1 151 ? -1.718  -0.610  5.424   1.00 28.18  ? 190 THR A O   1 
ATOM   1200 C  CB  . THR A 1 151 ? 0.866   0.535   5.657   1.00 27.53  ? 190 THR A CB  1 
ATOM   1201 O  OG1 . THR A 1 151 ? 1.338   -0.555  4.856   1.00 25.71  ? 190 THR A OG1 1 
ATOM   1202 C  CG2 . THR A 1 151 ? 2.014   1.399   6.126   1.00 29.04  ? 190 THR A CG2 1 
ATOM   1203 N  N   . GLN A 1 152 ? -1.200  -2.074  7.095   1.00 26.03  ? 191 GLN A N   1 
ATOM   1204 C  CA  . GLN A 1 152 ? -2.307  -3.014  6.794   1.00 26.55  ? 191 GLN A CA  1 
ATOM   1205 C  C   . GLN A 1 152 ? -3.648  -2.283  6.880   1.00 27.68  ? 191 GLN A C   1 
ATOM   1206 O  O   . GLN A 1 152 ? -3.821  -1.402  7.754   1.00 30.82  ? 191 GLN A O   1 
ATOM   1207 C  CB  . GLN A 1 152 ? -2.297  -4.200  7.759   1.00 31.58  ? 191 GLN A CB  1 
ATOM   1208 C  CG  . GLN A 1 152 ? -1.308  -5.283  7.353   1.00 34.19  ? 191 GLN A CG  1 
ATOM   1209 C  CD  . GLN A 1 152 ? -1.171  -6.347  8.415   1.00 41.44  ? 191 GLN A CD  1 
ATOM   1210 O  OE1 . GLN A 1 152 ? -1.635  -6.175  9.552   1.00 42.04  ? 191 GLN A OE1 1 
ATOM   1211 N  NE2 . GLN A 1 152 ? -0.464  -7.420  8.072   1.00 43.49  ? 191 GLN A NE2 1 
ATOM   1212 N  N   . PHE A 1 153 ? -4.583  -2.674  6.025   1.00 28.76  ? 192 PHE A N   1 
ATOM   1213 C  CA  . PHE A 1 153 ? -5.960  -2.139  6.044   1.00 29.03  ? 192 PHE A CA  1 
ATOM   1214 C  C   . PHE A 1 153 ? -6.911  -3.164  5.431   1.00 29.94  ? 192 PHE A C   1 
ATOM   1215 O  O   . PHE A 1 153 ? -6.511  -4.039  4.648   1.00 27.00  ? 192 PHE A O   1 
ATOM   1216 C  CB  . PHE A 1 153 ? -6.039  -0.820  5.256   1.00 26.95  ? 192 PHE A CB  1 
ATOM   1217 C  CG  . PHE A 1 153 ? -5.702  -0.961  3.808   1.00 24.68  ? 192 PHE A CG  1 
ATOM   1218 C  CD1 . PHE A 1 153 ? -6.654  -1.377  2.904   1.00 25.44  ? 192 PHE A CD1 1 
ATOM   1219 C  CD2 . PHE A 1 153 ? -4.398  -0.791  3.373   1.00 25.05  ? 192 PHE A CD2 1 
ATOM   1220 C  CE1 . PHE A 1 153 ? -6.326  -1.565  1.577   1.00 26.23  ? 192 PHE A CE1 1 
ATOM   1221 C  CE2 . PHE A 1 153 ? -4.074  -0.978  2.046   1.00 24.01  ? 192 PHE A CE2 1 
ATOM   1222 C  CZ  . PHE A 1 153 ? -5.042  -1.349  1.148   1.00 27.30  ? 192 PHE A CZ  1 
ATOM   1223 N  N   . ILE A 1 154 ? -8.188  -2.998  5.753   1.00 30.28  ? 193 ILE A N   1 
ATOM   1224 C  CA  . ILE A 1 154 ? -9.310  -3.704  5.083   1.00 29.91  ? 193 ILE A CA  1 
ATOM   1225 C  C   . ILE A 1 154 ? -9.878  -2.739  4.058   1.00 31.19  ? 193 ILE A C   1 
ATOM   1226 O  O   . ILE A 1 154 ? -10.087 -1.574  4.448   1.00 34.18  ? 193 ILE A O   1 
ATOM   1227 C  CB  . ILE A 1 154 ? -10.339 -4.132  6.141   1.00 32.91  ? 193 ILE A CB  1 
ATOM   1228 C  CG1 . ILE A 1 154 ? -9.677  -5.050  7.174   1.00 35.71  ? 193 ILE A CG1 1 
ATOM   1229 C  CG2 . ILE A 1 154 ? -11.563 -4.746  5.474   1.00 32.76  ? 193 ILE A CG2 1 
ATOM   1230 C  CD1 . ILE A 1 154 ? -10.572 -5.449  8.329   1.00 38.95  ? 193 ILE A CD1 1 
ATOM   1231 N  N   . ALA A 1 155 ? -9.994  -3.174  2.803   1.00 30.76  ? 194 ALA A N   1 
ATOM   1232 C  CA  . ALA A 1 155 ? -10.654 -2.434  1.710   1.00 32.93  ? 194 ALA A CA  1 
ATOM   1233 C  C   . ALA A 1 155 ? -12.155 -2.413  2.021   1.00 35.33  ? 194 ALA A C   1 
ATOM   1234 O  O   . ALA A 1 155 ? -12.672 -3.472  2.413   1.00 34.00  ? 194 ALA A O   1 
ATOM   1235 C  CB  . ALA A 1 155 ? -10.358 -3.097  0.396   1.00 33.37  ? 194 ALA A CB  1 
ATOM   1236 N  N   . VAL A 1 156 ? -12.788 -1.242  1.937   1.00 35.64  ? 195 VAL A N   1 
ATOM   1237 C  CA  . VAL A 1 156 ? -14.233 -1.012  2.281   1.00 35.19  ? 195 VAL A CA  1 
ATOM   1238 C  C   . VAL A 1 156 ? -14.802 -0.029  1.262   1.00 36.42  ? 195 VAL A C   1 
ATOM   1239 O  O   . VAL A 1 156 ? -14.043 0.842   0.812   1.00 34.06  ? 195 VAL A O   1 
ATOM   1240 C  CB  . VAL A 1 156 ? -14.448 -0.508  3.726   1.00 34.41  ? 195 VAL A CB  1 
ATOM   1241 C  CG1 . VAL A 1 156 ? -13.923 -1.500  4.759   1.00 32.63  ? 195 VAL A CG1 1 
ATOM   1242 C  CG2 . VAL A 1 156 ? -13.864 0.878   3.974   1.00 35.53  ? 195 VAL A CG2 1 
ATOM   1243 N  N   . THR A 1 157 ? -16.071 -0.189  0.875   1.00 37.66  ? 196 THR A N   1 
ATOM   1244 C  CA  . THR A 1 157 ? -16.797 0.777   -0.001  1.00 40.60  ? 196 THR A CA  1 
ATOM   1245 C  C   . THR A 1 157 ? -17.309 1.964   0.828   1.00 37.26  ? 196 THR A C   1 
ATOM   1246 O  O   . THR A 1 157 ? -17.540 3.003   0.219   1.00 33.48  ? 196 THR A O   1 
ATOM   1247 C  CB  . THR A 1 157 ? -17.938 0.106   -0.772  1.00 42.13  ? 196 THR A CB  1 
ATOM   1248 O  OG1 . THR A 1 157 ? -18.820 -0.430  0.210   1.00 42.91  ? 196 THR A OG1 1 
ATOM   1249 C  CG2 . THR A 1 157 ? -17.465 -0.992  -1.701  1.00 39.91  ? 196 THR A CG2 1 
ATOM   1250 N  N   . ALA A 1 158 ? -17.436 1.835   2.155   1.00 37.45  ? 197 ALA A N   1 
ATOM   1251 C  CA  . ALA A 1 158 ? -17.620 2.979   3.084   1.00 39.95  ? 197 ALA A CA  1 
ATOM   1252 C  C   . ALA A 1 158 ? -17.046 2.624   4.450   1.00 35.74  ? 197 ALA A C   1 
ATOM   1253 O  O   . ALA A 1 158 ? -17.017 1.429   4.743   1.00 36.62  ? 197 ALA A O   1 
ATOM   1254 C  CB  . ALA A 1 158 ? -19.082 3.364   3.188   1.00 41.52  ? 197 ALA A CB  1 
ATOM   1255 N  N   . TYR A 1 159 ? -16.631 3.620   5.252   1.00 35.16  ? 198 TYR A N   1 
ATOM   1256 C  CA  . TYR A 1 159 ? -16.036 3.404   6.591   1.00 33.30  ? 198 TYR A CA  1 
ATOM   1257 C  C   . TYR A 1 159 ? -17.046 2.759   7.547   1.00 37.94  ? 198 TYR A C   1 
ATOM   1258 O  O   . TYR A 1 159 ? -18.204 3.156   7.575   1.00 34.40  ? 198 TYR A O   1 
ATOM   1259 C  CB  . TYR A 1 159 ? -15.487 4.698   7.194   1.00 36.15  ? 198 TYR A CB  1 
ATOM   1260 C  CG  . TYR A 1 159 ? -14.321 5.263   6.428   1.00 36.15  ? 198 TYR A CG  1 
ATOM   1261 C  CD1 . TYR A 1 159 ? -13.233 4.468   6.107   1.00 35.56  ? 198 TYR A CD1 1 
ATOM   1262 C  CD2 . TYR A 1 159 ? -14.332 6.573   5.977   1.00 35.78  ? 198 TYR A CD2 1 
ATOM   1263 C  CE1 . TYR A 1 159 ? -12.175 4.964   5.364   1.00 36.28  ? 198 TYR A CE1 1 
ATOM   1264 C  CE2 . TYR A 1 159 ? -13.275 7.092   5.249   1.00 36.58  ? 198 TYR A CE2 1 
ATOM   1265 C  CZ  . TYR A 1 159 ? -12.195 6.281   4.943   1.00 39.18  ? 198 TYR A CZ  1 
ATOM   1266 O  OH  . TYR A 1 159 ? -11.150 6.767   4.234   1.00 37.26  ? 198 TYR A OH  1 
ATOM   1267 N  N   . GLN A 1 160 ? -16.577 1.812   8.366   1.00 36.17  ? 199 GLN A N   1 
ATOM   1268 C  CA  . GLN A 1 160 ? -17.403 1.041   9.325   1.00 32.56  ? 199 GLN A CA  1 
ATOM   1269 C  C   . GLN A 1 160 ? -17.151 1.564   10.728  1.00 35.13  ? 199 GLN A C   1 
ATOM   1270 O  O   . GLN A 1 160 ? -18.113 1.804   11.456  1.00 34.72  ? 199 GLN A O   1 
ATOM   1271 C  CB  . GLN A 1 160 ? -17.030 -0.433  9.233   1.00 36.38  ? 199 GLN A CB  1 
ATOM   1272 C  CG  . GLN A 1 160 ? -17.291 -1.029  7.863   1.00 39.95  ? 199 GLN A CG  1 
ATOM   1273 C  CD  . GLN A 1 160 ? -18.726 -0.816  7.475   1.00 42.14  ? 199 GLN A CD  1 
ATOM   1274 O  OE1 . GLN A 1 160 ? -19.632 -1.287  8.150   1.00 50.60  ? 199 GLN A OE1 1 
ATOM   1275 N  NE2 . GLN A 1 160 ? -18.937 -0.078  6.398   1.00 41.96  ? 199 GLN A NE2 1 
ATOM   1276 N  N   . ASN A 1 161 ? -15.876 1.711   11.086  1.00 32.00  ? 200 ASN A N   1 
ATOM   1277 C  CA  . ASN A 1 161 ? -15.465 2.169   12.424  1.00 34.67  ? 200 ASN A CA  1 
ATOM   1278 C  C   . ASN A 1 161 ? -15.339 3.689   12.335  1.00 36.35  ? 200 ASN A C   1 
ATOM   1279 O  O   . ASN A 1 161 ? -14.458 4.159   11.611  1.00 34.08  ? 200 ASN A O   1 
ATOM   1280 C  CB  . ASN A 1 161 ? -14.179 1.493   12.874  1.00 34.30  ? 200 ASN A CB  1 
ATOM   1281 C  CG  . ASN A 1 161 ? -13.729 1.973   14.230  1.00 34.87  ? 200 ASN A CG  1 
ATOM   1282 O  OD1 . ASN A 1 161 ? -14.407 2.765   14.869  1.00 37.30  ? 200 ASN A OD1 1 
ATOM   1283 N  ND2 . ASN A 1 161 ? -12.590 1.490   14.686  1.00 35.85  ? 200 ASN A ND2 1 
ATOM   1284 N  N   . GLU A 1 162 ? -16.192 4.412   13.063  1.00 35.94  ? 201 GLU A N   1 
ATOM   1285 C  CA  . GLU A 1 162 ? -16.272 5.890   12.984  1.00 36.20  ? 201 GLU A CA  1 
ATOM   1286 C  C   . GLU A 1 162 ? -14.982 6.468   13.587  1.00 32.26  ? 201 GLU A C   1 
ATOM   1287 O  O   . GLU A 1 162 ? -14.613 7.564   13.230  1.00 33.58  ? 201 GLU A O   1 
ATOM   1288 C  CB  . GLU A 1 162 ? -17.586 6.366   13.623  1.00 40.48  ? 201 GLU A CB  1 
ATOM   1289 C  CG  . GLU A 1 162 ? -17.431 7.010   14.983  1.00 50.88  ? 201 GLU A CG  1 
ATOM   1290 C  CD  . GLU A 1 162 ? -18.141 6.372   16.168  1.00 61.26  ? 201 GLU A CD  1 
ATOM   1291 O  OE1 . GLU A 1 162 ? -18.698 7.150   17.005  1.00 52.08  ? 201 GLU A OE1 1 
ATOM   1292 O  OE2 . GLU A 1 162 ? -18.095 5.119   16.289  1.00 69.54  ? 201 GLU A OE2 1 
ATOM   1293 N  N   . GLU A 1 163 ? -14.298 5.730   14.460  1.00 32.41  ? 202 GLU A N   1 
ATOM   1294 C  CA  . GLU A 1 163 ? -12.991 6.165   15.016  1.00 33.91  ? 202 GLU A CA  1 
ATOM   1295 C  C   . GLU A 1 163 ? -11.998 6.366   13.860  1.00 30.30  ? 202 GLU A C   1 
ATOM   1296 O  O   . GLU A 1 163 ? -11.146 7.256   13.971  1.00 30.41  ? 202 GLU A O   1 
ATOM   1297 C  CB  . GLU A 1 163 ? -12.425 5.132   15.985  1.00 34.38  ? 202 GLU A CB  1 
ATOM   1298 C  CG  . GLU A 1 163 ? -13.229 4.928   17.246  1.00 38.51  ? 202 GLU A CG  1 
ATOM   1299 C  CD  . GLU A 1 163 ? -12.768 3.678   17.986  1.00 42.16  ? 202 GLU A CD  1 
ATOM   1300 O  OE1 . GLU A 1 163 ? -12.643 3.740   19.216  1.00 45.16  ? 202 GLU A OE1 1 
ATOM   1301 O  OE2 . GLU A 1 163 ? -12.507 2.647   17.316  1.00 49.91  ? 202 GLU A OE2 1 
ATOM   1302 N  N   . ILE A 1 164 ? -12.099 5.559   12.805  1.00 28.92  ? 203 ILE A N   1 
ATOM   1303 C  CA  . ILE A 1 164 ? -11.240 5.658   11.582  1.00 31.03  ? 203 ILE A CA  1 
ATOM   1304 C  C   . ILE A 1 164 ? -11.679 6.905   10.805  1.00 29.79  ? 203 ILE A C   1 
ATOM   1305 O  O   . ILE A 1 164 ? -10.845 7.671   10.364  1.00 28.82  ? 203 ILE A O   1 
ATOM   1306 C  CB  . ILE A 1 164 ? -11.325 4.370   10.735  1.00 29.00  ? 203 ILE A CB  1 
ATOM   1307 C  CG1 . ILE A 1 164 ? -10.590 3.207   11.408  1.00 31.91  ? 203 ILE A CG1 1 
ATOM   1308 C  CG2 . ILE A 1 164 ? -10.845 4.585   9.303   1.00 32.06  ? 203 ILE A CG2 1 
ATOM   1309 C  CD1 . ILE A 1 164 ? -9.058  3.338   11.384  1.00 33.97  ? 203 ILE A CD1 1 
ATOM   1310 N  N   . THR A 1 165 ? -12.973 7.091   10.628  1.00 31.32  ? 204 THR A N   1 
ATOM   1311 C  CA  . THR A 1 165 ? -13.513 8.279   9.925   1.00 32.14  ? 204 THR A CA  1 
ATOM   1312 C  C   . THR A 1 165 ? -12.912 9.508   10.589  1.00 29.06  ? 204 THR A C   1 
ATOM   1313 O  O   . THR A 1 165 ? -12.355 10.324  9.870   1.00 33.22  ? 204 THR A O   1 
ATOM   1314 C  CB  . THR A 1 165 ? -15.038 8.271   9.916   1.00 32.57  ? 204 THR A CB  1 
ATOM   1315 O  OG1 . THR A 1 165 ? -15.358 6.930   9.548   1.00 32.03  ? 204 THR A OG1 1 
ATOM   1316 C  CG2 . THR A 1 165 ? -15.630 9.301   8.980   1.00 32.83  ? 204 THR A CG2 1 
ATOM   1317 N  N   . ALA A 1 166 ? -12.968 9.569   11.916  1.00 33.90  ? 205 ALA A N   1 
ATOM   1318 C  CA  . ALA A 1 166 ? -12.525 10.729  12.725  1.00 33.84  ? 205 ALA A CA  1 
ATOM   1319 C  C   . ALA A 1 166 ? -11.017 10.930  12.551  1.00 33.34  ? 205 ALA A C   1 
ATOM   1320 O  O   . ALA A 1 166 ? -10.573 12.077  12.376  1.00 28.76  ? 205 ALA A O   1 
ATOM   1321 C  CB  . ALA A 1 166 ? -12.897 10.526  14.167  1.00 36.38  ? 205 ALA A CB  1 
ATOM   1322 N  N   . LEU A 1 167 ? -10.221 9.854   12.613  1.00 35.43  ? 206 LEU A N   1 
ATOM   1323 C  CA  . LEU A 1 167 ? -8.749  9.982   12.471  1.00 32.35  ? 206 LEU A CA  1 
ATOM   1324 C  C   . LEU A 1 167 ? -8.407  10.470  11.070  1.00 28.98  ? 206 LEU A C   1 
ATOM   1325 O  O   . LEU A 1 167 ? -7.500  11.314  10.975  1.00 30.64  ? 206 LEU A O   1 
ATOM   1326 C  CB  . LEU A 1 167 ? -8.053  8.636   12.713  1.00 36.29  ? 206 LEU A CB  1 
ATOM   1327 C  CG  . LEU A 1 167 ? -7.378  8.410   14.061  1.00 43.07  ? 206 LEU A CG  1 
ATOM   1328 C  CD1 . LEU A 1 167 ? -6.222  7.422   13.887  1.00 42.53  ? 206 LEU A CD1 1 
ATOM   1329 C  CD2 . LEU A 1 167 ? -6.878  9.694   14.719  1.00 43.54  ? 206 LEU A CD2 1 
ATOM   1330 N  N   . LYS A 1 168 ? -9.058  9.918   10.033  1.00 28.43  ? 207 LYS A N   1 
ATOM   1331 C  CA  . LYS A 1 168 ? -8.847  10.308  8.616   1.00 29.98  ? 207 LYS A CA  1 
ATOM   1332 C  C   . LYS A 1 168 ? -9.035  11.827  8.479   1.00 35.71  ? 207 LYS A C   1 
ATOM   1333 O  O   . LYS A 1 168 ? -8.188  12.514  7.845   1.00 36.27  ? 207 LYS A O   1 
ATOM   1334 C  CB  . LYS A 1 168 ? -9.831  9.603   7.675   1.00 31.89  ? 207 LYS A CB  1 
ATOM   1335 C  CG  . LYS A 1 168 ? -9.713  8.084   7.588   1.00 35.48  ? 207 LYS A CG  1 
ATOM   1336 C  CD  . LYS A 1 168 ? -8.745  7.577   6.552   1.00 35.45  ? 207 LYS A CD  1 
ATOM   1337 C  CE  . LYS A 1 168 ? -8.562  6.073   6.640   1.00 35.10  ? 207 LYS A CE  1 
ATOM   1338 N  NZ  . LYS A 1 168 ? -8.102  5.520   5.357   1.00 37.29  ? 207 LYS A NZ  1 
ATOM   1339 N  N   . ILE A 1 169 ? -10.128 12.345  9.035   1.00 34.22  ? 208 ILE A N   1 
ATOM   1340 C  CA  . ILE A 1 169 ? -10.454 13.796  8.921   1.00 31.27  ? 208 ILE A CA  1 
ATOM   1341 C  C   . ILE A 1 169 ? -9.447  14.560  9.791   1.00 31.65  ? 208 ILE A C   1 
ATOM   1342 O  O   . ILE A 1 169 ? -8.834  15.530  9.301   1.00 32.04  ? 208 ILE A O   1 
ATOM   1343 C  CB  . ILE A 1 169 ? -11.937 14.017  9.292   1.00 31.24  ? 208 ILE A CB  1 
ATOM   1344 C  CG1 . ILE A 1 169 ? -12.845 13.398  8.231   1.00 30.36  ? 208 ILE A CG1 1 
ATOM   1345 C  CG2 . ILE A 1 169 ? -12.234 15.498  9.504   1.00 33.29  ? 208 ILE A CG2 1 
ATOM   1346 C  CD1 . ILE A 1 169 ? -14.233 13.127  8.694   1.00 33.33  ? 208 ILE A CD1 1 
ATOM   1347 N  N   . LYS A 1 170 ? -9.214  14.116  11.022  1.00 32.37  ? 209 LYS A N   1 
ATOM   1348 C  CA  . LYS A 1 170 ? -8.346  14.877  11.968  1.00 34.43  ? 209 LYS A CA  1 
ATOM   1349 C  C   . LYS A 1 170 ? -6.998  15.145  11.297  1.00 33.31  ? 209 LYS A C   1 
ATOM   1350 O  O   . LYS A 1 170 ? -6.477  16.277  11.447  1.00 35.00  ? 209 LYS A O   1 
ATOM   1351 C  CB  . LYS A 1 170 ? -8.179  14.159  13.311  1.00 34.81  ? 209 LYS A CB  1 
ATOM   1352 C  CG  . LYS A 1 170 ? -7.518  14.975  14.419  1.00 38.61  ? 209 LYS A CG  1 
ATOM   1353 C  CD  . LYS A 1 170 ? -7.629  14.318  15.811  1.00 40.40  ? 209 LYS A CD  1 
ATOM   1354 C  CE  . LYS A 1 170 ? -7.176  15.192  16.967  1.00 44.57  ? 209 LYS A CE  1 
ATOM   1355 N  NZ  . LYS A 1 170 ? -5.696  15.242  17.081  1.00 45.16  ? 209 LYS A NZ  1 
ATOM   1356 N  N   . TYR A 1 171 ? -6.450  14.168  10.573  1.00 34.31  ? 210 TYR A N   1 
ATOM   1357 C  CA  . TYR A 1 171 ? -5.042  14.223  10.102  1.00 35.88  ? 210 TYR A CA  1 
ATOM   1358 C  C   . TYR A 1 171 ? -4.965  14.543  8.612   1.00 37.58  ? 210 TYR A C   1 
ATOM   1359 O  O   . TYR A 1 171 ? -3.827  14.707  8.146   1.00 36.11  ? 210 TYR A O   1 
ATOM   1360 C  CB  . TYR A 1 171 ? -4.275  12.981  10.578  1.00 36.35  ? 210 TYR A CB  1 
ATOM   1361 C  CG  . TYR A 1 171 ? -4.038  13.050  12.067  1.00 36.23  ? 210 TYR A CG  1 
ATOM   1362 C  CD1 . TYR A 1 171 ? -3.166  13.992  12.590  1.00 40.56  ? 210 TYR A CD1 1 
ATOM   1363 C  CD2 . TYR A 1 171 ? -4.769  12.283  12.963  1.00 36.45  ? 210 TYR A CD2 1 
ATOM   1364 C  CE1 . TYR A 1 171 ? -2.969  14.117  13.956  1.00 40.81  ? 210 TYR A CE1 1 
ATOM   1365 C  CE2 . TYR A 1 171 ? -4.602  12.404  14.335  1.00 38.02  ? 210 TYR A CE2 1 
ATOM   1366 C  CZ  . TYR A 1 171 ? -3.691  13.324  14.832  1.00 42.28  ? 210 TYR A CZ  1 
ATOM   1367 O  OH  . TYR A 1 171 ? -3.501  13.480  16.176  1.00 44.97  ? 210 TYR A OH  1 
ATOM   1368 N  N   . ASN A 1 172 ? -6.081  14.710  7.893   1.00 37.51  ? 211 ASN A N   1 
ATOM   1369 C  CA  . ASN A 1 172 ? -5.987  15.025  6.444   1.00 41.57  ? 211 ASN A CA  1 
ATOM   1370 C  C   . ASN A 1 172 ? -5.844  16.545  6.296   1.00 52.63  ? 211 ASN A C   1 
ATOM   1371 O  O   . ASN A 1 172 ? -5.980  17.283  7.276   1.00 50.22  ? 211 ASN A O   1 
ATOM   1372 C  CB  . ASN A 1 172 ? -7.076  14.337  5.613   1.00 44.41  ? 211 ASN A CB  1 
ATOM   1373 C  CG  . ASN A 1 172 ? -8.470  14.934  5.691   1.00 47.91  ? 211 ASN A CG  1 
ATOM   1374 O  OD1 . ASN A 1 172 ? -9.419  14.311  5.202   1.00 47.24  ? 211 ASN A OD1 1 
ATOM   1375 N  ND2 . ASN A 1 172 ? -8.615  16.112  6.283   1.00 42.47  ? 211 ASN A ND2 1 
HETATM 1376 CD CD  . CD  B 2 .   ? 4.789   -9.594  4.247   0.50 25.19  ? 301 CD  A CD  1 
HETATM 1377 CD CD  . CD  C 2 .   ? 2.917   -9.207  7.348   1.00 26.17  ? 302 CD  A CD  1 
HETATM 1378 CD CD  . CD  D 2 .   ? -4.609  -4.414  -13.444 1.00 69.49  ? 303 CD  A CD  1 
HETATM 1379 CD CD  . CD  E 2 .   ? -7.627  -19.328 7.341   1.00 35.46  ? 304 CD  A CD  1 
HETATM 1380 CD CD  . CD  F 2 .   ? -1.739  -6.794  -13.833 1.00 65.95  ? 305 CD  A CD  1 
HETATM 1381 N  N1  . NWP G 3 .   ? 14.360  -6.902  -14.804 0.52 81.37  ? 306 NWP A N1  1 
HETATM 1382 C  C4  . NWP G 3 .   ? 13.025  -7.467  -14.487 0.52 81.95  ? 306 NWP A C4  1 
HETATM 1383 C  C5  . NWP G 3 .   ? 13.061  -8.134  -13.088 0.52 81.95  ? 306 NWP A C5  1 
HETATM 1384 C  C6  . NWP G 3 .   ? 14.992  -6.990  -12.420 0.52 80.10  ? 306 NWP A C6  1 
HETATM 1385 C  C7  . NWP G 3 .   ? 15.234  -5.531  -12.202 0.52 79.04  ? 306 NWP A C7  1 
HETATM 1386 C  C8  . NWP G 3 .   ? 15.391  -7.375  -13.854 0.52 80.57  ? 306 NWP A C8  1 
HETATM 1387 N  N   . NWP G 3 .   ? 13.418  -4.911  -16.234 0.52 79.95  ? 306 NWP A N   1 
HETATM 1388 C  C   . NWP G 3 .   ? 12.525  -3.312  -17.981 0.52 74.71  ? 306 NWP A C   1 
HETATM 1389 O  O   . NWP G 3 .   ? 14.880  -6.693  -17.235 0.52 81.99  ? 306 NWP A O   1 
HETATM 1390 C  C1  . NWP G 3 .   ? 12.676  -4.781  -17.528 0.52 76.18  ? 306 NWP A C1  1 
HETATM 1391 C  C2  . NWP G 3 .   ? 11.309  -5.487  -17.433 0.52 74.89  ? 306 NWP A C2  1 
HETATM 1392 C  C3  . NWP G 3 .   ? 12.980  -4.045  -15.096 0.52 79.51  ? 306 NWP A C3  1 
HETATM 1393 O  O1  . NWP G 3 .   ? 15.845  -5.090  -15.655 0.52 81.88  ? 306 NWP A O1  1 
HETATM 1394 O  O2  . NWP G 3 .   ? 13.665  -7.298  -12.156 0.52 81.80  ? 306 NWP A O2  1 
HETATM 1395 S  S   . NWP G 3 .   ? 14.744  -5.895  -16.066 0.52 82.79  ? 306 NWP A S   1 
HETATM 1396 O  O   . HOH H 4 .   ? 21.568  -0.825  -5.731  1.00 38.64  ? 401 HOH A O   1 
HETATM 1397 O  O   . HOH H 4 .   ? -10.790 8.254   16.107  1.00 39.76  ? 402 HOH A O   1 
HETATM 1398 O  O   . HOH H 4 .   ? 0.045   7.654   -10.914 1.00 34.96  ? 403 HOH A O   1 
HETATM 1399 O  O   . HOH H 4 .   ? 17.835  8.957   1.711   1.00 45.08  ? 404 HOH A O   1 
HETATM 1400 O  O   . HOH H 4 .   ? 4.135   6.944   5.257   1.00 35.22  ? 405 HOH A O   1 
HETATM 1401 O  O   . HOH H 4 .   ? 2.281   9.263   5.126   1.00 43.02  ? 406 HOH A O   1 
HETATM 1402 O  O   . HOH H 4 .   ? -3.556  3.906   -9.589  1.00 37.12  ? 407 HOH A O   1 
HETATM 1403 O  O   . HOH H 4 .   ? 11.649  8.808   -15.347 0.50 52.17  ? 408 HOH A O   1 
HETATM 1404 O  O   . HOH H 4 .   ? -1.835  15.266  17.077  1.00 44.52  ? 409 HOH A O   1 
HETATM 1405 O  O   . HOH H 4 .   ? 16.843  12.183  -12.165 1.00 45.09  ? 410 HOH A O   1 
HETATM 1406 O  O   . HOH H 4 .   ? 8.547   7.030   10.560  1.00 47.51  ? 411 HOH A O   1 
HETATM 1407 O  O   . HOH H 4 .   ? -8.606  -10.801 3.604   1.00 30.01  ? 412 HOH A O   1 
HETATM 1408 O  O   . HOH H 4 .   ? 12.377  -8.161  2.305   1.00 41.89  ? 413 HOH A O   1 
HETATM 1409 O  O   . HOH H 4 .   ? -14.689 -6.206  -3.968  1.00 51.31  ? 414 HOH A O   1 
HETATM 1410 O  O   . HOH H 4 .   ? -4.500  -11.338 8.693   1.00 24.95  ? 415 HOH A O   1 
HETATM 1411 O  O   . HOH H 4 .   ? 15.481  14.066  -9.961  1.00 38.11  ? 416 HOH A O   1 
HETATM 1412 O  O   . HOH H 4 .   ? 14.137  8.082   0.250   1.00 39.21  ? 417 HOH A O   1 
HETATM 1413 O  O   . HOH H 4 .   ? -8.225  4.442   -0.796  1.00 36.51  ? 418 HOH A O   1 
HETATM 1414 O  O   . HOH H 4 .   ? 14.235  -9.552  -3.429  1.00 37.77  ? 419 HOH A O   1 
HETATM 1415 O  O   . HOH H 4 .   ? -2.837  7.305   -2.925  1.00 29.64  ? 420 HOH A O   1 
HETATM 1416 O  O   . HOH H 4 .   ? -11.910 -0.261  11.785  1.00 29.28  ? 421 HOH A O   1 
HETATM 1417 O  O   . HOH H 4 .   ? 8.662   -5.518  7.160   1.00 47.55  ? 422 HOH A O   1 
HETATM 1418 O  O   . HOH H 4 .   ? 2.609   -2.964  13.207  1.00 46.46  ? 423 HOH A O   1 
HETATM 1419 O  O   . HOH H 4 .   ? -5.073  -5.487  -8.826  1.00 40.99  ? 424 HOH A O   1 
HETATM 1420 O  O   . HOH H 4 .   ? 12.261  10.806  -3.879  1.00 38.63  ? 425 HOH A O   1 
HETATM 1421 O  O   . HOH H 4 .   ? -18.018 3.155   -7.154  1.00 56.22  ? 426 HOH A O   1 
HETATM 1422 O  O   . HOH H 4 .   ? -2.587  0.744   9.032   1.00 25.76  ? 427 HOH A O   1 
HETATM 1423 O  O   . HOH H 4 .   ? -4.931  -2.143  10.183  1.00 33.84  ? 428 HOH A O   1 
HETATM 1424 O  O   . HOH H 4 .   ? 9.090   9.114   -15.245 1.00 42.38  ? 429 HOH A O   1 
HETATM 1425 O  O   . HOH H 4 .   ? 9.813   10.147  -5.303  1.00 37.83  ? 430 HOH A O   1 
HETATM 1426 O  O   . HOH H 4 .   ? 6.075   12.816  -7.967  1.00 40.32  ? 431 HOH A O   1 
HETATM 1427 O  O   . HOH H 4 .   ? 13.978  -8.374  -0.982  1.00 31.43  ? 432 HOH A O   1 
HETATM 1428 O  O   . HOH H 4 .   ? -18.277 2.915   14.534  1.00 42.95  ? 433 HOH A O   1 
HETATM 1429 O  O   . HOH H 4 .   ? -12.385 -4.558  15.228  1.00 41.38  ? 434 HOH A O   1 
HETATM 1430 O  O   . HOH H 4 .   ? -6.192  18.376  13.338  1.00 34.99  ? 435 HOH A O   1 
HETATM 1431 O  O   . HOH H 4 .   ? 1.912   -8.305  -7.414  1.00 39.97  ? 436 HOH A O   1 
HETATM 1432 O  O   . HOH H 4 .   ? 17.002  -3.682  -5.728  1.00 44.75  ? 437 HOH A O   1 
HETATM 1433 O  O   . HOH H 4 .   ? -0.173  5.411   -0.765  1.00 31.13  ? 438 HOH A O   1 
HETATM 1434 O  O   . HOH H 4 .   ? -17.365 6.251   4.330   1.00 42.12  ? 439 HOH A O   1 
HETATM 1435 O  O   . HOH H 4 .   ? 7.661   11.041  -4.012  1.00 32.49  ? 440 HOH A O   1 
HETATM 1436 O  O   . HOH H 4 .   ? 2.059   7.968   -6.467  1.00 26.33  ? 441 HOH A O   1 
HETATM 1437 O  O   . HOH H 4 .   ? -18.212 5.778   0.829   1.00 48.73  ? 442 HOH A O   1 
HETATM 1438 O  O   . HOH H 4 .   ? -9.193  9.944   -4.952  1.00 40.66  ? 443 HOH A O   1 
HETATM 1439 O  O   . HOH H 4 .   ? 6.187   -10.655 0.446   1.00 23.71  ? 444 HOH A O   1 
HETATM 1440 O  O   . HOH H 4 .   ? -3.555  -1.968  -12.739 1.00 48.82  ? 445 HOH A O   1 
HETATM 1441 O  O   . HOH H 4 .   ? -5.414  -17.099 5.670   1.00 36.23  ? 446 HOH A O   1 
HETATM 1442 O  O   . HOH H 4 .   ? 15.450  -2.431  5.067   1.00 43.38  ? 447 HOH A O   1 
HETATM 1443 O  O   . HOH H 4 .   ? -16.883 2.432   16.959  1.00 60.58  ? 448 HOH A O   1 
HETATM 1444 O  O   . HOH H 4 .   ? -13.993 -16.042 4.982   1.00 37.17  ? 449 HOH A O   1 
HETATM 1445 O  O   . HOH H 4 .   ? 6.842   8.487   13.473  1.00 45.71  ? 450 HOH A O   1 
HETATM 1446 O  O   . HOH H 4 .   ? -17.735 -2.545  2.181   1.00 43.82  ? 451 HOH A O   1 
HETATM 1447 O  O   . HOH H 4 .   ? 0.278   -5.477  -12.944 1.00 31.59  ? 452 HOH A O   1 
HETATM 1448 O  O   . HOH H 4 .   ? -0.212  11.004  4.539   1.00 34.52  ? 453 HOH A O   1 
HETATM 1449 O  O   . HOH H 4 .   ? -3.755  14.085  -9.940  1.00 41.79  ? 454 HOH A O   1 
HETATM 1450 O  O   . HOH H 4 .   ? 3.498   10.364  -6.691  1.00 36.30  ? 455 HOH A O   1 
HETATM 1451 O  O   . HOH H 4 .   ? 9.576   -7.473  4.300   1.00 17.55  ? 456 HOH A O   1 
HETATM 1452 O  O   . HOH H 4 .   ? -13.404 10.065  6.778   1.00 56.43  ? 457 HOH A O   1 
HETATM 1453 O  O   . HOH H 4 .   ? -5.855  -3.800  -11.497 1.00 38.78  ? 458 HOH A O   1 
HETATM 1454 O  O   . HOH H 4 .   ? 5.602   11.740  -5.709  1.00 35.80  ? 459 HOH A O   1 
HETATM 1455 O  O   . HOH H 4 .   ? -6.111  -17.838 8.279   1.00 23.67  ? 460 HOH A O   1 
HETATM 1456 O  O   . HOH H 4 .   ? 1.018   -10.600 7.437   1.00 18.80  ? 461 HOH A O   1 
HETATM 1457 O  O   . HOH H 4 .   ? 3.778   -10.030 2.104   0.50 20.31  ? 462 HOH A O   1 
HETATM 1458 O  O   . HOH H 4 .   ? -6.760  -20.201 5.511   1.00 27.10  ? 463 HOH A O   1 
HETATM 1459 O  O   . HOH H 4 .   ? -8.638  -20.996 8.845   1.00 20.66  ? 464 HOH A O   1 
HETATM 1460 O  O   . HOH H 4 .   ? 18.847  12.339  -9.867  1.00 47.99  ? 465 HOH A O   1 
HETATM 1461 O  O   . HOH H 4 .   ? -9.767  11.199  16.115  1.00 42.49  ? 466 HOH A O   1 
HETATM 1462 O  O   . HOH H 4 .   ? -10.608 17.398  12.725  1.00 33.51  ? 467 HOH A O   1 
HETATM 1463 O  O   . HOH H 4 .   ? -12.572 7.873   20.364  1.00 37.63  ? 468 HOH A O   1 
HETATM 1464 O  O   . HOH H 4 .   ? 0.398   10.369  -11.633 1.00 35.29  ? 469 HOH A O   1 
HETATM 1465 O  O   . HOH H 4 .   ? 9.876   -2.267  -14.811 1.00 45.40  ? 470 HOH A O   1 
HETATM 1466 O  O   . HOH H 4 .   ? 19.707  -3.237  -5.947  1.00 32.92  ? 471 HOH A O   1 
HETATM 1467 O  O   . HOH H 4 .   ? -15.739 10.400  5.645   1.00 49.21  ? 472 HOH A O   1 
HETATM 1468 O  O   . HOH H 4 .   ? -2.843  -4.805  -15.627 1.00 41.83  ? 473 HOH A O   1 
HETATM 1469 O  O   . HOH H 4 .   ? -3.600  -8.242  -14.924 1.00 48.44  ? 474 HOH A O   1 
# 
